data_2GUM
#
_entry.id   2GUM
#
_cell.length_a   84.959
_cell.length_b   100.039
_cell.length_c   100.133
_cell.angle_alpha   67.04
_cell.angle_beta   77.99
_cell.angle_gamma   70.31
#
_symmetry.space_group_name_H-M   'P 1'
#
loop_
_entity.id
_entity.type
_entity.pdbx_description
1 polymer 'Glycoprotein B'
2 non-polymer 'SODIUM ION'
3 water water
#
_entity_poly.entity_id   1
_entity_poly.type   'polypeptide(L)'
_entity_poly.pdbx_seq_one_letter_code
;DIKAENTDANFYVCPPPTGATVVQFEQPRRCPTRPEGQNYTEGIAVVFKENIAPYKFKATMYYKDVTVSQVWFGHRYSQF
MGIFEDRAPVPFEEVIDKINAKGVCRSTAKYVRNNLETTAFHRDDHETDMELKPANAATRTSRGWHTTDLKYNPSRVEAF
HRYGTTVNCIVEEVDARSVYPYDEFVLATGDFVYMSPFYGYREGSHTEHTTYAADRFKQVDGFYARDLTTKARATAPTTR
NLLTTPKFTVAWDWVPKRPSVCTMTKWQEVDEMLRSEYGGSFRFSSDAISTTFTTNLTEYPLSRVDLGDCIGKDARDAMD
RIFARRYNATHIKVGQPQYYQANGGFLIAYQPLLSNTLAELYVREHLREQSRKPPNPTPPPPGASANASVERIKTTSSIE
FARLQFTYNHIQRHVNDMLGRVAIAWCELQNHELTLWNEARKLNPNAIASVTVGRRVSARMLGDVMAVSTCVPVAADNVI
VQNSMRISSRPGACYSRPLVSFRYEDQGPLVEGQLGENNELRLTRDAIEPCTVGHRRYFTFGGGYVYFEEYAYSHQLSRA
DITTVSTFIDLNITMLEDHEFVPLEVYTRHEIKDSGLLDYTEVQRRNQLHDLRFADIDTVIHADANAA
;
_entity_poly.pdbx_strand_id   A,B,C
#
loop_
_chem_comp.id
_chem_comp.type
_chem_comp.name
_chem_comp.formula
NA non-polymer 'SODIUM ION' 'Na 1'
#
# COMPACT_ATOMS: atom_id res chain seq x y z
N ALA A 9 3.27 40.82 -39.86
CA ALA A 9 3.19 42.23 -40.33
C ALA A 9 4.41 42.58 -41.18
N ASN A 10 4.70 41.69 -42.12
CA ASN A 10 5.83 41.85 -43.02
C ASN A 10 5.25 41.59 -44.41
N PHE A 11 5.72 42.30 -45.43
CA PHE A 11 5.21 42.11 -46.78
C PHE A 11 6.09 41.19 -47.61
N TYR A 12 5.54 40.60 -48.65
CA TYR A 12 6.30 39.67 -49.47
C TYR A 12 5.94 39.81 -50.93
N VAL A 13 6.94 39.59 -51.75
CA VAL A 13 6.83 39.60 -53.17
C VAL A 13 7.16 38.19 -53.57
N CYS A 14 6.26 37.54 -54.28
CA CYS A 14 6.50 36.15 -54.68
C CYS A 14 6.63 35.97 -56.21
N PRO A 15 7.85 35.86 -56.69
CA PRO A 15 8.10 35.67 -58.13
C PRO A 15 7.49 34.41 -58.66
N PRO A 16 7.15 34.38 -59.96
CA PRO A 16 6.56 33.18 -60.54
C PRO A 16 7.44 31.96 -60.29
N PRO A 17 6.87 30.87 -59.77
CA PRO A 17 7.68 29.69 -59.52
C PRO A 17 8.14 29.07 -60.83
N THR A 18 9.35 28.51 -60.81
CA THR A 18 9.90 27.87 -61.99
C THR A 18 10.07 26.41 -61.63
N GLY A 19 10.20 25.54 -62.63
CA GLY A 19 10.38 24.12 -62.36
C GLY A 19 11.51 23.88 -61.38
N ALA A 20 12.23 24.94 -61.03
CA ALA A 20 13.36 24.89 -60.10
C ALA A 20 13.11 23.95 -58.93
N THR A 21 12.08 24.24 -58.14
CA THR A 21 11.76 23.41 -56.98
C THR A 21 10.32 22.89 -57.08
N VAL A 22 10.17 21.58 -56.92
CA VAL A 22 8.88 20.91 -57.01
C VAL A 22 8.61 20.05 -55.77
N VAL A 23 7.42 20.20 -55.18
CA VAL A 23 7.05 19.42 -54.00
C VAL A 23 5.78 18.61 -54.20
N GLN A 24 5.63 17.59 -53.38
CA GLN A 24 4.45 16.75 -53.44
C GLN A 24 4.01 16.58 -51.98
N PHE A 25 2.77 16.15 -51.77
CA PHE A 25 2.26 15.93 -50.41
C PHE A 25 2.52 14.51 -49.98
N GLU A 26 2.80 14.31 -48.70
CA GLU A 26 3.02 12.97 -48.19
C GLU A 26 1.70 12.22 -48.32
N GLN A 27 1.76 10.94 -48.70
CA GLN A 27 0.53 10.17 -48.83
C GLN A 27 0.07 9.54 -47.51
N PRO A 28 -1.14 8.98 -47.47
CA PRO A 28 -1.66 8.36 -46.24
C PRO A 28 -0.74 7.39 -45.55
N ARG A 29 -0.53 7.60 -44.25
CA ARG A 29 0.31 6.72 -43.45
C ARG A 29 -0.49 5.48 -43.05
N ARG A 30 0.22 4.39 -42.77
CA ARG A 30 -0.45 3.17 -42.34
C ARG A 30 -0.81 3.43 -40.88
N CYS A 31 -2.09 3.40 -40.56
CA CYS A 31 -2.50 3.64 -39.17
C CYS A 31 -2.33 2.43 -38.29
N PRO A 32 -1.95 2.64 -37.03
CA PRO A 32 -1.74 1.56 -36.06
C PRO A 32 -3.01 0.72 -35.97
N THR A 33 -2.89 -0.46 -35.38
CA THR A 33 -4.06 -1.32 -35.24
C THR A 33 -4.23 -1.63 -33.76
N ARG A 34 -5.44 -1.91 -33.33
CA ARG A 34 -5.68 -2.21 -31.93
C ARG A 34 -5.09 -3.58 -31.55
N PRO A 35 -4.34 -3.65 -30.44
CA PRO A 35 -3.74 -4.93 -30.01
C PRO A 35 -4.80 -6.02 -29.89
N GLU A 36 -4.37 -7.27 -30.01
CA GLU A 36 -5.29 -8.40 -29.93
C GLU A 36 -6.27 -8.33 -28.76
N GLY A 37 -5.75 -8.22 -27.55
CA GLY A 37 -6.61 -8.17 -26.38
C GLY A 37 -6.37 -9.41 -25.54
N GLN A 38 -6.15 -9.23 -24.24
CA GLN A 38 -5.85 -10.36 -23.36
C GLN A 38 -6.99 -11.36 -23.19
N ASN A 39 -6.65 -12.64 -23.20
CA ASN A 39 -7.63 -13.71 -23.03
C ASN A 39 -7.69 -14.16 -21.57
N TYR A 40 -8.86 -14.00 -20.95
CA TYR A 40 -9.04 -14.37 -19.55
C TYR A 40 -9.88 -15.63 -19.38
N THR A 41 -9.53 -16.40 -18.36
CA THR A 41 -10.25 -17.63 -18.04
C THR A 41 -10.92 -17.45 -16.68
N GLU A 42 -12.23 -17.68 -16.65
CA GLU A 42 -12.97 -17.56 -15.40
C GLU A 42 -12.61 -18.78 -14.55
N GLY A 43 -12.76 -18.65 -13.24
CA GLY A 43 -12.43 -19.75 -12.37
C GLY A 43 -12.67 -19.41 -10.93
N ILE A 44 -12.62 -20.43 -10.09
CA ILE A 44 -12.81 -20.27 -8.66
C ILE A 44 -11.45 -20.53 -8.04
N ALA A 45 -11.14 -19.81 -6.98
CA ALA A 45 -9.85 -20.00 -6.35
C ALA A 45 -9.88 -19.89 -4.85
N VAL A 46 -8.96 -20.61 -4.25
CA VAL A 46 -8.77 -20.58 -2.84
C VAL A 46 -7.31 -20.24 -2.61
N VAL A 47 -7.01 -19.29 -1.74
CA VAL A 47 -5.63 -18.89 -1.51
C VAL A 47 -5.15 -19.31 -0.14
N PHE A 48 -4.04 -20.04 -0.09
CA PHE A 48 -3.52 -20.47 1.20
C PHE A 48 -2.29 -19.66 1.57
N LYS A 49 -2.04 -19.56 2.87
CA LYS A 49 -0.91 -18.80 3.38
C LYS A 49 -0.18 -19.66 4.40
N GLU A 50 1.07 -19.30 4.69
CA GLU A 50 1.87 -20.02 5.67
C GLU A 50 1.07 -20.04 6.96
N ASN A 51 1.00 -21.20 7.61
CA ASN A 51 0.27 -21.28 8.86
C ASN A 51 1.20 -20.86 10.00
N ILE A 52 0.75 -19.93 10.83
CA ILE A 52 1.57 -19.45 11.95
C ILE A 52 0.86 -19.70 13.26
N ALA A 53 -0.28 -20.38 13.18
CA ALA A 53 -1.05 -20.70 14.39
C ALA A 53 -0.52 -22.00 14.98
N PRO A 54 -0.39 -22.04 16.31
CA PRO A 54 0.10 -23.23 17.00
C PRO A 54 -0.93 -24.36 16.95
N TYR A 55 -0.46 -25.60 16.97
CA TYR A 55 -1.39 -26.73 16.99
C TYR A 55 -2.02 -26.72 18.38
N LYS A 56 -3.35 -26.73 18.44
CA LYS A 56 -4.04 -26.70 19.72
C LYS A 56 -4.94 -27.90 19.99
N PHE A 57 -4.90 -28.38 21.23
CA PHE A 57 -5.69 -29.54 21.63
C PHE A 57 -5.88 -29.51 23.14
N LYS A 58 -6.91 -30.19 23.60
CA LYS A 58 -7.21 -30.22 25.03
C LYS A 58 -6.48 -31.35 25.75
N ALA A 59 -6.19 -31.12 27.01
CA ALA A 59 -5.47 -32.10 27.81
C ALA A 59 -5.86 -31.96 29.28
N THR A 60 -5.62 -33.01 30.05
CA THR A 60 -5.92 -32.98 31.47
C THR A 60 -4.65 -33.17 32.27
N MET A 61 -4.53 -32.40 33.35
CA MET A 61 -3.37 -32.47 34.22
C MET A 61 -3.78 -33.09 35.55
N TYR A 62 -2.99 -34.07 35.99
CA TYR A 62 -3.26 -34.74 37.25
C TYR A 62 -2.00 -34.63 38.12
N TYR A 63 -2.13 -33.95 39.26
CA TYR A 63 -0.97 -33.80 40.14
C TYR A 63 -1.42 -33.34 41.53
N LYS A 64 -0.55 -33.49 42.51
CA LYS A 64 -0.92 -33.10 43.88
C LYS A 64 0.01 -32.03 44.46
N ASP A 65 -0.60 -31.05 45.12
CA ASP A 65 0.17 -29.99 45.75
C ASP A 65 0.65 -30.45 47.13
N VAL A 66 1.92 -30.82 47.21
CA VAL A 66 2.49 -31.29 48.47
C VAL A 66 3.15 -30.18 49.27
N THR A 67 2.57 -29.83 50.40
CA THR A 67 3.13 -28.78 51.24
C THR A 67 3.49 -29.28 52.63
N VAL A 68 4.68 -28.93 53.10
CA VAL A 68 5.10 -29.32 54.43
C VAL A 68 5.70 -28.10 55.11
N SER A 69 4.97 -27.52 56.06
CA SER A 69 5.42 -26.33 56.76
C SER A 69 6.18 -26.65 58.05
N GLN A 70 6.93 -25.66 58.54
CA GLN A 70 7.68 -25.80 59.77
C GLN A 70 7.35 -24.57 60.57
N VAL A 71 6.88 -24.78 61.79
CA VAL A 71 6.50 -23.66 62.65
C VAL A 71 7.13 -23.72 64.01
N TRP A 72 7.60 -22.59 64.49
CA TRP A 72 8.18 -22.52 65.82
C TRP A 72 7.21 -21.70 66.65
N PHE A 73 6.65 -22.31 67.67
CA PHE A 73 5.70 -21.62 68.52
C PHE A 73 6.38 -20.85 69.63
N GLY A 74 6.15 -19.54 69.64
CA GLY A 74 6.73 -18.69 70.66
C GLY A 74 5.71 -18.50 71.75
N HIS A 75 6.07 -17.77 72.79
CA HIS A 75 5.15 -17.52 73.89
C HIS A 75 3.95 -16.72 73.42
N ARG A 76 4.19 -15.47 73.04
CA ARG A 76 3.13 -14.57 72.59
C ARG A 76 2.87 -14.59 71.09
N TYR A 77 3.35 -15.61 70.39
CA TYR A 77 3.15 -15.68 68.94
C TYR A 77 3.61 -16.99 68.33
N SER A 78 3.49 -17.09 67.02
CA SER A 78 3.91 -18.26 66.27
C SER A 78 4.54 -17.75 64.98
N GLN A 79 5.58 -18.41 64.49
CA GLN A 79 6.23 -17.97 63.25
C GLN A 79 6.72 -19.10 62.35
N PHE A 80 6.49 -18.93 61.05
CA PHE A 80 6.92 -19.92 60.06
C PHE A 80 8.44 -19.84 59.94
N MET A 81 9.09 -21.00 59.89
CA MET A 81 10.53 -21.05 59.76
C MET A 81 10.84 -21.50 58.34
N GLY A 82 9.83 -22.04 57.67
CA GLY A 82 10.00 -22.50 56.31
C GLY A 82 8.72 -23.11 55.79
N ILE A 83 8.56 -23.16 54.48
CA ILE A 83 7.35 -23.73 53.90
C ILE A 83 7.68 -24.46 52.60
N PHE A 84 8.07 -25.73 52.71
CA PHE A 84 8.40 -26.50 51.52
C PHE A 84 7.13 -26.70 50.69
N GLU A 85 7.21 -26.40 49.40
CA GLU A 85 6.08 -26.56 48.50
C GLU A 85 6.52 -27.29 47.25
N ASP A 86 5.81 -28.34 46.89
CA ASP A 86 6.18 -29.10 45.71
C ASP A 86 4.96 -29.57 44.94
N ARG A 87 5.18 -30.18 43.79
CA ARG A 87 4.12 -30.69 42.94
C ARG A 87 4.46 -32.13 42.60
N ALA A 88 3.58 -33.04 42.96
CA ALA A 88 3.80 -34.45 42.70
C ALA A 88 2.85 -34.96 41.65
N PRO A 89 3.37 -35.76 40.70
CA PRO A 89 2.53 -36.32 39.64
C PRO A 89 1.61 -37.43 40.19
N VAL A 90 0.50 -37.69 39.53
CA VAL A 90 -0.41 -38.74 39.98
C VAL A 90 -0.20 -39.98 39.12
N PRO A 91 0.19 -41.11 39.73
CA PRO A 91 0.44 -42.38 39.05
C PRO A 91 -0.67 -42.84 38.10
N PHE A 92 -0.26 -43.43 36.98
CA PHE A 92 -1.19 -43.95 35.98
C PHE A 92 -2.36 -44.64 36.66
N GLU A 93 -2.05 -45.75 37.31
CA GLU A 93 -3.02 -46.57 38.01
C GLU A 93 -4.04 -45.78 38.84
N GLU A 94 -3.60 -44.72 39.50
CA GLU A 94 -4.49 -43.93 40.34
C GLU A 94 -5.43 -43.02 39.56
N VAL A 95 -5.03 -42.68 38.34
CA VAL A 95 -5.86 -41.84 37.47
C VAL A 95 -6.91 -42.76 36.88
N ILE A 96 -6.43 -43.93 36.46
CA ILE A 96 -7.29 -44.95 35.87
C ILE A 96 -8.32 -45.47 36.86
N ASP A 97 -7.84 -46.20 37.86
CA ASP A 97 -8.70 -46.82 38.88
C ASP A 97 -9.40 -45.89 39.88
N LYS A 98 -8.72 -44.84 40.31
CA LYS A 98 -9.31 -43.93 41.29
C LYS A 98 -9.98 -42.66 40.79
N ILE A 99 -9.27 -41.90 39.96
CA ILE A 99 -9.82 -40.66 39.46
C ILE A 99 -10.82 -40.88 38.34
N ASN A 100 -10.38 -41.56 37.28
CA ASN A 100 -11.24 -41.83 36.14
C ASN A 100 -12.34 -42.82 36.46
N ALA A 101 -12.07 -43.76 37.35
CA ALA A 101 -13.07 -44.78 37.67
C ALA A 101 -13.97 -44.46 38.86
N LYS A 102 -13.48 -43.66 39.81
CA LYS A 102 -14.28 -43.35 40.99
C LYS A 102 -14.49 -41.86 41.27
N GLY A 103 -13.56 -41.03 40.79
CA GLY A 103 -13.69 -39.60 41.05
C GLY A 103 -13.13 -39.30 42.42
N VAL A 104 -12.12 -40.08 42.80
CA VAL A 104 -11.48 -39.91 44.10
C VAL A 104 -9.96 -40.03 43.96
N CYS A 105 -9.26 -39.62 45.01
CA CYS A 105 -7.81 -39.63 45.00
C CYS A 105 -7.28 -39.84 46.42
N ARG A 106 -6.10 -40.45 46.54
CA ARG A 106 -5.50 -40.71 47.86
C ARG A 106 -5.07 -39.42 48.55
N SER A 107 -5.17 -39.39 49.88
CA SER A 107 -4.79 -38.21 50.64
C SER A 107 -3.29 -38.21 50.93
N THR A 108 -2.56 -39.02 50.18
CA THR A 108 -1.12 -39.14 50.31
C THR A 108 -0.45 -39.07 48.94
N ALA A 109 0.85 -38.81 48.94
CA ALA A 109 1.60 -38.74 47.69
C ALA A 109 2.94 -39.45 47.85
N LYS A 110 3.33 -40.18 46.81
CA LYS A 110 4.56 -40.93 46.80
C LYS A 110 5.14 -40.81 45.39
N TYR A 111 6.32 -40.20 45.29
CA TYR A 111 6.92 -39.98 43.99
C TYR A 111 8.44 -39.86 44.11
N VAL A 112 9.11 -39.77 42.97
CA VAL A 112 10.56 -39.65 42.99
C VAL A 112 10.99 -38.19 42.87
N ARG A 113 11.50 -37.65 43.97
CA ARG A 113 11.97 -36.28 44.04
C ARG A 113 13.44 -36.29 44.44
N ASN A 114 14.29 -35.81 43.53
CA ASN A 114 15.73 -35.75 43.77
C ASN A 114 16.37 -37.10 44.03
N ASN A 115 16.00 -38.07 43.20
CA ASN A 115 16.54 -39.42 43.30
C ASN A 115 16.23 -40.09 44.62
N LEU A 116 15.07 -39.76 45.17
CA LEU A 116 14.62 -40.32 46.44
C LEU A 116 13.12 -40.52 46.37
N GLU A 117 12.62 -41.60 46.96
CA GLU A 117 11.19 -41.86 46.95
C GLU A 117 10.57 -41.29 48.20
N THR A 118 10.10 -40.05 48.13
CA THR A 118 9.49 -39.39 49.27
C THR A 118 8.01 -39.78 49.37
N THR A 119 7.42 -39.58 50.55
CA THR A 119 6.01 -39.92 50.77
C THR A 119 5.37 -38.94 51.76
N ALA A 120 4.22 -38.39 51.43
CA ALA A 120 3.57 -37.44 52.34
C ALA A 120 2.11 -37.78 52.59
N PHE A 121 1.67 -37.57 53.83
CA PHE A 121 0.29 -37.83 54.26
C PHE A 121 -0.39 -36.54 54.61
N HIS A 122 -1.55 -36.29 54.00
CA HIS A 122 -2.28 -35.08 54.31
C HIS A 122 -2.56 -35.08 55.81
N ARG A 123 -2.39 -33.93 56.45
CA ARG A 123 -2.64 -33.81 57.88
C ARG A 123 -1.75 -34.75 58.69
N ASP A 124 -0.94 -35.53 58.00
CA ASP A 124 -0.06 -36.51 58.64
C ASP A 124 -0.87 -37.63 59.31
N ASP A 125 -2.01 -37.97 58.69
CA ASP A 125 -2.88 -39.04 59.18
C ASP A 125 -2.78 -40.24 58.24
N HIS A 126 -3.60 -41.26 58.50
CA HIS A 126 -3.58 -42.46 57.67
C HIS A 126 -4.16 -42.20 56.29
N GLU A 127 -3.67 -42.97 55.32
CA GLU A 127 -4.12 -42.83 53.93
C GLU A 127 -5.62 -43.01 53.78
N THR A 128 -6.25 -42.08 53.09
CA THR A 128 -7.68 -42.09 52.86
C THR A 128 -7.96 -41.65 51.44
N ASP A 129 -9.04 -42.15 50.86
CA ASP A 129 -9.40 -41.72 49.52
C ASP A 129 -10.23 -40.48 49.75
N MET A 130 -10.09 -39.48 48.89
CA MET A 130 -10.84 -38.26 49.10
C MET A 130 -11.71 -37.80 47.93
N GLU A 131 -12.74 -37.07 48.31
CA GLU A 131 -13.73 -36.52 47.40
C GLU A 131 -13.22 -35.29 46.63
N LEU A 132 -13.13 -35.42 45.32
CA LEU A 132 -12.67 -34.32 44.44
C LEU A 132 -13.82 -33.37 44.17
N LYS A 133 -13.81 -32.20 44.80
CA LYS A 133 -14.88 -31.24 44.59
C LYS A 133 -14.40 -30.14 43.65
N PRO A 134 -15.27 -29.64 42.79
CA PRO A 134 -14.90 -28.59 41.83
C PRO A 134 -14.18 -27.41 42.47
N ALA A 135 -13.24 -26.86 41.73
CA ALA A 135 -12.49 -25.70 42.20
C ALA A 135 -13.46 -24.52 42.30
N ASN A 136 -13.03 -23.46 42.97
CA ASN A 136 -13.82 -22.25 43.14
C ASN A 136 -13.88 -21.52 41.82
N ALA A 137 -15.05 -20.95 41.50
CA ALA A 137 -15.26 -20.22 40.25
C ALA A 137 -14.23 -19.13 40.00
N ALA A 138 -13.91 -18.95 38.71
CA ALA A 138 -12.96 -17.93 38.26
C ALA A 138 -13.21 -17.61 36.79
N THR A 139 -13.40 -16.34 36.48
CA THR A 139 -13.65 -15.90 35.11
C THR A 139 -12.54 -16.36 34.16
N ARG A 140 -12.89 -16.50 32.89
CA ARG A 140 -11.95 -16.91 31.85
C ARG A 140 -10.93 -17.95 32.31
N THR A 141 -11.40 -19.06 32.87
CA THR A 141 -10.52 -20.14 33.32
C THR A 141 -11.12 -21.49 33.00
N SER A 142 -10.27 -22.46 32.69
CA SER A 142 -10.74 -23.80 32.38
C SER A 142 -11.28 -24.44 33.66
N ARG A 143 -11.78 -25.67 33.55
CA ARG A 143 -12.32 -26.36 34.72
C ARG A 143 -11.27 -27.03 35.58
N GLY A 144 -11.51 -27.01 36.89
CA GLY A 144 -10.58 -27.62 37.83
C GLY A 144 -11.26 -28.30 39.01
N TRP A 145 -10.60 -29.31 39.56
CA TRP A 145 -11.11 -30.06 40.69
C TRP A 145 -10.00 -30.36 41.68
N HIS A 146 -10.32 -30.36 42.97
CA HIS A 146 -9.33 -30.65 44.01
C HIS A 146 -9.97 -31.37 45.20
N THR A 147 -9.12 -31.80 46.12
CA THR A 147 -9.57 -32.51 47.32
C THR A 147 -9.62 -31.57 48.54
N THR A 148 -8.45 -31.20 49.05
CA THR A 148 -8.38 -30.31 50.22
C THR A 148 -8.69 -28.87 49.87
N ASP A 149 -8.65 -27.99 50.88
CA ASP A 149 -8.91 -26.57 50.67
C ASP A 149 -8.21 -25.77 51.77
N LEU A 150 -7.53 -26.46 52.67
CA LEU A 150 -6.81 -25.81 53.76
C LEU A 150 -5.40 -26.38 53.88
N LYS A 151 -4.56 -25.67 54.62
CA LYS A 151 -3.17 -26.10 54.84
C LYS A 151 -3.03 -26.62 56.26
N TYR A 152 -2.51 -27.84 56.41
CA TYR A 152 -2.35 -28.39 57.76
C TYR A 152 -1.05 -27.93 58.40
N ASN A 153 -1.18 -27.31 59.56
CA ASN A 153 -0.03 -26.83 60.32
C ASN A 153 0.00 -27.49 61.69
N PRO A 154 1.18 -27.96 62.12
CA PRO A 154 1.37 -28.62 63.41
C PRO A 154 0.64 -27.93 64.57
N SER A 155 0.12 -28.72 65.50
CA SER A 155 -0.56 -28.16 66.66
C SER A 155 0.48 -27.49 67.55
N ARG A 156 0.11 -26.37 68.16
CA ARG A 156 1.05 -25.64 69.01
C ARG A 156 1.61 -26.42 70.20
N VAL A 157 2.92 -26.33 70.34
CA VAL A 157 3.68 -26.95 71.43
C VAL A 157 4.78 -25.94 71.74
N GLU A 158 4.39 -24.86 72.41
CA GLU A 158 5.31 -23.78 72.77
C GLU A 158 6.75 -24.23 73.00
N ALA A 159 7.69 -23.42 72.51
CA ALA A 159 9.13 -23.68 72.66
C ALA A 159 9.71 -24.78 71.76
N PHE A 160 8.94 -25.26 70.80
CA PHE A 160 9.42 -26.30 69.89
C PHE A 160 9.09 -26.08 68.42
N HIS A 161 9.83 -26.78 67.57
CA HIS A 161 9.64 -26.72 66.13
C HIS A 161 8.78 -27.91 65.72
N ARG A 162 7.82 -27.71 64.82
CA ARG A 162 6.97 -28.79 64.36
C ARG A 162 6.65 -28.69 62.87
N TYR A 163 6.62 -29.83 62.20
CA TYR A 163 6.35 -29.91 60.76
C TYR A 163 4.99 -30.53 60.44
N GLY A 164 4.19 -29.83 59.64
CA GLY A 164 2.88 -30.35 59.25
C GLY A 164 2.77 -30.47 57.74
N THR A 165 2.21 -31.59 57.27
CA THR A 165 2.06 -31.86 55.85
C THR A 165 0.65 -31.57 55.32
N THR A 166 0.54 -31.40 54.02
CA THR A 166 -0.72 -31.14 53.33
C THR A 166 -0.62 -31.78 51.96
N VAL A 167 -1.76 -32.25 51.45
CA VAL A 167 -1.78 -32.85 50.13
C VAL A 167 -3.12 -32.58 49.48
N ASN A 168 -3.10 -31.77 48.41
CA ASN A 168 -4.31 -31.42 47.69
C ASN A 168 -4.25 -31.93 46.26
N CYS A 169 -4.92 -33.04 46.02
CA CYS A 169 -4.97 -33.66 44.71
C CYS A 169 -5.68 -32.70 43.78
N ILE A 170 -5.00 -32.32 42.70
CA ILE A 170 -5.60 -31.39 41.75
C ILE A 170 -5.61 -31.93 40.33
N VAL A 171 -6.78 -31.84 39.70
CA VAL A 171 -6.97 -32.27 38.32
C VAL A 171 -7.44 -31.03 37.56
N GLU A 172 -6.78 -30.75 36.45
CA GLU A 172 -7.14 -29.58 35.65
C GLU A 172 -7.20 -29.87 34.17
N GLU A 173 -8.25 -29.34 33.57
CA GLU A 173 -8.41 -29.43 32.13
C GLU A 173 -7.68 -28.20 31.62
N VAL A 174 -6.77 -28.33 30.65
CA VAL A 174 -6.03 -27.16 30.17
C VAL A 174 -5.75 -27.24 28.68
N ASP A 175 -5.53 -26.08 28.06
CA ASP A 175 -5.22 -26.04 26.63
C ASP A 175 -3.76 -26.45 26.40
N ALA A 176 -3.51 -27.13 25.30
CA ALA A 176 -2.17 -27.55 24.95
C ALA A 176 -1.84 -26.93 23.59
N ARG A 177 -0.61 -26.46 23.44
CA ARG A 177 -0.19 -25.83 22.20
C ARG A 177 1.15 -26.40 21.78
N SER A 178 1.33 -26.61 20.48
CA SER A 178 2.59 -27.13 19.96
C SER A 178 2.83 -26.55 18.59
N VAL A 179 4.07 -26.17 18.31
CA VAL A 179 4.41 -25.61 17.00
C VAL A 179 5.31 -26.57 16.24
N TYR A 180 5.27 -26.48 14.93
CA TYR A 180 6.09 -27.31 14.06
C TYR A 180 7.51 -27.35 14.62
N PRO A 181 8.19 -28.51 14.56
CA PRO A 181 7.78 -29.79 13.97
C PRO A 181 6.91 -30.65 14.90
N TYR A 182 6.36 -30.03 15.94
CA TYR A 182 5.49 -30.69 16.91
C TYR A 182 6.15 -31.80 17.70
N ASP A 183 7.43 -31.63 18.02
CA ASP A 183 8.18 -32.61 18.78
C ASP A 183 8.12 -32.31 20.28
N GLU A 184 7.11 -31.57 20.71
CA GLU A 184 6.94 -31.21 22.13
C GLU A 184 5.77 -30.24 22.24
N PHE A 185 5.37 -29.90 23.46
CA PHE A 185 4.25 -28.97 23.62
C PHE A 185 4.18 -28.30 24.99
N VAL A 186 3.23 -27.40 25.18
CA VAL A 186 3.12 -26.71 26.45
C VAL A 186 1.69 -26.68 26.91
N LEU A 187 1.49 -26.35 28.18
CA LEU A 187 0.16 -26.28 28.79
C LEU A 187 -0.11 -24.88 29.32
N ALA A 188 -1.39 -24.53 29.45
CA ALA A 188 -1.79 -23.22 29.93
C ALA A 188 -1.06 -22.76 31.19
N THR A 189 -0.41 -23.69 31.89
CA THR A 189 0.31 -23.37 33.13
C THR A 189 1.76 -22.98 32.88
N GLY A 190 2.20 -23.06 31.62
CA GLY A 190 3.56 -22.73 31.29
C GLY A 190 4.49 -23.92 31.34
N ASP A 191 3.95 -25.09 31.70
CA ASP A 191 4.79 -26.28 31.76
C ASP A 191 5.04 -26.90 30.41
N PHE A 192 6.30 -27.17 30.11
CA PHE A 192 6.66 -27.80 28.84
C PHE A 192 6.54 -29.31 28.99
N VAL A 193 6.20 -29.98 27.89
CA VAL A 193 6.10 -31.43 27.86
C VAL A 193 6.94 -31.84 26.66
N TYR A 194 8.11 -32.41 26.90
CA TYR A 194 8.99 -32.75 25.80
C TYR A 194 8.72 -34.07 25.09
N MET A 195 7.49 -34.19 24.60
CA MET A 195 7.02 -35.35 23.86
C MET A 195 6.06 -34.86 22.79
N SER A 196 6.13 -35.45 21.59
CA SER A 196 5.23 -35.07 20.51
C SER A 196 3.78 -35.34 20.90
N PRO A 197 2.87 -34.41 20.59
CA PRO A 197 1.47 -34.62 20.94
C PRO A 197 0.92 -35.79 20.12
N PHE A 198 1.70 -36.23 19.14
CA PHE A 198 1.30 -37.34 18.27
C PHE A 198 2.11 -38.60 18.52
N TYR A 199 2.80 -38.65 19.66
CA TYR A 199 3.60 -39.82 20.00
C TYR A 199 2.69 -40.96 20.42
N GLY A 200 3.01 -42.18 19.99
CA GLY A 200 2.18 -43.32 20.35
C GLY A 200 2.74 -44.67 19.94
N TYR A 201 1.84 -45.63 19.77
CA TYR A 201 2.20 -46.99 19.39
C TYR A 201 1.60 -47.32 18.02
N ARG A 202 0.33 -46.96 17.86
CA ARG A 202 -0.41 -47.19 16.63
C ARG A 202 0.33 -46.69 15.40
N GLU A 203 0.60 -47.60 14.47
CA GLU A 203 1.29 -47.32 13.21
C GLU A 203 2.25 -46.15 13.21
N GLY A 204 3.54 -46.45 13.21
CA GLY A 204 4.55 -45.40 13.17
C GLY A 204 4.54 -44.30 14.21
N SER A 205 3.53 -44.27 15.09
CA SER A 205 3.48 -43.24 16.13
C SER A 205 4.73 -43.25 17.00
N HIS A 206 5.25 -44.45 17.24
CA HIS A 206 6.44 -44.61 18.06
C HIS A 206 7.63 -43.88 17.44
N THR A 207 7.48 -43.49 16.17
CA THR A 207 8.54 -42.79 15.46
C THR A 207 8.68 -41.35 15.95
N GLU A 208 7.56 -40.79 16.42
CA GLU A 208 7.53 -39.43 16.93
C GLU A 208 8.56 -39.21 18.03
N HIS A 209 8.77 -37.95 18.40
CA HIS A 209 9.75 -37.63 19.43
C HIS A 209 9.22 -37.73 20.86
N THR A 210 10.13 -38.12 21.74
CA THR A 210 9.87 -38.24 23.17
C THR A 210 11.21 -38.12 23.87
N THR A 211 11.22 -37.54 25.07
CA THR A 211 12.46 -37.37 25.81
C THR A 211 12.33 -38.05 27.17
N TYR A 212 11.40 -38.99 27.27
CA TYR A 212 11.18 -39.71 28.52
C TYR A 212 11.39 -41.20 28.39
N ALA A 213 11.53 -41.87 29.53
CA ALA A 213 11.73 -43.31 29.57
C ALA A 213 10.41 -44.00 29.28
N ALA A 214 10.49 -45.06 28.47
CA ALA A 214 9.32 -45.82 28.07
C ALA A 214 8.26 -45.98 29.15
N ASP A 215 8.71 -46.16 30.38
CA ASP A 215 7.78 -46.35 31.50
C ASP A 215 7.11 -45.09 32.05
N ARG A 216 7.28 -43.97 31.35
CA ARG A 216 6.67 -42.72 31.79
C ARG A 216 5.43 -42.46 30.93
N PHE A 217 5.36 -43.19 29.82
CA PHE A 217 4.27 -43.08 28.86
C PHE A 217 3.31 -44.27 28.94
N LYS A 218 2.04 -44.03 28.60
CA LYS A 218 1.02 -45.08 28.62
C LYS A 218 -0.13 -44.73 27.68
N GLN A 219 -0.49 -45.67 26.81
CA GLN A 219 -1.59 -45.46 25.86
C GLN A 219 -2.73 -46.45 26.15
N VAL A 220 -3.93 -45.90 26.36
CA VAL A 220 -5.11 -46.71 26.67
C VAL A 220 -6.17 -46.73 25.57
N ASP A 221 -6.17 -47.78 24.77
CA ASP A 221 -7.14 -47.90 23.68
C ASP A 221 -8.55 -47.93 24.25
N GLY A 222 -9.52 -47.42 23.47
CA GLY A 222 -10.91 -47.41 23.90
C GLY A 222 -11.14 -46.88 25.31
N PHE A 223 -10.39 -45.86 25.69
CA PHE A 223 -10.54 -45.27 27.01
C PHE A 223 -11.91 -44.59 27.10
N TYR A 224 -12.41 -44.38 28.31
CA TYR A 224 -13.70 -43.72 28.46
C TYR A 224 -13.61 -42.62 29.50
N ALA A 225 -13.31 -41.42 29.02
CA ALA A 225 -13.15 -40.26 29.90
C ALA A 225 -14.24 -40.12 30.95
N ARG A 226 -13.84 -40.08 32.23
CA ARG A 226 -14.79 -39.89 33.32
C ARG A 226 -15.14 -38.43 33.27
N ASP A 227 -16.20 -38.05 33.96
CA ASP A 227 -16.63 -36.67 33.98
C ASP A 227 -17.09 -36.25 35.36
N LEU A 228 -16.17 -35.69 36.14
CA LEU A 228 -16.46 -35.25 37.50
C LEU A 228 -17.50 -34.11 37.45
N ALA A 236 -17.60 -41.36 24.35
CA ALA A 236 -17.13 -42.31 23.36
C ALA A 236 -15.66 -42.66 23.58
N PRO A 237 -15.22 -43.82 23.07
CA PRO A 237 -13.84 -44.30 23.19
C PRO A 237 -12.81 -43.34 22.61
N THR A 238 -11.66 -43.27 23.25
CA THR A 238 -10.51 -42.52 22.70
C THR A 238 -9.27 -43.32 23.07
N THR A 239 -8.27 -43.21 22.22
CA THR A 239 -7.00 -43.85 22.44
C THR A 239 -6.19 -42.90 23.35
N ARG A 240 -6.52 -42.92 24.63
CA ARG A 240 -5.96 -42.03 25.63
C ARG A 240 -4.47 -42.17 25.88
N ASN A 241 -3.79 -41.03 25.79
CA ASN A 241 -2.36 -40.95 26.04
C ASN A 241 -2.12 -40.41 27.45
N LEU A 242 -1.08 -40.91 28.11
CA LEU A 242 -0.77 -40.48 29.46
C LEU A 242 0.72 -40.41 29.70
N LEU A 243 1.19 -39.23 30.06
CA LEU A 243 2.60 -39.00 30.34
C LEU A 243 2.75 -38.54 31.77
N THR A 244 3.64 -39.22 32.50
CA THR A 244 3.89 -38.89 33.89
C THR A 244 5.25 -38.21 33.99
N THR A 245 5.24 -36.91 34.28
CA THR A 245 6.48 -36.13 34.40
C THR A 245 6.86 -35.98 35.87
N PRO A 246 8.10 -35.52 36.13
CA PRO A 246 8.54 -35.34 37.52
C PRO A 246 7.64 -34.45 38.39
N LYS A 247 6.79 -33.66 37.77
CA LYS A 247 5.90 -32.82 38.57
C LYS A 247 4.43 -33.06 38.35
N PHE A 248 4.09 -33.85 37.35
CA PHE A 248 2.68 -34.13 37.08
C PHE A 248 2.49 -35.21 36.02
N THR A 249 1.23 -35.52 35.77
CA THR A 249 0.88 -36.49 34.75
C THR A 249 -0.15 -35.78 33.91
N VAL A 250 -0.07 -35.97 32.60
CA VAL A 250 -1.00 -35.34 31.68
C VAL A 250 -1.54 -36.35 30.69
N ALA A 251 -2.81 -36.18 30.34
CA ALA A 251 -3.44 -37.07 29.39
C ALA A 251 -4.20 -36.30 28.32
N TRP A 252 -4.12 -36.79 27.10
CA TRP A 252 -4.79 -36.18 25.97
C TRP A 252 -5.08 -37.30 24.96
N ASP A 253 -6.19 -37.18 24.23
CA ASP A 253 -6.58 -38.18 23.24
C ASP A 253 -5.63 -38.21 22.06
N TRP A 254 -5.09 -39.40 21.78
CA TRP A 254 -4.17 -39.57 20.67
C TRP A 254 -4.91 -39.54 19.34
N VAL A 255 -4.31 -38.86 18.38
CA VAL A 255 -4.87 -38.75 17.04
C VAL A 255 -3.69 -38.81 16.08
N PRO A 256 -3.94 -39.22 14.84
CA PRO A 256 -2.79 -39.27 13.92
C PRO A 256 -2.35 -37.84 13.54
N LYS A 257 -1.06 -37.71 13.25
CA LYS A 257 -0.45 -36.43 12.91
C LYS A 257 -1.01 -35.74 11.67
N ARG A 258 -0.78 -36.33 10.50
CA ARG A 258 -1.21 -35.77 9.23
C ARG A 258 -2.62 -35.17 9.15
N PRO A 259 -3.65 -35.94 9.51
CA PRO A 259 -4.97 -35.32 9.43
C PRO A 259 -5.28 -34.35 10.56
N SER A 260 -4.26 -34.00 11.35
CA SER A 260 -4.47 -33.09 12.48
C SER A 260 -3.75 -31.74 12.37
N VAL A 261 -2.67 -31.68 11.61
CA VAL A 261 -1.92 -30.44 11.46
C VAL A 261 -1.72 -30.05 10.00
N CYS A 262 -1.40 -28.78 9.77
CA CYS A 262 -1.19 -28.25 8.41
C CYS A 262 -0.26 -27.05 8.43
N THR A 263 0.70 -27.01 7.52
CA THR A 263 1.63 -25.90 7.44
C THR A 263 1.08 -24.75 6.59
N MET A 264 -0.16 -24.91 6.13
CA MET A 264 -0.83 -23.90 5.32
C MET A 264 -2.20 -23.60 5.92
N THR A 265 -2.72 -22.41 5.64
CA THR A 265 -4.02 -22.00 6.16
C THR A 265 -4.85 -21.36 5.07
N LYS A 266 -6.14 -21.65 5.07
CA LYS A 266 -7.02 -21.07 4.07
C LYS A 266 -7.09 -19.58 4.40
N TRP A 267 -6.89 -18.73 3.39
CA TRP A 267 -6.93 -17.30 3.65
C TRP A 267 -8.07 -16.59 2.94
N GLN A 268 -8.19 -16.80 1.64
CA GLN A 268 -9.25 -16.16 0.88
C GLN A 268 -9.94 -17.10 -0.08
N GLU A 269 -11.27 -17.00 -0.12
CA GLU A 269 -12.10 -17.78 -1.01
C GLU A 269 -12.51 -16.77 -2.08
N VAL A 270 -12.20 -17.08 -3.34
CA VAL A 270 -12.53 -16.15 -4.42
C VAL A 270 -13.49 -16.67 -5.49
N ASP A 271 -14.70 -16.16 -5.48
CA ASP A 271 -15.72 -16.53 -6.46
C ASP A 271 -15.18 -16.33 -7.86
N GLU A 272 -14.82 -15.09 -8.17
CA GLU A 272 -14.33 -14.74 -9.50
C GLU A 272 -12.84 -14.41 -9.56
N MET A 273 -12.05 -15.40 -9.95
CA MET A 273 -10.62 -15.23 -10.07
C MET A 273 -10.29 -15.47 -11.53
N LEU A 274 -9.97 -14.39 -12.23
CA LEU A 274 -9.62 -14.49 -13.63
C LEU A 274 -8.17 -14.87 -13.75
N ARG A 275 -7.85 -15.69 -14.75
CA ARG A 275 -6.48 -16.10 -14.96
C ARG A 275 -6.15 -15.80 -16.40
N SER A 276 -4.92 -15.36 -16.63
CA SER A 276 -4.46 -15.03 -17.97
C SER A 276 -2.99 -15.37 -18.04
N GLU A 277 -2.49 -15.55 -19.25
CA GLU A 277 -1.09 -15.91 -19.44
C GLU A 277 -0.34 -14.88 -20.27
N TYR A 278 0.74 -14.34 -19.72
CA TYR A 278 1.56 -13.39 -20.45
C TYR A 278 3.01 -13.45 -20.02
N GLY A 279 3.91 -13.40 -21.01
CA GLY A 279 5.33 -13.44 -20.73
C GLY A 279 5.77 -14.64 -19.90
N GLY A 280 5.18 -15.80 -20.16
CA GLY A 280 5.54 -17.00 -19.43
C GLY A 280 5.15 -17.05 -17.96
N SER A 281 4.08 -16.34 -17.60
CA SER A 281 3.61 -16.33 -16.21
C SER A 281 2.11 -16.25 -16.18
N PHE A 282 1.53 -16.71 -15.07
CA PHE A 282 0.09 -16.64 -14.92
C PHE A 282 -0.24 -15.48 -14.01
N ARG A 283 -1.28 -14.76 -14.35
CA ARG A 283 -1.74 -13.64 -13.55
C ARG A 283 -3.13 -13.99 -13.05
N PHE A 284 -3.30 -14.04 -11.74
CA PHE A 284 -4.60 -14.34 -11.16
C PHE A 284 -5.07 -13.06 -10.50
N SER A 285 -6.15 -12.48 -11.02
CA SER A 285 -6.63 -11.25 -10.43
C SER A 285 -8.04 -11.38 -9.93
N SER A 286 -8.31 -10.71 -8.82
CA SER A 286 -9.61 -10.73 -8.19
C SER A 286 -10.14 -9.30 -8.06
N ASP A 287 -11.20 -9.02 -8.79
CA ASP A 287 -11.83 -7.74 -8.73
C ASP A 287 -12.32 -7.52 -7.31
N ALA A 288 -12.87 -8.59 -6.73
CA ALA A 288 -13.43 -8.57 -5.38
C ALA A 288 -12.48 -8.07 -4.31
N ILE A 289 -11.26 -8.58 -4.29
CA ILE A 289 -10.29 -8.12 -3.29
C ILE A 289 -9.19 -7.24 -3.86
N SER A 290 -9.31 -6.86 -5.14
CA SER A 290 -8.32 -6.01 -5.79
C SER A 290 -6.92 -6.56 -5.63
N THR A 291 -6.72 -7.78 -6.08
CA THR A 291 -5.42 -8.40 -5.95
C THR A 291 -5.03 -9.16 -7.20
N THR A 292 -3.75 -9.13 -7.54
CA THR A 292 -3.27 -9.86 -8.70
C THR A 292 -2.01 -10.63 -8.33
N PHE A 293 -2.09 -11.95 -8.37
CA PHE A 293 -0.96 -12.81 -8.04
C PHE A 293 -0.26 -13.23 -9.32
N THR A 294 1.00 -13.61 -9.18
CA THR A 294 1.80 -14.02 -10.31
C THR A 294 2.47 -15.36 -10.03
N THR A 295 2.46 -16.24 -11.02
CA THR A 295 3.06 -17.55 -10.84
C THR A 295 3.65 -18.05 -12.15
N ASN A 296 4.50 -19.08 -12.06
CA ASN A 296 5.05 -19.73 -13.23
C ASN A 296 3.88 -20.48 -13.87
N LEU A 297 4.05 -20.95 -15.10
CA LEU A 297 2.98 -21.67 -15.77
C LEU A 297 2.80 -23.09 -15.21
N THR A 298 3.88 -23.65 -14.68
CA THR A 298 3.86 -25.01 -14.12
C THR A 298 3.22 -25.08 -12.75
N GLU A 299 2.36 -26.08 -12.54
CA GLU A 299 1.70 -26.25 -11.26
C GLU A 299 2.69 -26.55 -10.16
N TYR A 300 2.23 -26.42 -8.92
CA TYR A 300 3.06 -26.69 -7.76
C TYR A 300 2.61 -28.01 -7.15
N PRO A 301 3.52 -29.00 -7.10
CA PRO A 301 3.25 -30.33 -6.55
C PRO A 301 2.75 -30.23 -5.12
N LEU A 302 1.44 -30.37 -4.94
CA LEU A 302 0.86 -30.28 -3.61
C LEU A 302 1.47 -31.32 -2.67
N SER A 303 2.05 -32.37 -3.25
CA SER A 303 2.68 -33.42 -2.47
C SER A 303 3.97 -32.90 -1.84
N ARG A 304 4.56 -31.91 -2.48
CA ARG A 304 5.80 -31.32 -2.01
C ARG A 304 5.61 -30.53 -0.70
N VAL A 305 4.36 -30.26 -0.35
CA VAL A 305 4.06 -29.51 0.86
C VAL A 305 4.14 -30.32 2.15
N ASP A 306 5.18 -30.05 2.93
CA ASP A 306 5.40 -30.72 4.21
C ASP A 306 4.15 -30.61 5.09
N LEU A 307 3.48 -31.74 5.30
CA LEU A 307 2.29 -31.78 6.14
C LEU A 307 1.17 -30.84 5.70
N GLY A 308 0.71 -31.00 4.46
CA GLY A 308 -0.35 -30.14 3.97
C GLY A 308 -1.52 -30.88 3.37
N ASP A 309 -2.02 -31.88 4.08
CA ASP A 309 -3.15 -32.65 3.58
C ASP A 309 -4.47 -31.89 3.70
N CYS A 310 -4.47 -30.83 4.50
CA CYS A 310 -5.66 -30.01 4.70
C CYS A 310 -5.97 -29.15 3.47
N ILE A 311 -4.93 -28.92 2.66
CA ILE A 311 -5.07 -28.09 1.47
C ILE A 311 -6.08 -28.65 0.47
N GLY A 312 -5.82 -29.85 -0.03
CA GLY A 312 -6.72 -30.47 -0.99
C GLY A 312 -8.14 -30.49 -0.44
N LYS A 313 -8.24 -30.73 0.86
CA LYS A 313 -9.53 -30.77 1.55
C LYS A 313 -10.24 -29.43 1.45
N ASP A 314 -9.80 -28.48 2.27
CA ASP A 314 -10.38 -27.14 2.33
C ASP A 314 -10.72 -26.59 0.95
N ALA A 315 -9.79 -26.78 0.01
CA ALA A 315 -9.96 -26.30 -1.36
C ALA A 315 -11.27 -26.79 -1.99
N ARG A 316 -11.38 -28.10 -2.19
CA ARG A 316 -12.57 -28.69 -2.77
C ARG A 316 -13.81 -28.27 -1.98
N ASP A 317 -13.75 -28.43 -0.67
CA ASP A 317 -14.86 -28.05 0.18
C ASP A 317 -15.38 -26.70 -0.29
N ALA A 318 -14.51 -25.71 -0.28
CA ALA A 318 -14.86 -24.36 -0.68
C ALA A 318 -15.28 -24.20 -2.14
N MET A 319 -14.48 -24.76 -3.04
CA MET A 319 -14.79 -24.64 -4.47
C MET A 319 -16.16 -25.20 -4.83
N ASP A 320 -16.57 -26.28 -4.17
CA ASP A 320 -17.87 -26.86 -4.46
C ASP A 320 -18.98 -25.96 -3.90
N ARG A 321 -18.80 -25.50 -2.67
CA ARG A 321 -19.78 -24.63 -2.04
C ARG A 321 -20.06 -23.41 -2.92
N ILE A 322 -19.00 -22.84 -3.46
CA ILE A 322 -19.10 -21.66 -4.32
C ILE A 322 -19.69 -21.99 -5.68
N PHE A 323 -19.20 -23.08 -6.28
CA PHE A 323 -19.68 -23.52 -7.59
C PHE A 323 -21.21 -23.58 -7.60
N ALA A 324 -21.77 -24.28 -6.63
CA ALA A 324 -23.21 -24.41 -6.52
C ALA A 324 -23.84 -23.04 -6.32
N ARG A 325 -23.50 -22.39 -5.23
CA ARG A 325 -24.03 -21.07 -4.90
C ARG A 325 -23.98 -20.05 -6.03
N ARG A 326 -23.08 -20.21 -6.99
CA ARG A 326 -23.02 -19.18 -8.04
C ARG A 326 -22.87 -19.60 -9.51
N TYR A 327 -22.19 -20.70 -9.82
CA TYR A 327 -22.00 -21.05 -11.24
C TYR A 327 -22.74 -22.32 -11.72
N ASN A 328 -23.26 -23.12 -10.80
CA ASN A 328 -23.95 -24.37 -11.17
C ASN A 328 -24.97 -24.23 -12.30
N ALA A 329 -25.60 -23.06 -12.41
CA ALA A 329 -26.61 -22.83 -13.43
C ALA A 329 -26.14 -22.05 -14.65
N THR A 330 -24.86 -21.68 -14.70
CA THR A 330 -24.37 -20.91 -15.84
C THR A 330 -23.04 -21.35 -16.45
N HIS A 331 -22.22 -22.04 -15.65
CA HIS A 331 -20.92 -22.47 -16.13
C HIS A 331 -20.64 -23.94 -15.90
N ILE A 332 -19.48 -24.38 -16.36
CA ILE A 332 -19.07 -25.77 -16.22
C ILE A 332 -17.60 -25.86 -15.82
N LYS A 333 -17.31 -26.71 -14.85
CA LYS A 333 -15.93 -26.90 -14.40
C LYS A 333 -15.14 -27.49 -15.56
N VAL A 334 -13.85 -27.18 -15.60
CA VAL A 334 -12.98 -27.70 -16.64
C VAL A 334 -11.76 -28.32 -15.98
N GLY A 335 -11.68 -29.64 -16.08
CA GLY A 335 -10.56 -30.37 -15.49
C GLY A 335 -10.62 -30.37 -13.98
N GLN A 336 -9.64 -31.00 -13.36
CA GLN A 336 -9.59 -31.06 -11.91
C GLN A 336 -8.76 -29.89 -11.38
N PRO A 337 -9.08 -29.41 -10.18
CA PRO A 337 -8.39 -28.29 -9.54
C PRO A 337 -6.87 -28.30 -9.73
N GLN A 338 -6.31 -27.11 -9.94
CA GLN A 338 -4.86 -26.95 -10.12
C GLN A 338 -4.29 -26.16 -8.94
N TYR A 339 -2.98 -26.26 -8.75
CA TYR A 339 -2.34 -25.54 -7.67
C TYR A 339 -1.10 -24.82 -8.15
N TYR A 340 -1.01 -23.54 -7.81
CA TYR A 340 0.12 -22.71 -8.22
C TYR A 340 0.74 -21.94 -7.09
N GLN A 341 2.06 -21.80 -7.15
CA GLN A 341 2.80 -21.04 -6.15
C GLN A 341 2.95 -19.58 -6.66
N ALA A 342 2.33 -18.63 -5.97
CA ALA A 342 2.43 -17.22 -6.37
C ALA A 342 3.51 -16.46 -5.62
N ASN A 343 4.03 -15.41 -6.23
CA ASN A 343 5.05 -14.59 -5.58
C ASN A 343 4.48 -14.08 -4.27
N GLY A 344 5.29 -14.08 -3.23
CA GLY A 344 4.82 -13.64 -1.93
C GLY A 344 4.58 -14.83 -1.03
N GLY A 345 4.61 -16.02 -1.62
CA GLY A 345 4.40 -17.22 -0.85
C GLY A 345 2.93 -17.59 -0.66
N PHE A 346 2.11 -17.27 -1.64
CA PHE A 346 0.70 -17.62 -1.55
C PHE A 346 0.39 -18.81 -2.44
N LEU A 347 -0.27 -19.81 -1.86
CA LEU A 347 -0.63 -21.01 -2.62
C LEU A 347 -2.02 -20.85 -3.18
N ILE A 348 -2.14 -20.95 -4.49
CA ILE A 348 -3.42 -20.79 -5.14
C ILE A 348 -4.02 -22.07 -5.71
N ALA A 349 -5.17 -22.43 -5.15
CA ALA A 349 -5.96 -23.55 -5.63
C ALA A 349 -6.90 -22.95 -6.66
N TYR A 350 -6.81 -23.40 -7.91
CA TYR A 350 -7.64 -22.82 -8.96
C TYR A 350 -8.50 -23.83 -9.69
N GLN A 351 -9.76 -23.44 -9.91
CA GLN A 351 -10.73 -24.29 -10.61
C GLN A 351 -11.31 -23.58 -11.83
N PRO A 352 -10.80 -23.90 -13.04
CA PRO A 352 -11.27 -23.28 -14.29
C PRO A 352 -12.77 -23.46 -14.51
N LEU A 353 -13.38 -22.51 -15.19
CA LEU A 353 -14.80 -22.61 -15.47
C LEU A 353 -15.06 -22.38 -16.95
N LEU A 354 -16.31 -22.15 -17.29
CA LEU A 354 -16.69 -21.91 -18.67
C LEU A 354 -18.19 -21.69 -18.82
N SER A 355 -18.56 -20.54 -19.38
CA SER A 355 -19.97 -20.24 -19.58
C SER A 355 -20.54 -21.29 -20.52
N ASN A 356 -21.68 -21.86 -20.16
CA ASN A 356 -22.32 -22.87 -20.98
C ASN A 356 -22.26 -22.46 -22.45
N THR A 357 -22.59 -21.19 -22.71
CA THR A 357 -22.61 -20.61 -24.05
C THR A 357 -21.57 -21.24 -24.99
N VAL A 390 10.14 -32.05 -0.25
CA VAL A 390 9.28 -31.61 0.84
C VAL A 390 9.85 -30.39 1.56
N GLU A 391 9.07 -29.30 1.58
CA GLU A 391 9.48 -28.06 2.20
C GLU A 391 8.27 -27.27 2.71
N ARG A 392 8.53 -26.21 3.48
CA ARG A 392 7.46 -25.35 3.99
C ARG A 392 7.43 -24.05 3.21
N ILE A 393 6.23 -23.63 2.80
CA ILE A 393 6.09 -22.37 2.06
C ILE A 393 6.13 -21.22 3.04
N LYS A 394 6.90 -20.19 2.70
CA LYS A 394 7.00 -19.01 3.54
C LYS A 394 6.18 -17.88 2.92
N THR A 395 5.28 -17.31 3.70
CA THR A 395 4.43 -16.23 3.19
C THR A 395 4.72 -14.86 3.80
N THR A 396 4.80 -13.83 2.94
CA THR A 396 5.06 -12.48 3.41
C THR A 396 3.84 -11.93 4.17
N SER A 397 4.08 -11.05 5.14
CA SER A 397 2.96 -10.48 5.90
C SER A 397 2.33 -9.26 5.21
N SER A 398 2.79 -8.92 4.02
CA SER A 398 2.23 -7.76 3.31
C SER A 398 1.66 -8.09 1.93
N ILE A 399 0.36 -7.88 1.76
CA ILE A 399 -0.30 -8.15 0.49
C ILE A 399 -0.26 -6.95 -0.43
N GLU A 400 0.26 -5.83 0.07
CA GLU A 400 0.29 -4.60 -0.70
C GLU A 400 0.86 -4.66 -2.12
N PHE A 401 1.98 -5.36 -2.33
CA PHE A 401 2.55 -5.45 -3.67
C PHE A 401 1.54 -5.93 -4.70
N ALA A 402 0.75 -6.94 -4.34
CA ALA A 402 -0.23 -7.53 -5.25
C ALA A 402 -1.44 -6.62 -5.51
N ARG A 403 -1.75 -5.73 -4.57
CA ARG A 403 -2.87 -4.82 -4.78
C ARG A 403 -2.41 -3.67 -5.65
N LEU A 404 -1.15 -3.25 -5.46
CA LEU A 404 -0.58 -2.19 -6.28
C LEU A 404 -0.56 -2.75 -7.68
N GLN A 405 -0.19 -4.02 -7.76
CA GLN A 405 -0.11 -4.67 -9.07
C GLN A 405 -1.48 -4.59 -9.74
N PHE A 406 -2.50 -5.03 -9.02
CA PHE A 406 -3.85 -5.00 -9.56
C PHE A 406 -4.24 -3.58 -9.96
N THR A 407 -3.94 -2.61 -9.09
CA THR A 407 -4.34 -1.23 -9.36
C THR A 407 -3.63 -0.67 -10.55
N TYR A 408 -2.32 -0.89 -10.59
CA TYR A 408 -1.54 -0.42 -11.70
C TYR A 408 -2.03 -1.06 -13.00
N ASN A 409 -2.16 -2.38 -13.01
CA ASN A 409 -2.60 -3.07 -14.22
C ASN A 409 -3.93 -2.56 -14.73
N HIS A 410 -4.88 -2.35 -13.81
CA HIS A 410 -6.18 -1.87 -14.22
C HIS A 410 -6.11 -0.49 -14.87
N ILE A 411 -5.38 0.44 -14.27
CA ILE A 411 -5.26 1.78 -14.85
C ILE A 411 -4.48 1.74 -16.18
N GLN A 412 -3.39 0.99 -16.18
CA GLN A 412 -2.55 0.86 -17.37
C GLN A 412 -3.37 0.38 -18.56
N ARG A 413 -4.11 -0.70 -18.35
CA ARG A 413 -4.95 -1.27 -19.40
C ARG A 413 -5.86 -0.19 -19.96
N HIS A 414 -6.49 0.58 -19.07
CA HIS A 414 -7.41 1.64 -19.49
C HIS A 414 -6.76 2.78 -20.27
N VAL A 415 -5.69 3.38 -19.76
CA VAL A 415 -5.12 4.49 -20.52
C VAL A 415 -4.56 4.00 -21.85
N ASN A 416 -3.90 2.84 -21.86
CA ASN A 416 -3.35 2.36 -23.12
C ASN A 416 -4.45 2.13 -24.12
N ASP A 417 -5.54 1.52 -23.66
CA ASP A 417 -6.65 1.25 -24.55
C ASP A 417 -7.22 2.55 -25.16
N MET A 418 -7.57 3.50 -24.31
CA MET A 418 -8.14 4.77 -24.76
C MET A 418 -7.16 5.66 -25.56
N LEU A 419 -5.96 5.87 -25.06
CA LEU A 419 -5.00 6.70 -25.80
C LEU A 419 -4.63 6.02 -27.11
N GLY A 420 -4.75 4.69 -27.14
CA GLY A 420 -4.45 3.98 -28.37
C GLY A 420 -5.54 4.32 -29.37
N ARG A 421 -6.78 4.33 -28.91
CA ARG A 421 -7.87 4.66 -29.83
C ARG A 421 -7.68 6.09 -30.30
N VAL A 422 -7.22 6.96 -29.42
CA VAL A 422 -7.01 8.34 -29.84
C VAL A 422 -5.95 8.40 -30.96
N ALA A 423 -4.85 7.68 -30.76
CA ALA A 423 -3.76 7.66 -31.74
C ALA A 423 -4.25 7.19 -33.10
N ILE A 424 -5.09 6.16 -33.08
CA ILE A 424 -5.62 5.60 -34.31
C ILE A 424 -6.54 6.56 -35.02
N ALA A 425 -7.43 7.20 -34.26
CA ALA A 425 -8.39 8.13 -34.85
C ALA A 425 -7.63 9.37 -35.38
N TRP A 426 -6.56 9.74 -34.70
CA TRP A 426 -5.79 10.89 -35.15
C TRP A 426 -5.17 10.61 -36.51
N CYS A 427 -4.64 9.41 -36.68
CA CYS A 427 -4.00 9.00 -37.94
C CYS A 427 -5.04 8.94 -39.03
N GLU A 428 -6.21 8.40 -38.70
CA GLU A 428 -7.28 8.32 -39.69
C GLU A 428 -7.68 9.73 -40.13
N LEU A 429 -7.88 10.62 -39.17
CA LEU A 429 -8.25 12.00 -39.46
C LEU A 429 -7.25 12.72 -40.37
N GLN A 430 -5.96 12.54 -40.08
CA GLN A 430 -4.90 13.15 -40.87
C GLN A 430 -4.95 12.67 -42.31
N ASN A 431 -5.13 11.36 -42.49
CA ASN A 431 -5.19 10.77 -43.83
C ASN A 431 -6.40 11.31 -44.59
N HIS A 432 -7.52 11.38 -43.86
CA HIS A 432 -8.80 11.86 -44.37
C HIS A 432 -8.69 13.30 -44.86
N GLU A 433 -8.07 14.14 -44.05
CA GLU A 433 -7.89 15.56 -44.36
C GLU A 433 -7.14 15.84 -45.65
N LEU A 434 -6.19 14.98 -45.98
CA LEU A 434 -5.40 15.16 -47.20
C LEU A 434 -6.30 15.48 -48.39
N THR A 435 -7.39 14.74 -48.50
CA THR A 435 -8.33 14.93 -49.60
C THR A 435 -8.77 16.40 -49.69
N LEU A 436 -8.96 17.05 -48.55
CA LEU A 436 -9.37 18.45 -48.53
C LEU A 436 -8.19 19.32 -48.95
N TRP A 437 -7.00 19.02 -48.45
CA TRP A 437 -5.82 19.76 -48.82
C TRP A 437 -5.56 19.65 -50.33
N ASN A 438 -5.88 18.51 -50.92
CA ASN A 438 -5.67 18.36 -52.35
C ASN A 438 -6.53 19.34 -53.16
N GLU A 439 -7.72 19.67 -52.65
CA GLU A 439 -8.58 20.61 -53.37
C GLU A 439 -8.19 22.03 -53.03
N ALA A 440 -7.92 22.26 -51.76
CA ALA A 440 -7.53 23.57 -51.31
C ALA A 440 -6.27 24.08 -52.04
N ARG A 441 -5.37 23.17 -52.41
CA ARG A 441 -4.14 23.60 -53.08
C ARG A 441 -4.38 24.18 -54.47
N LYS A 442 -5.35 23.62 -55.19
CA LYS A 442 -5.66 24.13 -56.53
C LYS A 442 -6.29 25.52 -56.45
N LEU A 443 -6.97 25.82 -55.35
CA LEU A 443 -7.63 27.11 -55.19
C LEU A 443 -6.73 28.26 -54.79
N ASN A 444 -5.77 28.00 -53.91
CA ASN A 444 -4.87 29.03 -53.46
C ASN A 444 -3.51 28.41 -53.14
N PRO A 445 -2.76 28.05 -54.18
CA PRO A 445 -1.44 27.43 -54.01
C PRO A 445 -0.48 28.16 -53.08
N ASN A 446 -0.40 29.48 -53.19
CA ASN A 446 0.53 30.21 -52.32
C ASN A 446 0.24 29.91 -50.87
N ALA A 447 -0.99 30.14 -50.45
CA ALA A 447 -1.36 29.90 -49.06
C ALA A 447 -1.17 28.45 -48.61
N ILE A 448 -1.68 27.50 -49.38
CA ILE A 448 -1.54 26.11 -48.98
C ILE A 448 -0.08 25.69 -48.93
N ALA A 449 0.68 26.09 -49.94
CA ALA A 449 2.09 25.76 -50.00
C ALA A 449 2.82 26.42 -48.84
N SER A 450 2.47 27.65 -48.52
CA SER A 450 3.15 28.32 -47.42
C SER A 450 2.93 27.61 -46.10
N VAL A 451 1.73 27.08 -45.91
CA VAL A 451 1.44 26.38 -44.67
C VAL A 451 2.20 25.06 -44.66
N THR A 452 2.14 24.33 -45.75
CA THR A 452 2.80 23.05 -45.83
C THR A 452 4.33 23.15 -45.82
N VAL A 453 4.87 24.10 -46.58
CA VAL A 453 6.31 24.27 -46.64
C VAL A 453 6.85 24.86 -45.34
N GLY A 454 6.06 25.71 -44.71
CA GLY A 454 6.49 26.30 -43.45
C GLY A 454 7.00 27.72 -43.54
N ARG A 455 6.96 28.31 -44.73
CA ARG A 455 7.43 29.67 -44.92
C ARG A 455 6.72 30.27 -46.12
N ARG A 456 6.68 31.61 -46.19
CA ARG A 456 6.03 32.26 -47.31
C ARG A 456 6.74 31.86 -48.61
N VAL A 457 6.00 31.19 -49.47
CA VAL A 457 6.54 30.76 -50.74
C VAL A 457 5.54 31.09 -51.82
N SER A 458 5.99 30.94 -53.04
CA SER A 458 5.12 31.15 -54.17
C SER A 458 4.86 29.76 -54.71
N ALA A 459 3.74 29.53 -55.35
CA ALA A 459 3.49 28.20 -55.88
C ALA A 459 2.44 28.25 -56.96
N ARG A 460 2.39 27.20 -57.75
CA ARG A 460 1.46 27.05 -58.84
C ARG A 460 1.59 25.60 -59.23
N MET A 461 0.45 24.97 -59.50
CA MET A 461 0.47 23.58 -59.88
C MET A 461 1.17 23.39 -61.22
N LEU A 462 1.86 22.29 -61.34
CA LEU A 462 2.55 21.85 -62.55
C LEU A 462 2.09 20.45 -62.80
N GLY A 463 0.79 20.31 -63.03
CA GLY A 463 0.21 19.00 -63.21
C GLY A 463 -0.27 18.53 -61.86
N ASP A 464 0.25 17.39 -61.40
CA ASP A 464 -0.16 16.86 -60.10
C ASP A 464 0.88 17.09 -59.04
N VAL A 465 1.81 17.98 -59.33
CA VAL A 465 2.85 18.30 -58.38
C VAL A 465 2.90 19.81 -58.24
N MET A 466 3.45 20.30 -57.14
CA MET A 466 3.50 21.74 -56.88
C MET A 466 4.89 22.35 -57.05
N ALA A 467 4.98 23.47 -57.78
CA ALA A 467 6.24 24.15 -57.97
C ALA A 467 6.27 25.31 -57.00
N VAL A 468 7.34 25.43 -56.21
CA VAL A 468 7.42 26.50 -55.23
C VAL A 468 8.72 27.28 -55.31
N SER A 469 8.65 28.56 -54.92
CA SER A 469 9.79 29.46 -54.91
C SER A 469 9.62 30.42 -53.73
N THR A 470 10.70 30.66 -53.00
CA THR A 470 10.63 31.54 -51.84
C THR A 470 10.26 32.97 -52.18
N CYS A 471 9.60 33.66 -51.25
CA CYS A 471 9.21 35.06 -51.48
C CYS A 471 10.16 35.98 -50.74
N VAL A 472 10.25 37.21 -51.22
CA VAL A 472 11.12 38.20 -50.60
C VAL A 472 10.41 39.18 -49.66
N PRO A 473 10.89 39.30 -48.42
CA PRO A 473 10.29 40.20 -47.43
C PRO A 473 10.48 41.66 -47.83
N VAL A 474 9.56 42.51 -47.39
CA VAL A 474 9.63 43.93 -47.69
C VAL A 474 9.16 44.68 -46.45
N ALA A 475 9.99 45.62 -46.00
CA ALA A 475 9.67 46.42 -44.83
C ALA A 475 8.35 47.15 -45.02
N ALA A 476 7.55 47.18 -43.96
CA ALA A 476 6.25 47.85 -44.01
C ALA A 476 6.38 49.32 -44.39
N ASP A 477 7.44 49.98 -43.94
CA ASP A 477 7.63 51.39 -44.25
C ASP A 477 7.98 51.60 -45.72
N ASN A 478 8.38 50.53 -46.41
CA ASN A 478 8.73 50.60 -47.82
C ASN A 478 7.55 50.23 -48.71
N VAL A 479 6.33 50.39 -48.18
CA VAL A 479 5.12 50.06 -48.91
C VAL A 479 4.07 51.17 -48.82
N ILE A 480 3.64 51.67 -49.98
CA ILE A 480 2.64 52.74 -50.02
C ILE A 480 1.37 52.30 -50.73
N VAL A 481 0.23 52.65 -50.15
CA VAL A 481 -1.06 52.35 -50.73
C VAL A 481 -1.58 53.63 -51.38
N GLN A 482 -1.87 53.54 -52.68
CA GLN A 482 -2.39 54.65 -53.46
C GLN A 482 -3.89 54.75 -53.25
N ASN A 483 -4.40 55.97 -53.20
CA ASN A 483 -5.80 56.27 -52.84
C ASN A 483 -6.89 55.78 -53.79
N SER A 484 -6.62 55.73 -55.09
CA SER A 484 -7.62 55.30 -56.06
C SER A 484 -7.49 53.89 -56.60
N MET A 485 -8.63 53.22 -56.69
CA MET A 485 -8.69 51.87 -57.22
C MET A 485 -9.32 51.90 -58.61
N ARG A 486 -9.74 53.09 -59.03
CA ARG A 486 -10.35 53.30 -60.33
C ARG A 486 -9.27 53.35 -61.41
N ILE A 487 -9.62 52.94 -62.61
CA ILE A 487 -8.67 52.95 -63.72
C ILE A 487 -8.89 54.19 -64.57
N SER A 488 -7.92 55.09 -64.50
CA SER A 488 -7.96 56.37 -65.19
C SER A 488 -7.96 56.36 -66.73
N SER A 489 -7.67 55.22 -67.33
CA SER A 489 -7.64 55.13 -68.79
C SER A 489 -8.73 54.24 -69.38
N ARG A 490 -9.52 53.60 -68.52
CA ARG A 490 -10.59 52.72 -68.97
C ARG A 490 -11.85 52.91 -68.13
N PRO A 491 -12.84 53.65 -68.68
CA PRO A 491 -14.13 53.97 -68.07
C PRO A 491 -14.93 52.74 -67.65
N GLY A 492 -15.45 52.78 -66.42
CA GLY A 492 -16.24 51.67 -65.91
C GLY A 492 -15.41 50.52 -65.37
N ALA A 493 -14.10 50.58 -65.56
CA ALA A 493 -13.19 49.53 -65.11
C ALA A 493 -12.42 49.92 -63.85
N CYS A 494 -12.44 49.05 -62.85
CA CYS A 494 -11.76 49.31 -61.60
C CYS A 494 -10.89 48.15 -61.14
N TYR A 495 -9.96 48.45 -60.23
CA TYR A 495 -9.09 47.41 -59.69
C TYR A 495 -9.88 46.81 -58.54
N SER A 496 -9.88 45.48 -58.44
CA SER A 496 -10.61 44.82 -57.37
C SER A 496 -9.86 44.94 -56.06
N ARG A 497 -8.54 45.09 -56.16
CA ARG A 497 -7.71 45.25 -54.98
C ARG A 497 -6.77 46.45 -55.12
N PRO A 498 -6.52 47.16 -54.01
CA PRO A 498 -5.66 48.34 -53.90
C PRO A 498 -4.30 48.26 -54.58
N LEU A 499 -3.89 49.37 -55.18
CA LEU A 499 -2.60 49.44 -55.85
C LEU A 499 -1.56 49.86 -54.82
N VAL A 500 -0.32 49.46 -55.05
CA VAL A 500 0.77 49.79 -54.14
C VAL A 500 2.07 50.18 -54.85
N SER A 501 2.86 50.99 -54.15
CA SER A 501 4.15 51.45 -54.64
C SER A 501 5.13 51.10 -53.52
N PHE A 502 6.13 50.30 -53.84
CA PHE A 502 7.09 49.88 -52.82
C PHE A 502 8.52 49.82 -53.34
N ARG A 503 9.43 49.48 -52.45
CA ARG A 503 10.85 49.35 -52.77
C ARG A 503 11.45 48.24 -51.92
N TYR A 504 12.13 47.31 -52.57
CA TYR A 504 12.75 46.21 -51.83
C TYR A 504 13.71 46.76 -50.79
N GLU A 505 14.43 47.81 -51.15
CA GLU A 505 15.41 48.44 -50.27
C GLU A 505 15.02 49.89 -49.93
N ASP A 506 15.37 50.32 -48.72
CA ASP A 506 15.06 51.67 -48.24
C ASP A 506 15.58 52.79 -49.12
N GLN A 507 16.45 52.45 -50.05
CA GLN A 507 17.00 53.45 -50.95
C GLN A 507 16.65 53.11 -52.39
N GLY A 508 16.16 51.90 -52.59
CA GLY A 508 15.82 51.45 -53.93
C GLY A 508 14.72 52.19 -54.66
N PRO A 509 14.58 51.93 -55.97
CA PRO A 509 13.57 52.54 -56.84
C PRO A 509 12.18 52.19 -56.32
N LEU A 510 11.18 52.97 -56.71
CA LEU A 510 9.82 52.70 -56.27
C LEU A 510 9.16 51.82 -57.32
N VAL A 511 8.62 50.69 -56.90
CA VAL A 511 7.97 49.76 -57.82
C VAL A 511 6.45 49.77 -57.67
N GLU A 512 5.76 49.66 -58.81
CA GLU A 512 4.31 49.64 -58.82
C GLU A 512 3.76 48.22 -58.80
N GLY A 513 2.61 48.05 -58.17
CA GLY A 513 1.98 46.75 -58.10
C GLY A 513 0.75 46.88 -57.24
N GLN A 514 -0.01 45.80 -57.08
CA GLN A 514 -1.18 45.86 -56.22
C GLN A 514 -1.16 44.87 -55.09
N LEU A 515 -1.85 45.26 -54.03
CA LEU A 515 -1.96 44.48 -52.81
C LEU A 515 -2.67 43.14 -52.99
N GLY A 516 -1.99 42.07 -52.59
CA GLY A 516 -2.59 40.75 -52.66
C GLY A 516 -3.10 40.38 -51.27
N GLU A 517 -3.46 39.12 -51.08
CA GLU A 517 -3.96 38.69 -49.79
C GLU A 517 -2.81 38.41 -48.83
N ASN A 518 -3.08 38.59 -47.54
CA ASN A 518 -2.09 38.32 -46.52
C ASN A 518 -0.76 39.01 -46.80
N ASN A 519 -0.84 40.32 -47.03
CA ASN A 519 0.33 41.16 -47.30
C ASN A 519 1.25 40.76 -48.42
N GLU A 520 0.72 40.15 -49.48
CA GLU A 520 1.56 39.81 -50.59
C GLU A 520 1.55 41.00 -51.53
N LEU A 521 2.69 41.29 -52.13
CA LEU A 521 2.78 42.40 -53.06
C LEU A 521 2.85 41.81 -54.45
N ARG A 522 1.80 42.04 -55.23
CA ARG A 522 1.74 41.52 -56.58
C ARG A 522 2.36 42.52 -57.55
N LEU A 523 3.21 42.02 -58.44
CA LEU A 523 3.88 42.86 -59.41
C LEU A 523 2.98 43.20 -60.59
N THR A 524 1.98 42.36 -60.84
CA THR A 524 1.07 42.58 -61.95
C THR A 524 -0.28 43.12 -61.47
N ARG A 525 -0.59 44.34 -61.87
CA ARG A 525 -1.84 44.98 -61.48
C ARG A 525 -2.96 44.55 -62.44
N ASP A 526 -3.27 43.27 -62.45
CA ASP A 526 -4.30 42.76 -63.35
C ASP A 526 -5.60 42.35 -62.66
N ALA A 527 -5.70 42.60 -61.35
CA ALA A 527 -6.92 42.27 -60.60
C ALA A 527 -7.94 43.37 -60.87
N ILE A 528 -8.78 43.15 -61.87
CA ILE A 528 -9.78 44.13 -62.26
C ILE A 528 -11.23 43.62 -62.24
N GLU A 529 -12.16 44.56 -62.18
CA GLU A 529 -13.59 44.26 -62.13
C GLU A 529 -14.40 45.48 -62.58
N PRO A 530 -15.68 45.29 -62.93
CA PRO A 530 -16.49 46.42 -63.35
C PRO A 530 -16.74 47.26 -62.11
N CYS A 531 -16.55 48.58 -62.21
CA CYS A 531 -16.78 49.45 -61.06
C CYS A 531 -18.26 49.37 -60.71
N THR A 532 -18.56 49.25 -59.42
CA THR A 532 -19.95 49.14 -58.97
C THR A 532 -20.29 50.19 -57.92
N VAL A 533 -21.58 50.36 -57.69
CA VAL A 533 -22.09 51.32 -56.71
C VAL A 533 -22.00 50.71 -55.31
N GLY A 534 -21.98 51.58 -54.31
CA GLY A 534 -21.90 51.12 -52.92
C GLY A 534 -20.69 50.23 -52.65
N HIS A 535 -19.53 50.65 -53.13
CA HIS A 535 -18.29 49.88 -52.95
C HIS A 535 -17.69 50.02 -51.55
N ARG A 536 -17.63 48.90 -50.84
CA ARG A 536 -17.07 48.83 -49.48
C ARG A 536 -16.08 47.66 -49.43
N ARG A 537 -14.87 47.91 -48.94
CA ARG A 537 -13.85 46.87 -48.87
C ARG A 537 -12.84 47.07 -47.74
N TYR A 538 -12.42 45.97 -47.13
CA TYR A 538 -11.41 46.02 -46.08
C TYR A 538 -10.32 45.09 -46.56
N PHE A 539 -9.11 45.60 -46.70
CA PHE A 539 -8.02 44.76 -47.15
C PHE A 539 -6.96 44.62 -46.08
N THR A 540 -6.47 43.39 -45.91
CA THR A 540 -5.43 43.13 -44.93
C THR A 540 -4.23 44.00 -45.34
N PHE A 541 -3.75 44.81 -44.41
CA PHE A 541 -2.62 45.66 -44.70
C PHE A 541 -1.77 45.79 -43.44
N GLY A 542 -0.66 45.08 -43.41
CA GLY A 542 0.21 45.12 -42.25
C GLY A 542 -0.40 44.28 -41.14
N GLY A 543 -0.63 44.90 -39.99
CA GLY A 543 -1.23 44.20 -38.88
C GLY A 543 -2.70 44.55 -38.72
N GLY A 544 -3.24 45.24 -39.72
CA GLY A 544 -4.63 45.64 -39.68
C GLY A 544 -5.24 45.70 -41.07
N TYR A 545 -6.27 46.52 -41.23
CA TYR A 545 -6.92 46.65 -42.53
C TYR A 545 -6.93 48.07 -43.08
N VAL A 546 -6.99 48.16 -44.40
CA VAL A 546 -7.08 49.45 -45.07
C VAL A 546 -8.50 49.49 -45.62
N TYR A 547 -9.28 50.48 -45.20
CA TYR A 547 -10.65 50.59 -45.64
C TYR A 547 -10.83 51.50 -46.86
N PHE A 548 -11.67 51.06 -47.79
CA PHE A 548 -11.94 51.81 -49.01
C PHE A 548 -13.44 51.96 -49.25
N GLU A 549 -13.83 53.10 -49.79
CA GLU A 549 -15.22 53.36 -50.12
C GLU A 549 -15.28 53.92 -51.53
N GLU A 550 -16.16 53.37 -52.35
CA GLU A 550 -16.31 53.81 -53.73
C GLU A 550 -14.96 53.91 -54.44
N TYR A 551 -14.13 52.90 -54.24
CA TYR A 551 -12.82 52.82 -54.85
C TYR A 551 -11.87 53.93 -54.44
N ALA A 552 -12.10 54.47 -53.24
CA ALA A 552 -11.25 55.52 -52.73
C ALA A 552 -10.76 55.20 -51.31
N TYR A 553 -9.46 55.33 -51.09
CA TYR A 553 -8.89 55.06 -49.77
C TYR A 553 -9.65 55.86 -48.74
N SER A 554 -9.85 55.29 -47.56
CA SER A 554 -10.55 55.96 -46.49
C SER A 554 -9.68 56.04 -45.24
N HIS A 555 -9.24 54.89 -44.75
CA HIS A 555 -8.38 54.86 -43.56
C HIS A 555 -7.99 53.45 -43.15
N GLN A 556 -7.00 53.36 -42.27
CA GLN A 556 -6.51 52.09 -41.77
C GLN A 556 -7.21 51.80 -40.46
N LEU A 557 -7.38 50.52 -40.15
CA LEU A 557 -8.04 50.11 -38.91
C LEU A 557 -7.24 49.01 -38.23
N SER A 558 -7.56 48.80 -36.95
CA SER A 558 -6.91 47.77 -36.15
C SER A 558 -7.80 46.54 -36.18
N ARG A 559 -7.22 45.34 -36.19
CA ARG A 559 -8.02 44.13 -36.20
C ARG A 559 -9.00 44.19 -35.04
N ALA A 560 -8.55 44.79 -33.94
CA ALA A 560 -9.35 44.92 -32.74
C ALA A 560 -10.62 45.72 -32.99
N ASP A 561 -10.68 46.43 -34.11
CA ASP A 561 -11.85 47.23 -34.44
C ASP A 561 -12.93 46.39 -35.09
N ILE A 562 -12.56 45.18 -35.50
CA ILE A 562 -13.48 44.26 -36.17
C ILE A 562 -13.78 43.04 -35.30
N THR A 563 -15.04 42.64 -35.26
CA THR A 563 -15.44 41.49 -34.45
C THR A 563 -14.79 40.21 -34.95
N THR A 564 -14.39 39.36 -34.01
CA THR A 564 -13.74 38.11 -34.33
C THR A 564 -14.60 36.91 -34.01
N VAL A 565 -14.57 35.94 -34.93
CA VAL A 565 -15.30 34.70 -34.79
C VAL A 565 -14.23 33.62 -35.02
N SER A 566 -14.28 32.54 -34.24
CA SER A 566 -13.29 31.49 -34.35
C SER A 566 -13.73 30.26 -35.11
N THR A 567 -12.78 29.67 -35.84
CA THR A 567 -13.00 28.44 -36.58
C THR A 567 -12.41 27.29 -35.77
N PHE A 568 -11.86 27.60 -34.60
CA PHE A 568 -11.24 26.59 -33.76
C PHE A 568 -12.16 25.89 -32.77
N ILE A 569 -12.04 24.58 -32.66
CA ILE A 569 -12.79 23.81 -31.67
C ILE A 569 -11.91 23.80 -30.44
N ASP A 570 -12.47 24.17 -29.31
CA ASP A 570 -11.70 24.23 -28.11
C ASP A 570 -11.47 22.90 -27.43
N LEU A 571 -10.36 22.84 -26.69
CA LEU A 571 -9.99 21.68 -25.92
C LEU A 571 -9.18 22.21 -24.76
N ASN A 572 -9.61 21.91 -23.54
CA ASN A 572 -8.91 22.38 -22.36
C ASN A 572 -8.40 21.25 -21.49
N ILE A 573 -7.20 20.78 -21.83
CA ILE A 573 -6.53 19.72 -21.08
C ILE A 573 -5.71 20.36 -19.97
N THR A 574 -5.81 19.82 -18.76
CA THR A 574 -5.03 20.33 -17.66
C THR A 574 -4.25 19.15 -17.11
N MET A 575 -3.13 19.44 -16.48
CA MET A 575 -2.28 18.40 -15.94
C MET A 575 -2.73 17.86 -14.62
N LEU A 576 -2.44 16.59 -14.43
CA LEU A 576 -2.66 15.94 -13.17
C LEU A 576 -1.57 16.50 -12.25
N GLU A 577 -1.95 17.14 -11.16
CA GLU A 577 -0.94 17.75 -10.31
C GLU A 577 -0.20 16.80 -9.36
N ASP A 578 0.93 17.29 -8.89
CA ASP A 578 1.76 16.53 -7.97
C ASP A 578 1.04 16.23 -6.68
N HIS A 579 1.34 15.07 -6.11
CA HIS A 579 0.73 14.68 -4.87
C HIS A 579 1.78 14.05 -4.03
N GLU A 580 1.86 14.41 -2.76
CA GLU A 580 2.82 13.78 -1.90
C GLU A 580 2.15 12.82 -0.91
N PHE A 581 2.68 11.61 -0.79
CA PHE A 581 2.11 10.65 0.16
C PHE A 581 2.93 10.61 1.43
N VAL A 582 2.33 10.94 2.56
CA VAL A 582 3.11 10.89 3.79
C VAL A 582 3.03 9.51 4.42
N PRO A 583 4.01 9.21 5.28
CA PRO A 583 4.02 7.93 6.00
C PRO A 583 2.75 7.82 6.85
N LEU A 584 2.08 6.67 6.87
CA LEU A 584 0.86 6.56 7.64
C LEU A 584 0.64 5.13 8.14
N GLU A 585 0.51 4.98 9.45
CA GLU A 585 0.29 3.68 10.09
C GLU A 585 -0.90 3.75 11.06
N VAL A 586 -1.72 2.70 11.08
CA VAL A 586 -2.85 2.64 11.99
C VAL A 586 -2.26 2.50 13.39
N TYR A 587 -1.42 1.48 13.57
CA TYR A 587 -0.74 1.28 14.84
C TYR A 587 0.76 1.19 14.53
N THR A 588 1.60 1.76 15.37
CA THR A 588 3.04 1.68 15.14
C THR A 588 3.49 0.45 15.88
N ARG A 589 4.69 -0.03 15.54
CA ARG A 589 5.21 -1.23 16.17
C ARG A 589 5.32 -1.01 17.68
N HIS A 590 5.48 0.24 18.08
CA HIS A 590 5.55 0.54 19.52
C HIS A 590 4.20 0.37 20.21
N GLU A 591 3.13 0.77 19.55
CA GLU A 591 1.79 0.62 20.12
C GLU A 591 1.47 -0.86 20.28
N ILE A 592 1.86 -1.64 19.27
CA ILE A 592 1.63 -3.07 19.29
C ILE A 592 2.39 -3.75 20.42
N LYS A 593 3.60 -3.29 20.67
CA LYS A 593 4.40 -3.87 21.74
C LYS A 593 3.73 -3.57 23.06
N ASP A 594 3.17 -2.37 23.16
CA ASP A 594 2.52 -1.93 24.38
C ASP A 594 1.14 -2.53 24.54
N SER A 595 0.59 -3.11 23.48
CA SER A 595 -0.73 -3.69 23.56
C SER A 595 -0.78 -4.84 24.56
N GLY A 596 0.35 -5.50 24.77
CA GLY A 596 0.42 -6.60 25.72
C GLY A 596 0.29 -6.09 27.15
N LEU A 597 -0.54 -6.76 27.95
CA LEU A 597 -0.75 -6.34 29.33
C LEU A 597 0.55 -6.32 30.11
N LEU A 598 1.26 -7.44 30.10
CA LEU A 598 2.54 -7.53 30.80
C LEU A 598 3.64 -7.81 29.79
N ASP A 599 4.79 -7.20 30.03
CA ASP A 599 5.96 -7.39 29.16
C ASP A 599 6.97 -8.18 29.99
N TYR A 600 7.26 -9.41 29.56
CA TYR A 600 8.18 -10.26 30.29
C TYR A 600 9.55 -9.62 30.53
N THR A 601 10.12 -9.01 29.49
CA THR A 601 11.44 -8.37 29.60
C THR A 601 11.39 -7.30 30.69
N GLU A 602 10.39 -6.43 30.60
CA GLU A 602 10.20 -5.36 31.58
C GLU A 602 10.08 -5.90 32.99
N VAL A 603 9.21 -6.90 33.16
CA VAL A 603 8.98 -7.51 34.46
C VAL A 603 10.27 -8.09 35.04
N GLN A 604 10.99 -8.87 34.24
CA GLN A 604 12.25 -9.46 34.70
C GLN A 604 13.27 -8.40 35.00
N ARG A 605 13.39 -7.43 34.09
CA ARG A 605 14.35 -6.34 34.26
C ARG A 605 14.18 -5.72 35.63
N ARG A 606 12.94 -5.37 35.96
CA ARG A 606 12.62 -4.74 37.24
C ARG A 606 12.79 -5.67 38.47
N ASN A 607 12.23 -6.88 38.38
CA ASN A 607 12.30 -7.83 39.49
C ASN A 607 13.74 -8.17 39.85
N GLN A 608 14.56 -8.41 38.84
CA GLN A 608 15.93 -8.79 39.10
C GLN A 608 16.77 -7.65 39.68
N LEU A 609 16.20 -6.45 39.77
CA LEU A 609 16.90 -5.30 40.34
C LEU A 609 16.57 -5.17 41.83
N HIS A 610 15.70 -6.03 42.31
CA HIS A 610 15.28 -5.97 43.71
C HIS A 610 16.40 -5.96 44.73
N ASP A 611 17.31 -6.92 44.64
CA ASP A 611 18.40 -6.99 45.60
C ASP A 611 19.32 -5.79 45.53
N LEU A 612 19.50 -5.26 44.34
CA LEU A 612 20.35 -4.10 44.16
C LEU A 612 19.71 -2.85 44.72
N ARG A 613 18.38 -2.82 44.73
CA ARG A 613 17.67 -1.66 45.24
C ARG A 613 17.36 -1.66 46.74
N PHE A 614 16.96 -2.80 47.29
CA PHE A 614 16.60 -2.84 48.71
C PHE A 614 17.46 -3.68 49.65
N ALA A 615 18.59 -4.17 49.15
CA ALA A 615 19.46 -4.98 50.00
C ALA A 615 20.93 -4.74 49.68
N ASP A 616 21.80 -5.23 50.55
CA ASP A 616 23.22 -5.10 50.33
C ASP A 616 23.71 -6.42 49.75
N ILE A 617 24.32 -6.32 48.58
CA ILE A 617 24.83 -7.49 47.86
C ILE A 617 26.29 -7.79 48.19
N ASP A 618 26.99 -6.84 48.83
CA ASP A 618 28.41 -7.06 49.07
C ASP A 618 28.86 -7.27 50.50
N THR A 619 28.30 -6.52 51.44
CA THR A 619 28.72 -6.64 52.83
C THR A 619 28.68 -8.04 53.42
N VAL A 620 29.79 -8.43 54.03
CA VAL A 620 29.88 -9.73 54.68
C VAL A 620 30.04 -9.49 56.17
N ILE A 621 29.27 -10.22 56.96
CA ILE A 621 29.34 -10.06 58.41
C ILE A 621 29.95 -11.29 59.06
N HIS A 622 30.85 -11.06 60.02
CA HIS A 622 31.51 -12.12 60.76
C HIS A 622 31.64 -11.65 62.20
N ALA A 623 31.42 -12.54 63.15
CA ALA A 623 31.51 -12.20 64.56
C ALA A 623 31.83 -13.41 65.43
N THR B 7 -32.45 18.54 -35.50
CA THR B 7 -32.46 19.12 -36.87
C THR B 7 -33.20 20.46 -36.88
N ASP B 8 -33.18 21.13 -38.03
CA ASP B 8 -33.84 22.42 -38.19
C ASP B 8 -34.53 22.45 -39.56
N ALA B 9 -35.66 21.75 -39.66
CA ALA B 9 -36.42 21.70 -40.91
C ALA B 9 -37.18 23.01 -41.10
N ASN B 10 -36.63 24.08 -40.50
CA ASN B 10 -37.18 25.42 -40.57
C ASN B 10 -36.54 26.07 -41.81
N PHE B 11 -37.29 26.89 -42.53
CA PHE B 11 -36.75 27.54 -43.72
C PHE B 11 -36.18 28.94 -43.42
N TYR B 12 -35.40 29.47 -44.33
CA TYR B 12 -34.81 30.79 -44.10
C TYR B 12 -34.73 31.63 -45.34
N VAL B 13 -34.88 32.90 -45.12
CA VAL B 13 -34.73 33.89 -46.18
C VAL B 13 -33.52 34.72 -45.74
N CYS B 14 -32.58 34.96 -46.64
CA CYS B 14 -31.40 35.71 -46.23
C CYS B 14 -31.15 36.97 -47.04
N PRO B 15 -31.62 38.12 -46.54
CA PRO B 15 -31.45 39.40 -47.22
C PRO B 15 -29.96 39.63 -47.47
N PRO B 16 -29.61 40.29 -48.58
CA PRO B 16 -28.20 40.54 -48.86
C PRO B 16 -27.58 41.25 -47.66
N PRO B 17 -26.42 40.79 -47.20
CA PRO B 17 -25.77 41.43 -46.05
C PRO B 17 -25.30 42.84 -46.40
N THR B 18 -25.34 43.73 -45.42
CA THR B 18 -24.87 45.09 -45.63
C THR B 18 -23.67 45.25 -44.72
N GLY B 19 -22.85 46.26 -45.00
CA GLY B 19 -21.67 46.48 -44.17
C GLY B 19 -22.04 46.59 -42.70
N ALA B 20 -23.34 46.63 -42.42
CA ALA B 20 -23.83 46.72 -41.06
C ALA B 20 -22.92 45.96 -40.10
N THR B 21 -22.81 44.66 -40.33
CA THR B 21 -21.96 43.81 -39.49
C THR B 21 -20.89 43.15 -40.33
N VAL B 22 -19.66 43.20 -39.84
CA VAL B 22 -18.52 42.60 -40.51
C VAL B 22 -17.75 41.76 -39.49
N VAL B 23 -17.22 40.62 -39.92
CA VAL B 23 -16.48 39.77 -39.00
C VAL B 23 -15.21 39.21 -39.64
N GLN B 24 -14.25 38.85 -38.80
CA GLN B 24 -12.97 38.30 -39.23
C GLN B 24 -12.74 36.98 -38.47
N PHE B 25 -11.95 36.10 -39.06
CA PHE B 25 -11.62 34.84 -38.40
C PHE B 25 -10.51 35.05 -37.40
N GLU B 26 -10.54 34.31 -36.30
CA GLU B 26 -9.48 34.41 -35.31
C GLU B 26 -8.22 33.85 -35.96
N GLN B 27 -7.08 34.46 -35.69
CA GLN B 27 -5.85 33.98 -36.28
C GLN B 27 -5.22 32.93 -35.39
N PRO B 28 -4.26 32.16 -35.91
CA PRO B 28 -3.57 31.10 -35.17
C PRO B 28 -3.21 31.43 -33.73
N ARG B 29 -3.45 30.46 -32.84
CA ARG B 29 -3.11 30.64 -31.43
C ARG B 29 -1.70 30.13 -31.21
N ARG B 30 -1.06 30.63 -30.16
CA ARG B 30 0.28 30.19 -29.84
C ARG B 30 0.08 28.87 -29.12
N CYS B 31 0.59 27.78 -29.69
CA CYS B 31 0.42 26.47 -29.07
C CYS B 31 1.35 26.28 -27.88
N PRO B 32 0.95 25.39 -26.96
CA PRO B 32 1.79 25.14 -25.78
C PRO B 32 3.07 24.48 -26.26
N THR B 33 4.07 24.43 -25.39
CA THR B 33 5.33 23.80 -25.77
C THR B 33 5.53 22.64 -24.81
N ARG B 34 6.23 21.59 -25.24
CA ARG B 34 6.49 20.44 -24.37
C ARG B 34 7.48 20.80 -23.27
N PRO B 35 7.12 20.53 -22.00
CA PRO B 35 7.98 20.81 -20.85
C PRO B 35 9.42 20.36 -21.10
N GLU B 36 10.37 21.05 -20.47
CA GLU B 36 11.78 20.72 -20.66
C GLU B 36 12.06 19.24 -20.53
N GLY B 37 11.63 18.65 -19.43
CA GLY B 37 11.88 17.24 -19.19
C GLY B 37 12.76 17.08 -17.96
N GLN B 38 12.46 16.06 -17.17
CA GLN B 38 13.20 15.78 -15.93
C GLN B 38 14.62 15.28 -16.19
N ASN B 39 15.55 15.73 -15.35
CA ASN B 39 16.94 15.31 -15.45
C ASN B 39 17.19 14.26 -14.38
N TYR B 40 17.40 13.01 -14.78
CA TYR B 40 17.66 11.94 -13.80
C TYR B 40 19.15 11.62 -13.72
N THR B 41 19.60 11.19 -12.55
CA THR B 41 20.98 10.82 -12.33
C THR B 41 21.07 9.33 -11.98
N GLU B 42 21.75 8.56 -12.82
CA GLU B 42 21.93 7.13 -12.55
C GLU B 42 22.78 6.98 -11.31
N GLY B 43 22.43 6.01 -10.47
CA GLY B 43 23.22 5.78 -9.28
C GLY B 43 22.94 4.44 -8.66
N ILE B 44 23.81 4.09 -7.72
CA ILE B 44 23.70 2.86 -6.94
C ILE B 44 23.30 3.27 -5.55
N ALA B 45 22.40 2.57 -4.92
CA ALA B 45 22.03 2.99 -3.59
C ALA B 45 21.93 1.82 -2.63
N VAL B 46 22.08 2.13 -1.39
CA VAL B 46 21.94 1.17 -0.31
C VAL B 46 21.05 1.85 0.69
N VAL B 47 19.91 1.25 1.02
CA VAL B 47 18.97 1.85 1.96
C VAL B 47 19.07 1.25 3.35
N PHE B 48 19.12 2.11 4.35
CA PHE B 48 19.21 1.67 5.73
C PHE B 48 17.95 2.05 6.50
N LYS B 49 17.67 1.26 7.53
CA LYS B 49 16.53 1.40 8.41
C LYS B 49 16.99 1.31 9.85
N GLU B 50 16.16 1.81 10.76
CA GLU B 50 16.45 1.74 12.18
C GLU B 50 16.63 0.28 12.54
N ASN B 51 17.60 0.00 13.41
CA ASN B 51 17.85 -1.37 13.79
C ASN B 51 17.03 -1.76 15.02
N ILE B 52 16.23 -2.81 14.90
CA ILE B 52 15.42 -3.23 16.03
C ILE B 52 15.92 -4.53 16.62
N ALA B 53 16.96 -5.11 16.02
CA ALA B 53 17.53 -6.34 16.50
C ALA B 53 18.48 -6.06 17.66
N PRO B 54 18.34 -6.82 18.71
CA PRO B 54 19.29 -6.64 19.80
C PRO B 54 20.73 -6.99 19.43
N TYR B 55 21.69 -6.56 20.25
CA TYR B 55 23.07 -6.91 20.02
C TYR B 55 23.22 -8.32 20.51
N LYS B 56 23.77 -9.22 19.71
CA LYS B 56 23.91 -10.61 20.12
C LYS B 56 25.38 -11.03 20.24
N PHE B 57 25.71 -11.72 21.32
CA PHE B 57 27.08 -12.18 21.51
C PHE B 57 27.10 -13.38 22.42
N LYS B 58 28.16 -14.17 22.31
CA LYS B 58 28.31 -15.38 23.11
C LYS B 58 28.89 -15.08 24.47
N ALA B 59 28.47 -15.87 25.46
CA ALA B 59 28.96 -15.72 26.82
C ALA B 59 28.99 -17.11 27.45
N THR B 60 29.67 -17.25 28.57
CA THR B 60 29.73 -18.53 29.24
C THR B 60 29.35 -18.33 30.69
N MET B 61 28.53 -19.23 31.21
CA MET B 61 28.09 -19.16 32.61
C MET B 61 28.75 -20.22 33.46
N TYR B 62 29.24 -19.81 34.62
CA TYR B 62 29.89 -20.72 35.54
C TYR B 62 29.21 -20.54 36.90
N TYR B 63 28.47 -21.55 37.31
CA TYR B 63 27.78 -21.50 38.59
C TYR B 63 27.56 -22.92 39.10
N LYS B 64 27.22 -23.04 40.36
CA LYS B 64 27.00 -24.34 40.95
C LYS B 64 25.62 -24.45 41.57
N ASP B 65 24.91 -25.51 41.23
CA ASP B 65 23.59 -25.74 41.81
C ASP B 65 23.83 -26.32 43.18
N VAL B 66 23.39 -25.61 44.20
CA VAL B 66 23.58 -26.09 45.56
C VAL B 66 22.23 -26.44 46.15
N THR B 67 22.10 -27.69 46.59
CA THR B 67 20.88 -28.17 47.20
C THR B 67 21.13 -28.85 48.52
N VAL B 68 20.26 -28.58 49.48
CA VAL B 68 20.39 -29.20 50.78
C VAL B 68 19.01 -29.67 51.18
N SER B 69 18.80 -30.98 51.06
CA SER B 69 17.53 -31.57 51.41
C SER B 69 17.50 -31.88 52.90
N GLN B 70 16.29 -31.91 53.44
CA GLN B 70 16.05 -32.27 54.82
C GLN B 70 14.97 -33.33 54.74
N VAL B 71 15.30 -34.55 55.17
CA VAL B 71 14.36 -35.64 55.13
C VAL B 71 14.17 -36.27 56.49
N TRP B 72 12.93 -36.56 56.85
CA TRP B 72 12.67 -37.21 58.11
C TRP B 72 12.34 -38.67 57.82
N PHE B 73 13.17 -39.57 58.32
CA PHE B 73 12.94 -40.99 58.09
C PHE B 73 11.99 -41.58 59.11
N GLY B 74 10.76 -41.87 58.66
CA GLY B 74 9.76 -42.45 59.54
C GLY B 74 9.76 -43.96 59.38
N HIS B 75 8.89 -44.66 60.10
CA HIS B 75 8.84 -46.10 59.98
C HIS B 75 8.19 -46.54 58.67
N ARG B 76 8.97 -47.24 57.85
CA ARG B 76 8.56 -47.73 56.54
C ARG B 76 8.60 -46.69 55.43
N TYR B 77 8.89 -45.44 55.78
CA TYR B 77 8.95 -44.39 54.77
C TYR B 77 9.86 -43.23 55.13
N SER B 78 10.02 -42.32 54.17
CA SER B 78 10.83 -41.13 54.35
C SER B 78 10.19 -40.00 53.55
N GLN B 79 10.20 -38.80 54.12
CA GLN B 79 9.58 -37.65 53.47
C GLN B 79 10.41 -36.36 53.53
N PHE B 80 10.44 -35.64 52.41
CA PHE B 80 11.18 -34.39 52.34
C PHE B 80 10.48 -33.33 53.18
N MET B 81 11.24 -32.72 54.08
CA MET B 81 10.73 -31.66 54.96
C MET B 81 11.05 -30.32 54.26
N GLY B 82 12.06 -30.36 53.40
CA GLY B 82 12.47 -29.17 52.67
C GLY B 82 13.65 -29.41 51.78
N ILE B 83 13.56 -28.89 50.55
CA ILE B 83 14.64 -29.02 49.61
C ILE B 83 15.07 -27.61 49.24
N PHE B 84 16.11 -27.13 49.91
CA PHE B 84 16.65 -25.81 49.66
C PHE B 84 17.52 -25.82 48.41
N GLU B 85 17.22 -24.92 47.47
CA GLU B 85 17.98 -24.86 46.23
C GLU B 85 18.56 -23.46 46.02
N ASP B 86 19.75 -23.40 45.45
CA ASP B 86 20.40 -22.12 45.23
C ASP B 86 21.51 -22.25 44.19
N ARG B 87 21.90 -21.13 43.61
CA ARG B 87 22.96 -21.11 42.60
C ARG B 87 24.11 -20.30 43.16
N ALA B 88 25.32 -20.82 43.00
CA ALA B 88 26.50 -20.14 43.52
C ALA B 88 27.46 -19.80 42.40
N PRO B 89 27.98 -18.57 42.41
CA PRO B 89 28.92 -18.16 41.37
C PRO B 89 30.27 -18.84 41.58
N VAL B 90 30.89 -19.29 40.49
CA VAL B 90 32.21 -19.91 40.59
C VAL B 90 33.22 -18.77 40.62
N PRO B 91 34.07 -18.72 41.67
CA PRO B 91 35.08 -17.66 41.80
C PRO B 91 36.01 -17.56 40.59
N PHE B 92 36.52 -16.36 40.33
CA PHE B 92 37.43 -16.13 39.21
C PHE B 92 38.52 -17.19 39.24
N GLU B 93 39.31 -17.17 40.31
CA GLU B 93 40.40 -18.10 40.54
C GLU B 93 40.08 -19.52 40.06
N GLU B 94 38.90 -20.02 40.43
CA GLU B 94 38.48 -21.36 40.06
C GLU B 94 38.15 -21.50 38.58
N VAL B 95 37.64 -20.43 37.98
CA VAL B 95 37.30 -20.48 36.57
C VAL B 95 38.60 -20.56 35.77
N ILE B 96 39.57 -19.78 36.22
CA ILE B 96 40.86 -19.70 35.57
C ILE B 96 41.76 -20.92 35.75
N ASP B 97 41.95 -21.35 36.99
CA ASP B 97 42.89 -22.43 37.30
C ASP B 97 42.29 -23.85 37.33
N LYS B 98 40.99 -23.98 37.54
CA LYS B 98 40.39 -25.31 37.58
C LYS B 98 39.61 -25.64 36.32
N ILE B 99 38.57 -24.87 36.08
CA ILE B 99 37.72 -25.10 34.92
C ILE B 99 38.42 -24.87 33.60
N ASN B 100 38.95 -23.66 33.39
CA ASN B 100 39.61 -23.38 32.14
C ASN B 100 40.97 -24.07 32.00
N ALA B 101 41.77 -24.04 33.05
CA ALA B 101 43.09 -24.67 33.02
C ALA B 101 43.09 -26.19 32.99
N LYS B 102 42.24 -26.82 33.80
CA LYS B 102 42.22 -28.28 33.85
C LYS B 102 40.90 -28.96 33.50
N GLY B 103 39.87 -28.19 33.20
CA GLY B 103 38.58 -28.78 32.87
C GLY B 103 37.96 -29.49 34.05
N VAL B 104 38.33 -29.05 35.26
CA VAL B 104 37.81 -29.62 36.49
C VAL B 104 37.20 -28.53 37.36
N CYS B 105 36.52 -28.93 38.42
CA CYS B 105 35.86 -27.99 39.32
C CYS B 105 35.80 -28.55 40.75
N ARG B 106 36.00 -27.68 41.74
CA ARG B 106 35.96 -28.09 43.14
C ARG B 106 34.58 -28.66 43.48
N SER B 107 34.52 -29.53 44.49
CA SER B 107 33.26 -30.13 44.89
C SER B 107 32.61 -29.29 45.97
N THR B 108 33.27 -28.17 46.30
CA THR B 108 32.75 -27.27 47.32
C THR B 108 32.28 -25.97 46.66
N ALA B 109 31.39 -25.26 47.34
CA ALA B 109 30.89 -24.00 46.83
C ALA B 109 31.00 -23.04 48.00
N LYS B 110 31.87 -22.05 47.87
CA LYS B 110 32.08 -21.06 48.91
C LYS B 110 31.69 -19.74 48.28
N TYR B 111 30.72 -19.05 48.88
CA TYR B 111 30.27 -17.80 48.29
C TYR B 111 29.49 -16.98 49.30
N VAL B 112 29.18 -15.74 48.92
CA VAL B 112 28.42 -14.86 49.79
C VAL B 112 26.93 -14.87 49.46
N ARG B 113 26.12 -15.09 50.48
CA ARG B 113 24.68 -15.11 50.34
C ARG B 113 24.09 -14.41 51.55
N ASN B 114 23.08 -13.57 51.32
CA ASN B 114 22.44 -12.85 52.40
C ASN B 114 23.44 -12.33 53.44
N ASN B 115 24.45 -11.61 52.97
CA ASN B 115 25.45 -11.02 53.86
C ASN B 115 26.21 -12.01 54.75
N LEU B 116 26.48 -13.19 54.21
CA LEU B 116 27.21 -14.20 54.96
C LEU B 116 27.96 -15.13 54.02
N GLU B 117 29.17 -15.51 54.40
CA GLU B 117 29.93 -16.42 53.57
C GLU B 117 29.53 -17.84 53.95
N THR B 118 28.96 -18.56 52.99
CA THR B 118 28.51 -19.92 53.21
C THR B 118 29.30 -20.90 52.36
N THR B 119 29.52 -22.09 52.91
CA THR B 119 30.27 -23.12 52.21
C THR B 119 29.43 -24.41 52.15
N ALA B 120 29.47 -25.07 51.01
CA ALA B 120 28.71 -26.30 50.83
C ALA B 120 29.59 -27.37 50.21
N PHE B 121 29.65 -28.53 50.86
CA PHE B 121 30.46 -29.64 50.37
C PHE B 121 29.57 -30.70 49.75
N HIS B 122 29.90 -31.08 48.53
CA HIS B 122 29.13 -32.10 47.82
C HIS B 122 29.24 -33.42 48.55
N ARG B 123 28.10 -34.03 48.85
CA ARG B 123 28.07 -35.31 49.57
C ARG B 123 28.47 -35.05 51.01
N ASP B 124 28.69 -33.77 51.32
CA ASP B 124 29.07 -33.35 52.65
C ASP B 124 30.43 -33.84 53.13
N ASP B 125 31.29 -34.29 52.22
CA ASP B 125 32.60 -34.74 52.65
C ASP B 125 33.73 -33.93 52.03
N HIS B 126 34.95 -34.18 52.50
CA HIS B 126 36.14 -33.48 52.02
C HIS B 126 36.12 -33.06 50.57
N GLU B 127 36.65 -31.87 50.31
CA GLU B 127 36.70 -31.30 48.97
C GLU B 127 37.57 -32.10 48.00
N THR B 128 37.12 -32.18 46.75
CA THR B 128 37.86 -32.89 45.73
C THR B 128 37.56 -32.28 44.37
N ASP B 129 38.55 -32.29 43.48
CA ASP B 129 38.32 -31.74 42.14
C ASP B 129 37.51 -32.74 41.35
N MET B 130 36.61 -32.25 40.50
CA MET B 130 35.79 -33.13 39.71
C MET B 130 35.81 -32.77 38.23
N GLU B 131 35.77 -33.80 37.41
CA GLU B 131 35.80 -33.67 35.96
C GLU B 131 34.46 -33.18 35.43
N LEU B 132 34.51 -32.23 34.50
CA LEU B 132 33.29 -31.70 33.89
C LEU B 132 32.96 -32.57 32.69
N LYS B 133 31.72 -33.06 32.66
CA LYS B 133 31.27 -33.95 31.59
C LYS B 133 30.10 -33.34 30.83
N PRO B 134 29.97 -33.69 29.54
CA PRO B 134 28.89 -33.18 28.69
C PRO B 134 27.53 -33.46 29.30
N ALA B 135 26.66 -32.44 29.31
CA ALA B 135 25.31 -32.61 29.83
C ALA B 135 24.58 -33.49 28.83
N ASN B 136 23.37 -33.92 29.17
CA ASN B 136 22.62 -34.79 28.26
C ASN B 136 22.05 -34.02 27.07
N ALA B 137 22.26 -34.57 25.87
CA ALA B 137 21.79 -33.94 24.64
C ALA B 137 20.35 -33.43 24.75
N ALA B 138 20.02 -32.47 23.88
CA ALA B 138 18.69 -31.88 23.84
C ALA B 138 18.58 -31.06 22.58
N THR B 139 17.46 -31.21 21.88
CA THR B 139 17.24 -30.48 20.63
C THR B 139 17.25 -28.98 20.85
N ARG B 140 17.73 -28.26 19.83
CA ARG B 140 17.80 -26.81 19.88
C ARG B 140 18.32 -26.21 21.18
N THR B 141 19.51 -26.63 21.63
CA THR B 141 20.09 -26.10 22.86
C THR B 141 21.59 -25.93 22.74
N SER B 142 22.13 -25.00 23.50
CA SER B 142 23.57 -24.75 23.49
C SER B 142 24.28 -25.88 24.23
N ARG B 143 25.60 -25.77 24.35
CA ARG B 143 26.38 -26.80 25.01
C ARG B 143 26.50 -26.59 26.51
N GLY B 144 26.45 -27.69 27.25
CA GLY B 144 26.55 -27.62 28.70
C GLY B 144 27.43 -28.71 29.25
N TRP B 145 27.92 -28.49 30.47
CA TRP B 145 28.78 -29.45 31.15
C TRP B 145 28.54 -29.35 32.64
N HIS B 146 28.63 -30.47 33.33
CA HIS B 146 28.44 -30.50 34.76
C HIS B 146 29.36 -31.54 35.38
N THR B 147 29.37 -31.61 36.71
CA THR B 147 30.24 -32.55 37.40
C THR B 147 29.47 -33.76 37.92
N THR B 148 28.35 -33.50 38.59
CA THR B 148 27.54 -34.57 39.14
C THR B 148 26.25 -34.71 38.34
N ASP B 149 25.47 -35.74 38.62
CA ASP B 149 24.22 -35.95 37.93
C ASP B 149 23.14 -36.53 38.85
N LEU B 150 23.51 -36.81 40.09
CA LEU B 150 22.56 -37.33 41.07
C LEU B 150 22.52 -36.45 42.32
N LYS B 151 21.33 -36.29 42.88
CA LYS B 151 21.19 -35.50 44.10
C LYS B 151 21.73 -36.32 45.27
N TYR B 152 22.22 -35.66 46.30
CA TYR B 152 22.74 -36.39 47.45
C TYR B 152 21.88 -36.19 48.68
N ASN B 153 21.21 -37.26 49.11
CA ASN B 153 20.35 -37.21 50.29
C ASN B 153 21.05 -37.96 51.43
N PRO B 154 20.74 -37.59 52.68
CA PRO B 154 21.35 -38.24 53.85
C PRO B 154 20.98 -39.71 54.08
N SER B 155 21.93 -40.47 54.62
CA SER B 155 21.72 -41.90 54.91
C SER B 155 20.57 -42.02 55.93
N ARG B 156 19.76 -43.07 55.79
CA ARG B 156 18.63 -43.27 56.70
C ARG B 156 19.02 -43.55 58.15
N VAL B 157 18.27 -42.93 59.05
CA VAL B 157 18.38 -43.02 60.50
C VAL B 157 17.01 -42.71 61.01
N GLU B 158 16.20 -43.73 61.26
CA GLU B 158 14.78 -43.55 61.70
C GLU B 158 14.59 -42.64 62.91
N ALA B 159 13.44 -41.95 62.90
CA ALA B 159 13.05 -41.04 63.97
C ALA B 159 13.99 -39.84 64.07
N PHE B 160 14.62 -39.51 62.95
CA PHE B 160 15.53 -38.38 62.90
C PHE B 160 15.42 -37.53 61.65
N HIS B 161 15.79 -36.26 61.80
CA HIS B 161 15.82 -35.30 60.71
C HIS B 161 17.27 -35.25 60.28
N ARG B 162 17.53 -35.39 58.98
CA ARG B 162 18.89 -35.32 58.49
C ARG B 162 19.00 -34.44 57.25
N TYR B 163 20.17 -33.87 57.04
CA TYR B 163 20.41 -33.00 55.89
C TYR B 163 21.46 -33.57 54.94
N GLY B 164 21.26 -33.34 53.64
CA GLY B 164 22.21 -33.82 52.65
C GLY B 164 22.53 -32.71 51.66
N THR B 165 23.83 -32.49 51.41
CA THR B 165 24.26 -31.43 50.51
C THR B 165 24.72 -31.93 49.14
N THR B 166 24.17 -31.30 48.10
CA THR B 166 24.50 -31.62 46.72
C THR B 166 25.15 -30.38 46.08
N VAL B 167 26.15 -30.61 45.25
CA VAL B 167 26.84 -29.52 44.58
C VAL B 167 27.18 -29.91 43.14
N ASN B 168 26.41 -29.38 42.20
CA ASN B 168 26.64 -29.68 40.81
C ASN B 168 27.22 -28.47 40.11
N CYS B 169 28.49 -28.57 39.74
CA CYS B 169 29.19 -27.51 39.07
C CYS B 169 28.69 -27.47 37.64
N ILE B 170 28.16 -26.32 37.22
CA ILE B 170 27.62 -26.20 35.88
C ILE B 170 28.27 -25.13 35.02
N VAL B 171 28.58 -25.50 33.79
CA VAL B 171 29.17 -24.60 32.82
C VAL B 171 28.27 -24.62 31.59
N GLU B 172 27.80 -23.45 31.17
CA GLU B 172 26.93 -23.36 30.01
C GLU B 172 27.32 -22.22 29.08
N GLU B 173 27.37 -22.53 27.79
CA GLU B 173 27.62 -21.53 26.77
C GLU B 173 26.23 -20.99 26.43
N VAL B 174 26.04 -19.68 26.43
CA VAL B 174 24.71 -19.15 26.13
C VAL B 174 24.71 -17.88 25.30
N ASP B 175 23.61 -17.67 24.59
CA ASP B 175 23.45 -16.48 23.77
C ASP B 175 23.16 -15.30 24.69
N ALA B 176 23.73 -14.15 24.37
CA ALA B 176 23.52 -12.95 25.16
C ALA B 176 22.95 -11.90 24.23
N ARG B 177 22.13 -11.02 24.80
CA ARG B 177 21.47 -9.97 24.03
C ARG B 177 21.49 -8.63 24.77
N SER B 178 21.55 -7.53 24.03
CA SER B 178 21.57 -6.21 24.65
C SER B 178 20.92 -5.20 23.73
N VAL B 179 20.09 -4.31 24.27
CA VAL B 179 19.45 -3.29 23.43
C VAL B 179 19.99 -1.92 23.79
N TYR B 180 19.95 -0.99 22.83
CA TYR B 180 20.43 0.37 23.03
C TYR B 180 19.81 0.86 24.33
N PRO B 181 20.58 1.63 25.14
CA PRO B 181 21.96 2.10 25.01
C PRO B 181 23.06 1.13 25.46
N TYR B 182 22.73 -0.14 25.56
CA TYR B 182 23.66 -1.20 25.95
C TYR B 182 24.33 -1.05 27.30
N ASP B 183 23.58 -0.56 28.27
CA ASP B 183 24.12 -0.41 29.62
C ASP B 183 23.85 -1.68 30.44
N GLU B 184 23.32 -2.71 29.78
CA GLU B 184 23.04 -3.97 30.45
C GLU B 184 22.73 -5.03 29.40
N PHE B 185 22.71 -6.30 29.78
CA PHE B 185 22.39 -7.35 28.81
C PHE B 185 21.77 -8.57 29.47
N VAL B 186 21.21 -9.48 28.66
CA VAL B 186 20.58 -10.68 29.20
C VAL B 186 21.16 -11.96 28.63
N LEU B 187 21.05 -13.02 29.42
CA LEU B 187 21.50 -14.34 29.03
C LEU B 187 20.27 -15.13 28.62
N ALA B 188 20.47 -16.19 27.84
CA ALA B 188 19.36 -17.02 27.37
C ALA B 188 18.59 -17.71 28.50
N THR B 189 19.13 -17.66 29.71
CA THR B 189 18.49 -18.29 30.87
C THR B 189 17.49 -17.33 31.53
N GLY B 190 17.43 -16.10 31.02
CA GLY B 190 16.52 -15.13 31.60
C GLY B 190 17.20 -14.20 32.61
N ASP B 191 18.45 -14.45 32.93
CA ASP B 191 19.16 -13.59 33.89
C ASP B 191 19.66 -12.28 33.29
N PHE B 192 19.44 -11.20 34.02
CA PHE B 192 19.92 -9.89 33.58
C PHE B 192 21.32 -9.69 34.19
N VAL B 193 22.17 -8.97 33.47
CA VAL B 193 23.48 -8.58 33.93
C VAL B 193 23.54 -7.10 33.80
N TYR B 194 23.63 -6.38 34.92
CA TYR B 194 23.57 -4.93 34.83
C TYR B 194 24.90 -4.21 34.65
N MET B 195 25.57 -4.60 33.57
CA MET B 195 26.84 -4.03 33.19
C MET B 195 26.81 -4.04 31.69
N SER B 196 27.45 -3.03 31.09
CA SER B 196 27.51 -2.94 29.64
C SER B 196 28.33 -4.08 29.08
N PRO B 197 27.93 -4.62 27.92
CA PRO B 197 28.69 -5.72 27.32
C PRO B 197 30.05 -5.13 26.90
N PHE B 198 30.13 -3.80 26.88
CA PHE B 198 31.36 -3.11 26.44
C PHE B 198 32.17 -2.53 27.58
N TYR B 199 31.84 -2.91 28.80
CA TYR B 199 32.58 -2.44 29.96
C TYR B 199 33.96 -3.09 29.93
N GLY B 200 34.97 -2.36 30.40
CA GLY B 200 36.31 -2.92 30.40
C GLY B 200 37.31 -1.95 31.00
N TYR B 201 38.59 -2.25 30.82
CA TYR B 201 39.66 -1.42 31.35
C TYR B 201 40.36 -0.70 30.20
N ARG B 202 40.54 -1.41 29.10
CA ARG B 202 41.19 -0.87 27.91
C ARG B 202 40.52 0.41 27.38
N GLU B 203 41.31 1.46 27.23
CA GLU B 203 40.90 2.77 26.71
C GLU B 203 39.45 3.20 26.81
N GLY B 204 39.13 3.98 27.85
CA GLY B 204 37.77 4.47 28.01
C GLY B 204 36.67 3.49 28.37
N SER B 205 36.90 2.20 28.16
CA SER B 205 35.90 1.18 28.50
C SER B 205 35.31 1.39 29.89
N HIS B 206 36.17 1.67 30.86
CA HIS B 206 35.73 1.87 32.25
C HIS B 206 34.66 2.95 32.34
N THR B 207 34.42 3.66 31.23
CA THR B 207 33.43 4.71 31.18
C THR B 207 32.03 4.12 31.02
N GLU B 208 31.97 2.91 30.47
CA GLU B 208 30.71 2.22 30.25
C GLU B 208 30.02 1.99 31.59
N HIS B 209 28.76 1.61 31.53
CA HIS B 209 27.99 1.38 32.73
C HIS B 209 28.23 0.04 33.44
N THR B 210 28.18 0.09 34.77
CA THR B 210 28.30 -1.09 35.61
C THR B 210 27.59 -0.80 36.92
N THR B 211 26.83 -1.77 37.43
CA THR B 211 26.12 -1.56 38.67
C THR B 211 26.76 -2.35 39.80
N TYR B 212 27.90 -2.96 39.50
CA TYR B 212 28.61 -3.78 40.47
C TYR B 212 29.92 -3.20 41.00
N ALA B 213 30.27 -3.61 42.22
CA ALA B 213 31.50 -3.18 42.86
C ALA B 213 32.65 -3.67 41.99
N ALA B 214 33.77 -2.96 42.06
CA ALA B 214 34.97 -3.26 41.28
C ALA B 214 35.50 -4.68 41.39
N ASP B 215 35.52 -5.21 42.60
CA ASP B 215 36.03 -6.56 42.84
C ASP B 215 35.18 -7.68 42.25
N ARG B 216 33.99 -7.36 41.76
CA ARG B 216 33.13 -8.38 41.15
C ARG B 216 33.50 -8.56 39.69
N PHE B 217 34.20 -7.58 39.12
CA PHE B 217 34.59 -7.67 37.71
C PHE B 217 36.07 -7.96 37.52
N LYS B 218 36.37 -8.68 36.44
CA LYS B 218 37.73 -9.02 36.12
C LYS B 218 37.92 -9.07 34.61
N GLN B 219 39.08 -8.63 34.13
CA GLN B 219 39.38 -8.67 32.71
C GLN B 219 40.76 -9.28 32.55
N VAL B 220 40.83 -10.32 31.72
CA VAL B 220 42.09 -11.00 31.49
C VAL B 220 42.51 -10.86 30.05
N ASP B 221 43.65 -10.21 29.84
CA ASP B 221 44.20 -10.01 28.49
C ASP B 221 44.90 -11.26 28.00
N GLY B 222 45.08 -11.34 26.69
CA GLY B 222 45.73 -12.50 26.10
C GLY B 222 45.22 -13.78 26.72
N PHE B 223 43.91 -13.90 26.81
CA PHE B 223 43.28 -15.07 27.40
C PHE B 223 43.02 -16.18 26.38
N TYR B 224 43.20 -17.43 26.81
CA TYR B 224 42.98 -18.59 25.96
C TYR B 224 41.94 -19.50 26.61
N ALA B 225 40.90 -19.87 25.86
CA ALA B 225 39.86 -20.75 26.40
C ALA B 225 40.06 -22.18 25.93
N ARG B 226 39.63 -23.13 26.74
CA ARG B 226 39.74 -24.56 26.41
C ARG B 226 38.37 -25.10 26.04
N ASP B 227 38.28 -25.75 24.88
CA ASP B 227 37.02 -26.30 24.42
C ASP B 227 36.86 -27.76 24.84
N LEU B 228 35.98 -28.00 25.81
CA LEU B 228 35.72 -29.33 26.33
C LEU B 228 34.88 -30.16 25.35
N THR B 235 42.28 -20.05 16.95
CA THR B 235 43.27 -20.26 18.00
C THR B 235 44.01 -18.96 18.33
N ALA B 236 43.25 -17.93 18.69
CA ALA B 236 43.84 -16.64 19.02
C ALA B 236 43.36 -16.15 20.38
N PRO B 237 44.23 -15.42 21.10
CA PRO B 237 43.93 -14.87 22.43
C PRO B 237 42.75 -13.91 22.34
N THR B 238 42.16 -13.60 23.49
CA THR B 238 41.04 -12.66 23.55
C THR B 238 41.09 -11.96 24.88
N THR B 239 40.57 -10.75 24.92
CA THR B 239 40.43 -10.07 26.18
C THR B 239 39.19 -10.63 26.81
N ARG B 240 39.34 -11.38 27.90
CA ARG B 240 38.21 -12.02 28.53
C ARG B 240 37.64 -11.29 29.73
N ASN B 241 36.36 -10.97 29.66
CA ASN B 241 35.65 -10.29 30.74
C ASN B 241 35.06 -11.36 31.66
N LEU B 242 35.08 -11.08 32.96
CA LEU B 242 34.54 -12.01 33.94
C LEU B 242 33.84 -11.28 35.06
N LEU B 243 32.52 -11.42 35.08
CA LEU B 243 31.71 -10.77 36.10
C LEU B 243 31.06 -11.81 37.00
N THR B 244 31.22 -11.65 38.30
CA THR B 244 30.64 -12.57 39.25
C THR B 244 29.49 -11.89 39.97
N THR B 245 28.28 -12.39 39.74
CA THR B 245 27.11 -11.83 40.39
C THR B 245 26.74 -12.74 41.56
N PRO B 246 25.74 -12.35 42.36
CA PRO B 246 25.32 -13.16 43.51
C PRO B 246 24.91 -14.59 43.18
N LYS B 247 24.50 -14.84 41.94
CA LYS B 247 24.07 -16.20 41.60
C LYS B 247 24.93 -16.93 40.56
N PHE B 248 25.86 -16.22 39.93
CA PHE B 248 26.73 -16.85 38.93
C PHE B 248 27.85 -15.95 38.45
N THR B 249 28.76 -16.56 37.69
CA THR B 249 29.88 -15.84 37.11
C THR B 249 29.68 -15.94 35.62
N VAL B 250 29.83 -14.84 34.91
CA VAL B 250 29.65 -14.85 33.46
C VAL B 250 30.84 -14.26 32.73
N ALA B 251 31.24 -14.92 31.65
CA ALA B 251 32.38 -14.44 30.89
C ALA B 251 32.05 -14.27 29.41
N TRP B 252 32.73 -13.33 28.77
CA TRP B 252 32.55 -13.07 27.36
C TRP B 252 33.78 -12.35 26.81
N ASP B 253 34.00 -12.42 25.50
CA ASP B 253 35.15 -11.78 24.88
C ASP B 253 34.88 -10.31 24.61
N TRP B 254 35.64 -9.45 25.28
CA TRP B 254 35.47 -8.01 25.13
C TRP B 254 35.86 -7.46 23.76
N VAL B 255 34.99 -6.61 23.21
CA VAL B 255 35.22 -5.94 21.93
C VAL B 255 34.73 -4.50 22.11
N PRO B 256 35.35 -3.55 21.39
CA PRO B 256 34.95 -2.15 21.50
C PRO B 256 33.51 -1.89 21.03
N LYS B 257 32.84 -0.95 21.70
CA LYS B 257 31.47 -0.59 21.39
C LYS B 257 31.25 -0.20 19.92
N ARG B 258 31.99 0.80 19.42
CA ARG B 258 31.80 1.43 18.08
C ARG B 258 31.98 0.61 16.78
N PRO B 259 33.01 -0.22 16.71
CA PRO B 259 33.06 -1.09 15.52
C PRO B 259 32.25 -2.37 15.66
N SER B 260 31.43 -2.41 16.72
CA SER B 260 30.65 -3.60 16.99
C SER B 260 29.14 -3.41 16.81
N VAL B 261 28.59 -2.37 17.41
CA VAL B 261 27.15 -2.12 17.32
C VAL B 261 26.75 -1.07 16.28
N CYS B 262 25.45 -1.05 15.96
CA CYS B 262 24.91 -0.10 15.00
C CYS B 262 23.43 0.13 15.24
N THR B 263 23.01 1.40 15.16
CA THR B 263 21.60 1.73 15.35
C THR B 263 20.85 1.68 14.02
N MET B 264 21.52 1.20 12.98
CA MET B 264 20.91 1.08 11.66
C MET B 264 21.21 -0.30 11.09
N THR B 265 20.41 -0.69 10.11
CA THR B 265 20.55 -1.97 9.45
C THR B 265 20.42 -1.82 7.95
N LYS B 266 21.30 -2.47 7.20
CA LYS B 266 21.22 -2.41 5.74
C LYS B 266 19.88 -3.06 5.40
N TRP B 267 19.10 -2.46 4.51
CA TRP B 267 17.79 -3.03 4.16
C TRP B 267 17.70 -3.39 2.69
N GLN B 268 17.97 -2.43 1.82
CA GLN B 268 17.90 -2.71 0.38
C GLN B 268 19.15 -2.27 -0.38
N GLU B 269 19.55 -3.11 -1.34
CA GLU B 269 20.63 -2.85 -2.25
C GLU B 269 19.99 -2.57 -3.58
N VAL B 270 20.20 -1.37 -4.12
CA VAL B 270 19.56 -1.01 -5.37
C VAL B 270 20.54 -0.70 -6.50
N ASP B 271 20.53 -1.52 -7.55
CA ASP B 271 21.40 -1.32 -8.70
C ASP B 271 21.12 0.01 -9.38
N GLU B 272 19.87 0.21 -9.78
CA GLU B 272 19.47 1.43 -10.47
C GLU B 272 18.57 2.36 -9.67
N MET B 273 19.19 3.32 -9.01
CA MET B 273 18.46 4.29 -8.22
C MET B 273 18.62 5.64 -8.89
N LEU B 274 17.55 6.09 -9.55
CA LEU B 274 17.59 7.37 -10.22
C LEU B 274 17.37 8.47 -9.22
N ARG B 275 18.07 9.58 -9.40
CA ARG B 275 17.91 10.70 -8.51
C ARG B 275 17.59 11.92 -9.35
N SER B 276 16.70 12.76 -8.84
CA SER B 276 16.29 13.97 -9.55
C SER B 276 15.94 15.05 -8.53
N GLU B 277 16.17 16.31 -8.90
CA GLU B 277 15.86 17.41 -8.02
C GLU B 277 14.49 17.92 -8.42
N TYR B 278 13.67 18.28 -7.46
CA TYR B 278 12.34 18.73 -7.79
C TYR B 278 11.72 19.54 -6.66
N GLY B 279 11.47 20.81 -6.94
CA GLY B 279 10.88 21.70 -5.96
C GLY B 279 11.58 21.76 -4.60
N GLY B 280 12.91 21.80 -4.61
CA GLY B 280 13.65 21.88 -3.35
C GLY B 280 13.96 20.58 -2.63
N SER B 281 13.84 19.45 -3.32
CA SER B 281 14.13 18.17 -2.69
C SER B 281 14.58 17.14 -3.72
N PHE B 282 15.19 16.08 -3.24
CA PHE B 282 15.61 15.02 -4.16
C PHE B 282 14.56 13.91 -4.15
N ARG B 283 14.38 13.29 -5.31
CA ARG B 283 13.49 12.16 -5.45
C ARG B 283 14.40 10.97 -5.82
N PHE B 284 14.39 9.92 -5.00
CA PHE B 284 15.18 8.73 -5.31
C PHE B 284 14.23 7.59 -5.66
N SER B 285 14.17 7.23 -6.93
CA SER B 285 13.27 6.18 -7.36
C SER B 285 13.95 4.92 -7.86
N SER B 286 13.40 3.78 -7.45
CA SER B 286 13.88 2.48 -7.85
C SER B 286 12.80 1.69 -8.56
N ASP B 287 13.02 1.45 -9.84
CA ASP B 287 12.09 0.70 -10.66
C ASP B 287 11.98 -0.73 -10.14
N ALA B 288 13.10 -1.26 -9.65
CA ALA B 288 13.18 -2.63 -9.14
C ALA B 288 12.27 -2.93 -7.94
N ILE B 289 12.26 -2.05 -6.95
CA ILE B 289 11.40 -2.29 -5.80
C ILE B 289 10.19 -1.34 -5.78
N SER B 290 9.92 -0.70 -6.91
CA SER B 290 8.79 0.24 -7.04
C SER B 290 8.66 1.20 -5.87
N THR B 291 9.75 1.90 -5.55
CA THR B 291 9.76 2.83 -4.43
C THR B 291 10.39 4.17 -4.79
N THR B 292 9.85 5.24 -4.21
CA THR B 292 10.37 6.59 -4.41
C THR B 292 10.54 7.28 -3.04
N PHE B 293 11.78 7.59 -2.70
CA PHE B 293 12.08 8.25 -1.43
C PHE B 293 12.27 9.75 -1.67
N THR B 294 12.05 10.52 -0.61
CA THR B 294 12.12 11.97 -0.68
C THR B 294 13.03 12.51 0.42
N THR B 295 13.94 13.39 0.06
CA THR B 295 14.88 13.94 1.03
C THR B 295 15.16 15.41 0.74
N ASN B 296 15.82 16.08 1.66
CA ASN B 296 16.18 17.48 1.43
C ASN B 296 17.40 17.42 0.51
N LEU B 297 17.82 18.57 -0.03
CA LEU B 297 18.97 18.61 -0.93
C LEU B 297 20.31 18.51 -0.19
N THR B 298 20.33 18.84 1.09
CA THR B 298 21.55 18.78 1.89
C THR B 298 21.83 17.40 2.51
N GLU B 299 23.01 16.85 2.25
CA GLU B 299 23.39 15.56 2.79
C GLU B 299 23.19 15.52 4.30
N TYR B 300 23.04 14.31 4.83
CA TYR B 300 22.88 14.13 6.27
C TYR B 300 24.28 13.78 6.76
N PRO B 301 24.76 14.43 7.82
CA PRO B 301 26.11 14.12 8.34
C PRO B 301 26.11 12.73 8.97
N LEU B 302 26.76 11.78 8.32
CA LEU B 302 26.81 10.42 8.82
C LEU B 302 27.28 10.33 10.27
N SER B 303 28.16 11.26 10.66
CA SER B 303 28.69 11.29 12.01
C SER B 303 27.64 11.70 13.03
N ARG B 304 26.50 12.20 12.55
CA ARG B 304 25.45 12.62 13.48
C ARG B 304 24.64 11.41 13.93
N VAL B 305 24.73 10.32 13.17
CA VAL B 305 24.03 9.09 13.50
C VAL B 305 24.63 8.46 14.74
N ASP B 306 23.88 8.47 15.84
CA ASP B 306 24.33 7.88 17.08
C ASP B 306 24.77 6.44 16.85
N LEU B 307 26.05 6.17 17.03
CA LEU B 307 26.58 4.83 16.83
C LEU B 307 26.07 4.20 15.55
N GLY B 308 26.52 4.70 14.41
CA GLY B 308 26.11 4.14 13.13
C GLY B 308 27.31 3.72 12.33
N ASP B 309 28.35 3.28 13.03
CA ASP B 309 29.59 2.89 12.38
C ASP B 309 29.50 1.77 11.37
N CYS B 310 28.33 1.23 11.15
CA CYS B 310 28.20 0.14 10.17
C CYS B 310 27.76 0.63 8.80
N ILE B 311 27.11 1.79 8.77
CA ILE B 311 26.60 2.35 7.55
C ILE B 311 27.66 2.58 6.47
N GLY B 312 28.66 3.40 6.80
CA GLY B 312 29.71 3.68 5.84
C GLY B 312 30.33 2.38 5.33
N LYS B 313 30.65 1.50 6.28
CA LYS B 313 31.24 0.20 5.95
C LYS B 313 30.35 -0.56 4.97
N ASP B 314 29.16 -0.94 5.44
CA ASP B 314 28.19 -1.67 4.63
C ASP B 314 27.88 -1.10 3.25
N ALA B 315 27.73 0.23 3.17
CA ALA B 315 27.41 0.83 1.89
C ALA B 315 28.56 0.70 0.90
N ARG B 316 29.77 0.96 1.37
CA ARG B 316 30.95 0.87 0.52
C ARG B 316 31.07 -0.56 0.03
N ASP B 317 30.96 -1.49 0.98
CA ASP B 317 31.02 -2.91 0.66
C ASP B 317 30.03 -3.26 -0.44
N ALA B 318 28.75 -2.92 -0.22
CA ALA B 318 27.74 -3.24 -1.22
C ALA B 318 27.94 -2.45 -2.48
N MET B 319 28.24 -1.17 -2.31
CA MET B 319 28.45 -0.27 -3.44
C MET B 319 29.51 -0.72 -4.44
N ASP B 320 30.68 -1.14 -3.95
CA ASP B 320 31.73 -1.60 -4.86
C ASP B 320 31.34 -2.92 -5.53
N ARG B 321 30.78 -3.83 -4.74
CA ARG B 321 30.35 -5.12 -5.24
C ARG B 321 29.35 -5.00 -6.38
N ILE B 322 28.57 -3.93 -6.38
CA ILE B 322 27.58 -3.72 -7.44
C ILE B 322 28.20 -3.01 -8.64
N PHE B 323 29.05 -2.03 -8.35
CA PHE B 323 29.70 -1.28 -9.41
C PHE B 323 30.40 -2.29 -10.32
N ALA B 324 31.21 -3.14 -9.70
CA ALA B 324 31.95 -4.15 -10.43
C ALA B 324 31.01 -5.02 -11.24
N ARG B 325 30.16 -5.76 -10.54
CA ARG B 325 29.21 -6.66 -11.18
C ARG B 325 28.38 -6.03 -12.30
N ARG B 326 28.27 -4.70 -12.36
CA ARG B 326 27.38 -4.16 -13.39
C ARG B 326 27.77 -2.82 -14.07
N TYR B 327 28.64 -1.99 -13.47
CA TYR B 327 28.91 -0.72 -14.15
C TYR B 327 30.36 -0.45 -14.50
N ASN B 328 31.28 -1.20 -13.90
CA ASN B 328 32.71 -1.02 -14.14
C ASN B 328 33.06 -0.89 -15.63
N ALA B 329 32.23 -1.50 -16.48
CA ALA B 329 32.48 -1.47 -17.91
C ALA B 329 31.65 -0.50 -18.72
N THR B 330 30.75 0.26 -18.09
CA THR B 330 29.92 1.19 -18.85
C THR B 330 29.74 2.58 -18.23
N HIS B 331 30.10 2.72 -16.96
CA HIS B 331 29.93 3.98 -16.25
C HIS B 331 31.13 4.28 -15.38
N ILE B 332 31.13 5.47 -14.80
CA ILE B 332 32.19 5.89 -13.92
C ILE B 332 31.57 6.48 -12.66
N LYS B 333 32.19 6.26 -11.51
CA LYS B 333 31.66 6.84 -10.28
C LYS B 333 31.93 8.34 -10.36
N VAL B 334 30.96 9.14 -9.97
CA VAL B 334 31.12 10.58 -10.00
C VAL B 334 31.18 11.13 -8.59
N GLY B 335 32.37 11.10 -8.00
CA GLY B 335 32.54 11.62 -6.66
C GLY B 335 32.43 10.57 -5.57
N GLN B 336 32.34 11.05 -4.34
CA GLN B 336 32.24 10.19 -3.18
C GLN B 336 30.78 9.88 -2.88
N PRO B 337 30.50 8.70 -2.30
CA PRO B 337 29.13 8.33 -1.97
C PRO B 337 28.53 9.40 -1.06
N GLN B 338 27.27 9.72 -1.28
CA GLN B 338 26.60 10.74 -0.49
C GLN B 338 25.53 10.09 0.39
N TYR B 339 25.16 10.77 1.46
CA TYR B 339 24.15 10.24 2.35
C TYR B 339 23.02 11.21 2.56
N TYR B 340 21.80 10.68 2.45
CA TYR B 340 20.58 11.46 2.61
C TYR B 340 19.52 10.78 3.48
N GLN B 341 18.82 11.59 4.26
CA GLN B 341 17.77 11.14 5.16
C GLN B 341 16.43 11.21 4.41
N ALA B 342 15.76 10.08 4.20
CA ALA B 342 14.47 10.13 3.49
C ALA B 342 13.30 10.22 4.47
N ASN B 343 12.16 10.70 3.98
CA ASN B 343 10.98 10.77 4.84
C ASN B 343 10.66 9.31 5.17
N GLY B 344 10.23 9.05 6.40
CA GLY B 344 9.94 7.69 6.83
C GLY B 344 11.06 7.16 7.71
N GLY B 345 12.17 7.90 7.76
CA GLY B 345 13.29 7.49 8.56
C GLY B 345 14.21 6.52 7.85
N PHE B 346 14.41 6.70 6.55
CA PHE B 346 15.32 5.84 5.79
C PHE B 346 16.60 6.58 5.41
N LEU B 347 17.75 5.99 5.73
CA LEU B 347 19.03 6.61 5.38
C LEU B 347 19.49 6.00 4.07
N ILE B 348 19.67 6.85 3.07
CA ILE B 348 20.10 6.38 1.77
C ILE B 348 21.57 6.72 1.46
N ALA B 349 22.34 5.70 1.16
CA ALA B 349 23.73 5.82 0.74
C ALA B 349 23.65 5.86 -0.79
N TYR B 350 24.19 6.91 -1.41
CA TYR B 350 24.08 7.06 -2.84
C TYR B 350 25.40 7.32 -3.57
N GLN B 351 25.61 6.58 -4.66
CA GLN B 351 26.80 6.69 -5.49
C GLN B 351 26.45 7.06 -6.93
N PRO B 352 26.59 8.34 -7.28
CA PRO B 352 26.29 8.80 -8.63
C PRO B 352 27.13 8.09 -9.68
N LEU B 353 26.60 7.99 -10.88
CA LEU B 353 27.31 7.34 -11.97
C LEU B 353 27.16 8.17 -13.22
N LEU B 354 27.72 7.67 -14.30
CA LEU B 354 27.68 8.34 -15.58
C LEU B 354 28.21 7.39 -16.64
N SER B 355 27.46 7.22 -17.71
CA SER B 355 27.87 6.33 -18.78
C SER B 355 29.09 6.88 -19.50
N ASN B 356 29.89 5.98 -20.06
CA ASN B 356 31.09 6.36 -20.79
C ASN B 356 30.66 7.15 -22.01
N THR B 357 29.47 6.83 -22.53
CA THR B 357 28.90 7.48 -23.70
C THR B 357 29.20 8.98 -23.69
N LEU B 358 29.33 9.55 -22.50
CA LEU B 358 29.65 10.97 -22.37
C LEU B 358 31.10 11.23 -22.76
N ALA B 359 32.01 10.52 -22.10
CA ALA B 359 33.44 10.65 -22.35
C ALA B 359 33.78 10.26 -23.79
N SER B 389 24.21 17.92 17.30
CA SER B 389 23.87 16.91 18.28
C SER B 389 23.71 15.54 17.61
N VAL B 390 24.05 14.48 18.34
CA VAL B 390 23.95 13.12 17.82
C VAL B 390 22.58 12.55 18.18
N GLU B 391 21.96 11.84 17.24
CA GLU B 391 20.64 11.26 17.48
C GLU B 391 20.40 9.93 16.78
N ARG B 392 19.32 9.26 17.17
CA ARG B 392 18.94 7.99 16.57
C ARG B 392 17.83 8.15 15.55
N ILE B 393 18.00 7.52 14.39
CA ILE B 393 16.98 7.59 13.36
C ILE B 393 15.85 6.57 13.65
N LYS B 394 14.62 7.04 13.59
CA LYS B 394 13.44 6.19 13.81
C LYS B 394 12.81 5.89 12.46
N THR B 395 12.51 4.62 12.21
CA THR B 395 11.93 4.22 10.92
C THR B 395 10.51 3.70 11.01
N THR B 396 9.70 4.04 10.02
CA THR B 396 8.33 3.57 9.97
C THR B 396 8.30 2.11 9.51
N SER B 397 7.35 1.33 10.04
CA SER B 397 7.25 -0.07 9.64
C SER B 397 6.53 -0.23 8.33
N SER B 398 5.98 0.86 7.80
CA SER B 398 5.26 0.82 6.54
C SER B 398 5.94 1.59 5.38
N ILE B 399 6.29 0.87 4.33
CA ILE B 399 6.95 1.46 3.16
C ILE B 399 5.92 1.86 2.12
N GLU B 400 4.64 1.58 2.39
CA GLU B 400 3.60 1.87 1.42
C GLU B 400 3.53 3.29 0.86
N PHE B 401 3.72 4.30 1.68
CA PHE B 401 3.65 5.66 1.16
C PHE B 401 4.60 5.80 -0.04
N ALA B 402 5.85 5.33 0.12
CA ALA B 402 6.85 5.43 -0.94
C ALA B 402 6.52 4.64 -2.21
N ARG B 403 5.80 3.51 -2.07
CA ARG B 403 5.44 2.72 -3.24
C ARG B 403 4.26 3.38 -3.94
N LEU B 404 3.40 4.01 -3.14
CA LEU B 404 2.26 4.72 -3.71
C LEU B 404 2.84 5.92 -4.43
N GLN B 405 3.83 6.56 -3.82
CA GLN B 405 4.46 7.74 -4.43
C GLN B 405 5.02 7.34 -5.81
N PHE B 406 5.79 6.27 -5.84
CA PHE B 406 6.39 5.77 -7.08
C PHE B 406 5.32 5.46 -8.13
N THR B 407 4.27 4.79 -7.70
CA THR B 407 3.22 4.38 -8.64
C THR B 407 2.48 5.56 -9.23
N TYR B 408 2.13 6.49 -8.34
CA TYR B 408 1.42 7.69 -8.73
C TYR B 408 2.28 8.54 -9.65
N ASN B 409 3.52 8.79 -9.22
CA ASN B 409 4.43 9.60 -10.05
C ASN B 409 4.52 9.03 -11.44
N HIS B 410 4.63 7.72 -11.50
CA HIS B 410 4.79 7.05 -12.79
C HIS B 410 3.61 7.23 -13.75
N ILE B 411 2.41 7.05 -13.22
CA ILE B 411 1.24 7.19 -14.06
C ILE B 411 1.04 8.66 -14.41
N GLN B 412 1.26 9.51 -13.41
CA GLN B 412 1.09 10.95 -13.59
C GLN B 412 1.97 11.43 -14.73
N ARG B 413 3.25 11.11 -14.65
CA ARG B 413 4.20 11.49 -15.69
C ARG B 413 3.68 11.02 -17.06
N HIS B 414 3.31 9.76 -17.15
CA HIS B 414 2.81 9.26 -18.43
C HIS B 414 1.56 9.97 -18.95
N VAL B 415 0.55 10.17 -18.10
CA VAL B 415 -0.66 10.82 -18.60
C VAL B 415 -0.44 12.29 -18.92
N ASN B 416 0.31 13.00 -18.08
CA ASN B 416 0.55 14.40 -18.41
C ASN B 416 1.32 14.50 -19.72
N ASP B 417 2.31 13.64 -19.92
CA ASP B 417 3.09 13.64 -21.15
C ASP B 417 2.19 13.38 -22.36
N MET B 418 1.46 12.25 -22.39
CA MET B 418 0.61 11.98 -23.55
C MET B 418 -0.55 12.97 -23.79
N LEU B 419 -1.25 13.36 -22.72
CA LEU B 419 -2.36 14.29 -22.92
C LEU B 419 -1.78 15.65 -23.29
N GLY B 420 -0.57 15.92 -22.82
CA GLY B 420 0.08 17.17 -23.14
C GLY B 420 0.37 17.18 -24.62
N ARG B 421 0.79 16.04 -25.16
CA ARG B 421 1.05 15.99 -26.59
C ARG B 421 -0.25 16.12 -27.38
N VAL B 422 -1.34 15.58 -26.83
CA VAL B 422 -2.62 15.66 -27.55
C VAL B 422 -3.02 17.14 -27.67
N ALA B 423 -2.83 17.88 -26.59
CA ALA B 423 -3.18 19.30 -26.55
C ALA B 423 -2.42 20.09 -27.61
N ILE B 424 -1.11 19.87 -27.65
CA ILE B 424 -0.28 20.55 -28.64
C ILE B 424 -0.72 20.17 -30.04
N ALA B 425 -0.95 18.89 -30.24
CA ALA B 425 -1.35 18.47 -31.57
C ALA B 425 -2.73 19.05 -31.92
N TRP B 426 -3.60 19.21 -30.92
CA TRP B 426 -4.93 19.73 -31.20
C TRP B 426 -4.83 21.16 -31.67
N CYS B 427 -4.07 21.95 -30.92
CA CYS B 427 -3.85 23.35 -31.23
C CYS B 427 -3.27 23.49 -32.62
N GLU B 428 -2.25 22.69 -32.92
CA GLU B 428 -1.62 22.72 -34.23
C GLU B 428 -2.63 22.42 -35.31
N LEU B 429 -3.41 21.36 -35.12
CA LEU B 429 -4.42 21.04 -36.14
C LEU B 429 -5.41 22.19 -36.34
N GLN B 430 -5.87 22.83 -35.25
CA GLN B 430 -6.82 23.93 -35.40
C GLN B 430 -6.21 25.08 -36.21
N ASN B 431 -4.96 25.41 -35.91
CA ASN B 431 -4.29 26.49 -36.62
C ASN B 431 -4.22 26.14 -38.09
N HIS B 432 -3.81 24.91 -38.34
CA HIS B 432 -3.64 24.34 -39.67
C HIS B 432 -4.96 24.45 -40.46
N GLU B 433 -6.06 24.07 -39.80
CA GLU B 433 -7.40 24.07 -40.40
C GLU B 433 -7.85 25.43 -40.94
N LEU B 434 -7.42 26.50 -40.28
CA LEU B 434 -7.82 27.84 -40.68
C LEU B 434 -7.63 28.08 -42.16
N THR B 435 -6.55 27.52 -42.71
CA THR B 435 -6.22 27.66 -44.10
C THR B 435 -7.35 27.12 -44.97
N LEU B 436 -7.91 25.97 -44.57
CA LEU B 436 -8.98 25.35 -45.33
C LEU B 436 -10.26 26.21 -45.24
N TRP B 437 -10.54 26.74 -44.06
CA TRP B 437 -11.72 27.58 -43.87
C TRP B 437 -11.62 28.89 -44.66
N ASN B 438 -10.41 29.39 -44.84
CA ASN B 438 -10.23 30.62 -45.59
C ASN B 438 -10.65 30.36 -47.03
N GLU B 439 -10.45 29.15 -47.52
CA GLU B 439 -10.86 28.85 -48.88
C GLU B 439 -12.35 28.50 -48.98
N ALA B 440 -12.86 27.74 -48.01
CA ALA B 440 -14.28 27.37 -48.00
C ALA B 440 -15.16 28.61 -47.94
N ARG B 441 -14.80 29.58 -47.11
CA ARG B 441 -15.61 30.80 -46.97
C ARG B 441 -15.80 31.54 -48.28
N LYS B 442 -14.91 31.35 -49.23
CA LYS B 442 -15.05 32.01 -50.51
C LYS B 442 -16.04 31.25 -51.38
N LEU B 443 -16.05 29.93 -51.28
CA LEU B 443 -16.96 29.13 -52.09
C LEU B 443 -18.41 29.17 -51.60
N ASN B 444 -18.58 29.26 -50.29
CA ASN B 444 -19.93 29.26 -49.73
C ASN B 444 -19.98 30.11 -48.47
N PRO B 445 -19.92 31.43 -48.60
CA PRO B 445 -19.96 32.31 -47.42
C PRO B 445 -21.11 32.12 -46.42
N ASN B 446 -22.33 31.90 -46.90
CA ASN B 446 -23.46 31.70 -46.00
C ASN B 446 -23.23 30.53 -45.06
N ALA B 447 -22.92 29.37 -45.64
CA ALA B 447 -22.69 28.15 -44.86
C ALA B 447 -21.50 28.26 -43.91
N ILE B 448 -20.37 28.76 -44.39
CA ILE B 448 -19.22 28.87 -43.49
C ILE B 448 -19.50 29.88 -42.40
N ALA B 449 -20.11 31.01 -42.76
CA ALA B 449 -20.43 32.03 -41.77
C ALA B 449 -21.44 31.48 -40.75
N SER B 450 -22.47 30.77 -41.22
CA SER B 450 -23.46 30.23 -40.30
C SER B 450 -22.85 29.30 -39.27
N VAL B 451 -21.90 28.49 -39.73
CA VAL B 451 -21.21 27.57 -38.86
C VAL B 451 -20.39 28.34 -37.84
N THR B 452 -19.63 29.32 -38.32
CA THR B 452 -18.76 30.12 -37.46
C THR B 452 -19.49 31.11 -36.55
N VAL B 453 -20.54 31.74 -37.06
CA VAL B 453 -21.29 32.70 -36.27
C VAL B 453 -22.14 32.00 -35.21
N GLY B 454 -22.60 30.80 -35.52
CA GLY B 454 -23.42 30.07 -34.56
C GLY B 454 -24.90 30.09 -34.86
N ARG B 455 -25.29 30.71 -35.95
CA ARG B 455 -26.69 30.77 -36.34
C ARG B 455 -26.80 31.00 -37.84
N ARG B 456 -27.96 30.72 -38.43
CA ARG B 456 -28.13 30.91 -39.87
C ARG B 456 -27.99 32.38 -40.23
N VAL B 457 -27.01 32.68 -41.07
CA VAL B 457 -26.80 34.06 -41.49
C VAL B 457 -26.55 34.18 -42.97
N SER B 458 -26.51 35.42 -43.42
CA SER B 458 -26.26 35.70 -44.82
C SER B 458 -24.85 36.26 -44.82
N ALA B 459 -24.07 36.00 -45.87
CA ALA B 459 -22.71 36.53 -45.88
C ALA B 459 -22.14 36.75 -47.27
N ARG B 460 -21.13 37.61 -47.31
CA ARG B 460 -20.42 37.91 -48.54
C ARG B 460 -19.11 38.60 -48.17
N MET B 461 -18.08 38.35 -48.96
CA MET B 461 -16.79 38.93 -48.70
C MET B 461 -16.77 40.39 -49.14
N LEU B 462 -16.36 41.28 -48.25
CA LEU B 462 -16.19 42.71 -48.52
C LEU B 462 -14.69 42.89 -48.44
N GLY B 463 -13.98 42.18 -49.30
CA GLY B 463 -12.53 42.25 -49.30
C GLY B 463 -11.93 41.06 -48.59
N ASP B 464 -11.38 41.32 -47.40
CA ASP B 464 -10.74 40.28 -46.63
C ASP B 464 -11.49 40.03 -45.34
N VAL B 465 -12.59 40.72 -45.17
CA VAL B 465 -13.42 40.55 -44.00
C VAL B 465 -14.76 40.08 -44.55
N MET B 466 -15.68 39.70 -43.67
CA MET B 466 -16.95 39.17 -44.11
C MET B 466 -18.14 39.94 -43.53
N ALA B 467 -19.03 40.41 -44.40
CA ALA B 467 -20.23 41.11 -43.92
C ALA B 467 -21.29 40.04 -43.68
N VAL B 468 -22.05 40.17 -42.60
CA VAL B 468 -23.09 39.20 -42.30
C VAL B 468 -24.41 39.85 -41.85
N SER B 469 -25.50 39.11 -42.04
CA SER B 469 -26.82 39.58 -41.65
C SER B 469 -27.65 38.35 -41.35
N THR B 470 -28.40 38.40 -40.24
CA THR B 470 -29.22 37.27 -39.85
C THR B 470 -30.25 36.98 -40.93
N CYS B 471 -30.72 35.74 -40.99
CA CYS B 471 -31.73 35.35 -41.96
C CYS B 471 -33.02 35.26 -41.17
N VAL B 472 -34.16 35.32 -41.86
CA VAL B 472 -35.44 35.20 -41.17
C VAL B 472 -36.08 33.85 -41.42
N PRO B 473 -36.56 33.19 -40.34
CA PRO B 473 -37.22 31.88 -40.38
C PRO B 473 -38.55 31.93 -41.10
N VAL B 474 -38.91 30.83 -41.73
CA VAL B 474 -40.16 30.72 -42.45
C VAL B 474 -40.70 29.32 -42.24
N ALA B 475 -41.89 29.26 -41.65
CA ALA B 475 -42.57 27.99 -41.35
C ALA B 475 -42.72 27.11 -42.58
N ALA B 476 -42.42 25.83 -42.41
CA ALA B 476 -42.52 24.87 -43.51
C ALA B 476 -43.88 24.88 -44.19
N ASP B 477 -44.93 25.06 -43.41
CA ASP B 477 -46.28 25.08 -43.97
C ASP B 477 -46.55 26.30 -44.82
N ASN B 478 -45.63 27.26 -44.80
CA ASN B 478 -45.81 28.47 -45.62
C ASN B 478 -44.97 28.43 -46.87
N VAL B 479 -44.46 27.26 -47.23
CA VAL B 479 -43.63 27.11 -48.42
C VAL B 479 -44.22 26.14 -49.41
N ILE B 480 -44.39 26.57 -50.65
CA ILE B 480 -44.95 25.73 -51.69
C ILE B 480 -43.98 25.53 -52.85
N VAL B 481 -43.72 24.28 -53.21
CA VAL B 481 -42.82 24.01 -54.33
C VAL B 481 -43.62 23.76 -55.59
N GLN B 482 -43.28 24.51 -56.63
CA GLN B 482 -43.97 24.44 -57.91
C GLN B 482 -43.60 23.22 -58.73
N ASN B 483 -44.54 22.80 -59.58
CA ASN B 483 -44.36 21.63 -60.42
C ASN B 483 -43.30 21.77 -61.50
N SER B 484 -43.12 22.98 -62.03
CA SER B 484 -42.19 23.13 -63.14
C SER B 484 -40.89 23.92 -62.89
N MET B 485 -39.84 23.41 -63.50
CA MET B 485 -38.51 24.01 -63.44
C MET B 485 -38.17 24.53 -64.83
N ARG B 486 -39.07 24.30 -65.78
CA ARG B 486 -38.84 24.76 -67.15
C ARG B 486 -39.34 26.19 -67.33
N ILE B 487 -38.91 26.82 -68.41
CA ILE B 487 -39.30 28.18 -68.71
C ILE B 487 -39.90 28.22 -70.10
N SER B 488 -41.23 28.20 -70.19
CA SER B 488 -41.89 28.24 -71.49
C SER B 488 -41.52 29.54 -72.18
N SER B 489 -41.34 30.59 -71.38
CA SER B 489 -40.98 31.92 -71.87
C SER B 489 -39.89 31.79 -72.93
N ARG B 490 -38.80 31.13 -72.56
CA ARG B 490 -37.67 30.93 -73.47
C ARG B 490 -37.32 29.46 -73.58
N PRO B 491 -37.79 28.80 -74.65
CA PRO B 491 -37.53 27.38 -74.90
C PRO B 491 -36.06 27.05 -74.76
N GLY B 492 -35.76 25.85 -74.25
CA GLY B 492 -34.39 25.44 -74.08
C GLY B 492 -33.77 25.84 -72.75
N ALA B 493 -34.31 26.89 -72.14
CA ALA B 493 -33.80 27.36 -70.85
C ALA B 493 -34.63 26.83 -69.68
N CYS B 494 -33.95 26.26 -68.70
CA CYS B 494 -34.59 25.68 -67.53
C CYS B 494 -33.99 26.25 -66.24
N TYR B 495 -34.76 26.24 -65.15
CA TYR B 495 -34.20 26.71 -63.89
C TYR B 495 -33.33 25.56 -63.39
N SER B 496 -32.27 25.87 -62.66
CA SER B 496 -31.37 24.85 -62.17
C SER B 496 -31.85 24.25 -60.85
N ARG B 497 -32.60 25.04 -60.11
CA ARG B 497 -33.17 24.63 -58.82
C ARG B 497 -34.68 24.91 -58.85
N PRO B 498 -35.41 24.26 -57.98
CA PRO B 498 -36.89 24.42 -57.87
C PRO B 498 -37.45 25.83 -57.54
N LEU B 499 -38.59 26.17 -58.16
CA LEU B 499 -39.26 27.43 -57.88
C LEU B 499 -40.17 27.23 -56.68
N VAL B 500 -40.40 28.30 -55.93
CA VAL B 500 -41.25 28.25 -54.77
C VAL B 500 -42.11 29.49 -54.60
N SER B 501 -43.02 29.42 -53.65
CA SER B 501 -43.92 30.50 -53.29
C SER B 501 -44.09 30.32 -51.80
N PHE B 502 -43.99 31.42 -51.06
CA PHE B 502 -44.11 31.33 -49.61
C PHE B 502 -44.59 32.65 -49.01
N ARG B 503 -44.69 32.67 -47.68
CA ARG B 503 -45.14 33.85 -46.96
C ARG B 503 -44.47 33.86 -45.59
N TYR B 504 -44.06 35.04 -45.13
CA TYR B 504 -43.42 35.13 -43.83
C TYR B 504 -44.38 34.86 -42.68
N GLU B 505 -45.62 35.27 -42.85
CA GLU B 505 -46.64 35.08 -41.83
C GLU B 505 -47.77 34.22 -42.38
N ASP B 506 -48.40 33.44 -41.51
CA ASP B 506 -49.49 32.55 -41.90
C ASP B 506 -50.66 33.27 -42.60
N GLN B 507 -50.74 34.58 -42.42
CA GLN B 507 -51.80 35.36 -43.03
C GLN B 507 -51.25 36.24 -44.15
N GLY B 508 -49.93 36.42 -44.14
CA GLY B 508 -49.28 37.26 -45.12
C GLY B 508 -49.46 36.86 -46.58
N PRO B 509 -49.00 37.73 -47.50
CA PRO B 509 -49.06 37.57 -48.96
C PRO B 509 -48.10 36.47 -49.44
N LEU B 510 -48.37 35.94 -50.63
CA LEU B 510 -47.53 34.88 -51.19
C LEU B 510 -46.39 35.49 -52.00
N VAL B 511 -45.16 35.14 -51.62
CA VAL B 511 -43.98 35.64 -52.31
C VAL B 511 -43.31 34.54 -53.13
N GLU B 512 -42.93 34.86 -54.36
CA GLU B 512 -42.29 33.85 -55.20
C GLU B 512 -40.77 33.98 -55.20
N GLY B 513 -40.10 32.82 -55.22
CA GLY B 513 -38.65 32.79 -55.22
C GLY B 513 -38.12 31.48 -55.79
N GLN B 514 -36.93 31.10 -55.37
CA GLN B 514 -36.31 29.88 -55.84
C GLN B 514 -35.67 29.19 -54.65
N LEU B 515 -35.64 27.86 -54.69
CA LEU B 515 -35.08 27.09 -53.60
C LEU B 515 -33.55 27.01 -53.62
N GLY B 516 -32.94 27.47 -52.53
CA GLY B 516 -31.50 27.43 -52.42
C GLY B 516 -31.08 26.17 -51.68
N GLU B 517 -29.85 26.13 -51.21
CA GLU B 517 -29.36 24.96 -50.48
C GLU B 517 -29.71 25.07 -49.02
N ASN B 518 -29.72 23.95 -48.33
CA ASN B 518 -30.06 23.88 -46.91
C ASN B 518 -31.31 24.72 -46.57
N ASN B 519 -32.37 24.52 -47.33
CA ASN B 519 -33.64 25.20 -47.13
C ASN B 519 -33.65 26.72 -47.21
N GLU B 520 -32.72 27.29 -47.93
CA GLU B 520 -32.70 28.74 -48.08
C GLU B 520 -33.70 29.09 -49.18
N LEU B 521 -34.46 30.15 -48.97
CA LEU B 521 -35.42 30.60 -49.97
C LEU B 521 -34.84 31.83 -50.63
N ARG B 522 -34.49 31.71 -51.90
CA ARG B 522 -33.90 32.82 -52.63
C ARG B 522 -34.98 33.69 -53.23
N LEU B 523 -34.90 34.99 -52.95
CA LEU B 523 -35.89 35.95 -53.43
C LEU B 523 -35.83 36.20 -54.93
N THR B 524 -34.78 35.72 -55.58
CA THR B 524 -34.65 35.91 -57.01
C THR B 524 -34.68 34.57 -57.70
N ARG B 525 -35.30 34.53 -58.87
CA ARG B 525 -35.37 33.31 -59.67
C ARG B 525 -34.39 33.44 -60.85
N ASP B 526 -33.10 33.44 -60.52
CA ASP B 526 -32.07 33.58 -61.54
C ASP B 526 -31.34 32.28 -61.86
N ALA B 527 -31.10 31.46 -60.86
CA ALA B 527 -30.41 30.17 -61.05
C ALA B 527 -31.00 29.43 -62.26
N ILE B 528 -30.31 29.51 -63.40
CA ILE B 528 -30.79 28.88 -64.62
C ILE B 528 -29.70 28.09 -65.31
N GLU B 529 -30.09 27.31 -66.32
CA GLU B 529 -29.18 26.47 -67.06
C GLU B 529 -29.89 26.01 -68.33
N PRO B 530 -29.17 25.30 -69.22
CA PRO B 530 -29.75 24.81 -70.47
C PRO B 530 -30.51 23.50 -70.21
N CYS B 531 -31.78 23.45 -70.60
CA CYS B 531 -32.57 22.23 -70.38
C CYS B 531 -31.81 21.05 -70.96
N THR B 532 -31.77 19.95 -70.21
CA THR B 532 -31.04 18.76 -70.62
C THR B 532 -31.89 17.50 -70.61
N VAL B 533 -31.37 16.46 -71.26
CA VAL B 533 -32.05 15.18 -71.32
C VAL B 533 -31.69 14.38 -70.09
N GLY B 534 -32.60 13.51 -69.65
CA GLY B 534 -32.33 12.70 -68.48
C GLY B 534 -32.05 13.58 -67.27
N HIS B 535 -33.00 14.45 -66.95
CA HIS B 535 -32.86 15.34 -65.81
C HIS B 535 -33.31 14.65 -64.52
N ARG B 536 -32.36 14.47 -63.59
CA ARG B 536 -32.64 13.83 -62.31
C ARG B 536 -32.05 14.65 -61.17
N ARG B 537 -32.88 15.05 -60.21
CA ARG B 537 -32.41 15.85 -59.09
C ARG B 537 -33.06 15.59 -57.75
N TYR B 538 -32.26 15.71 -56.70
CA TYR B 538 -32.72 15.58 -55.33
C TYR B 538 -32.33 16.90 -54.66
N PHE B 539 -33.32 17.63 -54.14
CA PHE B 539 -33.04 18.89 -53.47
C PHE B 539 -33.44 18.83 -52.01
N THR B 540 -32.60 19.38 -51.15
CA THR B 540 -32.92 19.41 -49.73
C THR B 540 -34.22 20.20 -49.60
N PHE B 541 -35.17 19.64 -48.88
CA PHE B 541 -36.45 20.30 -48.70
C PHE B 541 -37.05 19.87 -47.38
N GLY B 542 -37.05 20.80 -46.42
CA GLY B 542 -37.57 20.50 -45.11
C GLY B 542 -36.60 19.55 -44.44
N GLY B 543 -37.10 18.38 -44.03
CA GLY B 543 -36.26 17.39 -43.39
C GLY B 543 -35.93 16.23 -44.31
N GLY B 544 -36.26 16.37 -45.59
CA GLY B 544 -35.98 15.32 -46.55
C GLY B 544 -35.59 15.92 -47.88
N TYR B 545 -36.00 15.30 -48.97
CA TYR B 545 -35.69 15.82 -50.28
C TYR B 545 -36.93 15.86 -51.17
N VAL B 546 -36.92 16.75 -52.12
CA VAL B 546 -37.95 16.83 -53.11
C VAL B 546 -37.26 16.37 -54.38
N TYR B 547 -37.83 15.37 -55.05
CA TYR B 547 -37.22 14.82 -56.25
C TYR B 547 -37.86 15.35 -57.52
N PHE B 548 -37.01 15.67 -58.50
CA PHE B 548 -37.44 16.18 -59.79
C PHE B 548 -36.86 15.32 -60.90
N GLU B 549 -37.61 15.20 -61.98
CA GLU B 549 -37.16 14.42 -63.12
C GLU B 549 -37.71 15.15 -64.33
N GLU B 550 -36.85 15.40 -65.31
CA GLU B 550 -37.25 16.11 -66.53
C GLU B 550 -37.86 17.48 -66.20
N TYR B 551 -37.30 18.13 -65.19
CA TYR B 551 -37.76 19.45 -64.77
C TYR B 551 -39.22 19.49 -64.32
N ALA B 552 -39.65 18.43 -63.66
CA ALA B 552 -41.01 18.35 -63.15
C ALA B 552 -40.98 17.76 -61.75
N TYR B 553 -41.79 18.33 -60.86
CA TYR B 553 -41.87 17.84 -59.49
C TYR B 553 -42.39 16.42 -59.56
N SER B 554 -41.79 15.53 -58.77
CA SER B 554 -42.20 14.14 -58.74
C SER B 554 -42.74 13.78 -57.38
N HIS B 555 -41.94 13.98 -56.35
CA HIS B 555 -42.37 13.64 -55.00
C HIS B 555 -41.33 14.00 -53.96
N GLN B 556 -41.75 13.91 -52.70
CA GLN B 556 -40.87 14.18 -51.59
C GLN B 556 -40.47 12.83 -51.01
N LEU B 557 -39.46 12.83 -50.15
CA LEU B 557 -38.99 11.59 -49.54
C LEU B 557 -38.22 11.88 -48.26
N SER B 558 -38.01 10.83 -47.48
CA SER B 558 -37.25 10.93 -46.24
C SER B 558 -35.78 10.68 -46.61
N ARG B 559 -34.86 11.13 -45.76
CA ARG B 559 -33.44 10.91 -46.02
C ARG B 559 -33.17 9.40 -45.95
N ALA B 560 -34.09 8.67 -45.31
CA ALA B 560 -33.97 7.22 -45.16
C ALA B 560 -33.96 6.49 -46.49
N ASP B 561 -34.43 7.15 -47.55
CA ASP B 561 -34.45 6.53 -48.88
C ASP B 561 -33.11 6.66 -49.60
N ILE B 562 -32.22 7.44 -49.02
CA ILE B 562 -30.91 7.62 -49.64
C ILE B 562 -29.90 6.95 -48.72
N THR B 563 -28.94 6.25 -49.29
CA THR B 563 -27.95 5.59 -48.45
C THR B 563 -26.99 6.66 -47.91
N THR B 564 -26.62 6.49 -46.65
CA THR B 564 -25.76 7.42 -45.96
C THR B 564 -24.31 6.96 -45.88
N VAL B 565 -23.38 7.88 -46.14
CA VAL B 565 -21.95 7.62 -46.01
C VAL B 565 -21.50 8.71 -45.05
N SER B 566 -20.50 8.41 -44.23
CA SER B 566 -20.05 9.38 -43.24
C SER B 566 -18.68 9.99 -43.55
N THR B 567 -18.49 11.25 -43.14
CA THR B 567 -17.23 11.94 -43.33
C THR B 567 -16.55 11.96 -41.99
N PHE B 568 -17.25 11.46 -40.98
CA PHE B 568 -16.73 11.45 -39.62
C PHE B 568 -15.84 10.26 -39.33
N ILE B 569 -14.80 10.51 -38.52
CA ILE B 569 -13.90 9.46 -38.10
C ILE B 569 -14.32 9.11 -36.70
N ASP B 570 -14.54 7.84 -36.46
CA ASP B 570 -14.96 7.42 -35.14
C ASP B 570 -13.90 7.47 -34.07
N LEU B 571 -14.38 7.58 -32.83
CA LEU B 571 -13.53 7.63 -31.65
C LEU B 571 -14.40 7.20 -30.49
N ASN B 572 -14.19 5.98 -30.01
CA ASN B 572 -14.98 5.46 -28.90
C ASN B 572 -14.26 5.47 -27.57
N ILE B 573 -14.43 6.58 -26.84
CA ILE B 573 -13.81 6.73 -25.54
C ILE B 573 -14.80 6.29 -24.48
N THR B 574 -14.35 5.53 -23.50
CA THR B 574 -15.23 5.09 -22.43
C THR B 574 -14.56 5.42 -21.12
N MET B 575 -15.36 5.62 -20.09
CA MET B 575 -14.83 5.97 -18.79
C MET B 575 -14.24 4.79 -18.05
N LEU B 576 -13.31 5.16 -17.21
CA LEU B 576 -12.71 4.19 -16.31
C LEU B 576 -13.73 4.03 -15.20
N GLU B 577 -14.25 2.84 -14.95
CA GLU B 577 -15.29 2.72 -13.92
C GLU B 577 -14.82 2.69 -12.47
N ASP B 578 -15.77 2.99 -11.58
CA ASP B 578 -15.52 2.99 -10.14
C ASP B 578 -15.06 1.63 -9.67
N HIS B 579 -14.22 1.64 -8.65
CA HIS B 579 -13.74 0.39 -8.09
C HIS B 579 -13.61 0.58 -6.60
N GLU B 580 -13.97 -0.42 -5.83
CA GLU B 580 -13.87 -0.29 -4.39
C GLU B 580 -12.84 -1.23 -3.80
N PHE B 581 -12.01 -0.70 -2.90
CA PHE B 581 -10.98 -1.50 -2.25
C PHE B 581 -11.40 -1.85 -0.84
N VAL B 582 -11.50 -3.14 -0.57
CA VAL B 582 -11.90 -3.55 0.76
C VAL B 582 -10.69 -3.79 1.64
N PRO B 583 -10.85 -3.62 2.96
CA PRO B 583 -9.71 -3.86 3.84
C PRO B 583 -9.22 -5.27 3.55
N LEU B 584 -7.91 -5.48 3.66
CA LEU B 584 -7.35 -6.79 3.39
C LEU B 584 -6.01 -7.00 4.11
N GLU B 585 -5.95 -8.01 4.98
CA GLU B 585 -4.74 -8.33 5.74
C GLU B 585 -4.35 -9.80 5.56
N VAL B 586 -3.06 -10.09 5.57
CA VAL B 586 -2.61 -11.48 5.45
C VAL B 586 -2.80 -12.13 6.82
N TYR B 587 -2.31 -11.46 7.85
CA TYR B 587 -2.45 -11.94 9.23
C TYR B 587 -2.91 -10.75 10.05
N THR B 588 -3.87 -10.96 10.94
CA THR B 588 -4.38 -9.87 11.78
C THR B 588 -3.50 -9.79 13.01
N ARG B 589 -3.58 -8.66 13.72
CA ARG B 589 -2.75 -8.50 14.90
C ARG B 589 -3.03 -9.64 15.89
N HIS B 590 -4.24 -10.19 15.83
CA HIS B 590 -4.60 -11.28 16.73
C HIS B 590 -3.90 -12.59 16.37
N GLU B 591 -3.86 -12.90 15.09
CA GLU B 591 -3.18 -14.10 14.65
C GLU B 591 -1.71 -14.00 15.06
N ILE B 592 -1.16 -12.81 14.90
CA ILE B 592 0.23 -12.55 15.24
C ILE B 592 0.41 -12.72 16.75
N LYS B 593 -0.48 -12.10 17.53
CA LYS B 593 -0.39 -12.22 18.98
C LYS B 593 -0.46 -13.70 19.35
N ASP B 594 -1.26 -14.45 18.62
CA ASP B 594 -1.41 -15.87 18.89
C ASP B 594 -0.32 -16.76 18.30
N SER B 595 0.50 -16.22 17.40
CA SER B 595 1.56 -17.04 16.81
C SER B 595 2.58 -17.52 17.85
N GLY B 596 2.60 -16.87 19.01
CA GLY B 596 3.54 -17.25 20.06
C GLY B 596 3.11 -18.40 20.94
N LEU B 597 3.92 -19.46 20.97
CA LEU B 597 3.63 -20.65 21.75
C LEU B 597 3.11 -20.36 23.15
N LEU B 598 3.85 -19.55 23.90
CA LEU B 598 3.41 -19.21 25.25
C LEU B 598 3.20 -17.70 25.41
N ASP B 599 2.14 -17.34 26.11
CA ASP B 599 1.82 -15.94 26.36
C ASP B 599 2.02 -15.66 27.84
N TYR B 600 3.11 -14.95 28.15
CA TYR B 600 3.46 -14.60 29.52
C TYR B 600 2.32 -14.03 30.33
N THR B 601 1.55 -13.10 29.74
CA THR B 601 0.44 -12.50 30.45
C THR B 601 -0.60 -13.58 30.79
N GLU B 602 -0.94 -14.42 29.81
CA GLU B 602 -1.92 -15.47 30.04
C GLU B 602 -1.48 -16.43 31.14
N VAL B 603 -0.23 -16.89 31.03
CA VAL B 603 0.33 -17.81 32.00
C VAL B 603 0.34 -17.22 33.40
N GLN B 604 0.69 -15.95 33.53
CA GLN B 604 0.71 -15.32 34.85
C GLN B 604 -0.68 -15.15 35.43
N ARG B 605 -1.62 -14.79 34.56
CA ARG B 605 -3.00 -14.58 34.98
C ARG B 605 -3.55 -15.88 35.57
N ARG B 606 -3.38 -16.97 34.82
CA ARG B 606 -3.86 -18.27 35.25
C ARG B 606 -3.14 -18.76 36.51
N ASN B 607 -1.82 -18.89 36.42
CA ASN B 607 -1.03 -19.37 37.53
C ASN B 607 -1.23 -18.63 38.84
N GLN B 608 -1.52 -17.34 38.76
CA GLN B 608 -1.70 -16.57 39.98
C GLN B 608 -3.10 -16.68 40.55
N LEU B 609 -3.99 -17.41 39.87
CA LEU B 609 -5.34 -17.59 40.35
C LEU B 609 -5.44 -18.88 41.16
N HIS B 610 -4.36 -19.65 41.11
CA HIS B 610 -4.28 -20.94 41.78
C HIS B 610 -4.89 -20.99 43.19
N ASP B 611 -4.47 -20.08 44.05
CA ASP B 611 -4.97 -20.07 45.43
C ASP B 611 -6.45 -19.74 45.56
N LEU B 612 -6.92 -18.77 44.79
CA LEU B 612 -8.32 -18.40 44.84
C LEU B 612 -9.16 -19.54 44.29
N ARG B 613 -8.54 -20.42 43.51
CA ARG B 613 -9.25 -21.54 42.92
C ARG B 613 -9.20 -22.80 43.77
N PHE B 614 -8.01 -23.30 44.03
CA PHE B 614 -7.84 -24.53 44.78
C PHE B 614 -7.48 -24.42 46.27
N ALA B 615 -7.64 -23.25 46.87
CA ALA B 615 -7.30 -23.14 48.29
C ALA B 615 -8.01 -22.00 48.99
N ASP B 616 -8.04 -22.06 50.32
CA ASP B 616 -8.70 -21.05 51.13
C ASP B 616 -7.64 -20.03 51.54
N ILE B 617 -8.00 -18.75 51.48
CA ILE B 617 -7.06 -17.70 51.81
C ILE B 617 -7.41 -16.86 53.03
N ASP B 618 -8.67 -16.88 53.46
CA ASP B 618 -9.05 -16.06 54.61
C ASP B 618 -9.17 -16.80 55.94
N THR B 619 -9.34 -18.11 55.91
CA THR B 619 -9.48 -18.89 57.13
C THR B 619 -8.21 -18.97 57.99
N VAL B 620 -8.30 -18.45 59.21
CA VAL B 620 -7.19 -18.47 60.16
C VAL B 620 -7.44 -19.56 61.21
N ILE B 621 -7.03 -20.77 60.89
CA ILE B 621 -7.21 -21.93 61.75
C ILE B 621 -6.85 -21.75 63.22
N HIS B 622 -5.81 -20.95 63.49
CA HIS B 622 -5.35 -20.71 64.86
C HIS B 622 -4.48 -21.87 65.34
N THR C 7 0.74 1.86 -51.46
CA THR C 7 0.00 2.47 -52.61
C THR C 7 -0.99 1.49 -53.21
N ASP C 8 -1.75 1.95 -54.20
CA ASP C 8 -2.74 1.12 -54.87
C ASP C 8 -2.17 0.36 -56.05
N ALA C 9 -1.39 1.04 -56.89
CA ALA C 9 -0.79 0.42 -58.06
C ALA C 9 -1.87 -0.28 -58.88
N ASN C 10 -2.73 0.50 -59.49
CA ASN C 10 -3.83 -0.03 -60.29
C ASN C 10 -4.56 1.15 -60.92
N PHE C 11 -4.88 1.05 -62.21
CA PHE C 11 -5.58 2.13 -62.89
C PHE C 11 -7.08 1.92 -62.87
N TYR C 12 -7.83 2.99 -63.11
CA TYR C 12 -9.28 2.87 -63.11
C TYR C 12 -10.00 3.60 -64.20
N VAL C 13 -11.00 2.92 -64.71
CA VAL C 13 -11.90 3.49 -65.71
C VAL C 13 -13.17 3.76 -64.92
N CYS C 14 -13.70 4.97 -64.97
CA CYS C 14 -14.91 5.25 -64.21
C CYS C 14 -16.08 5.68 -65.07
N PRO C 15 -16.98 4.73 -65.37
CA PRO C 15 -18.17 5.01 -66.19
C PRO C 15 -19.02 6.11 -65.57
N PRO C 16 -19.73 6.87 -66.40
CA PRO C 16 -20.58 7.95 -65.88
C PRO C 16 -21.58 7.37 -64.89
N PRO C 17 -21.73 8.03 -63.72
CA PRO C 17 -22.68 7.49 -62.75
C PRO C 17 -24.12 7.69 -63.20
N THR C 18 -24.97 6.72 -62.88
CA THR C 18 -26.39 6.78 -63.19
C THR C 18 -27.08 6.82 -61.84
N GLY C 19 -28.27 7.38 -61.78
CA GLY C 19 -28.99 7.45 -60.54
C GLY C 19 -29.01 6.12 -59.80
N ALA C 20 -28.66 5.05 -60.51
CA ALA C 20 -28.61 3.71 -59.94
C ALA C 20 -28.34 3.77 -58.45
N THR C 21 -27.28 4.48 -58.07
CA THR C 21 -26.92 4.60 -56.67
C THR C 21 -26.66 6.05 -56.31
N VAL C 22 -27.31 6.50 -55.24
CA VAL C 22 -27.17 7.87 -54.77
C VAL C 22 -26.83 7.82 -53.29
N VAL C 23 -26.03 8.78 -52.82
CA VAL C 23 -25.64 8.80 -51.42
C VAL C 23 -25.68 10.20 -50.85
N GLN C 24 -25.72 10.29 -49.54
CA GLN C 24 -25.76 11.57 -48.86
C GLN C 24 -24.79 11.50 -47.69
N PHE C 25 -24.32 12.65 -47.21
CA PHE C 25 -23.42 12.65 -46.06
C PHE C 25 -24.20 12.59 -44.74
N GLU C 26 -23.65 11.92 -43.73
CA GLU C 26 -24.29 11.84 -42.44
C GLU C 26 -24.28 13.24 -41.84
N GLN C 27 -25.38 13.65 -41.20
CA GLN C 27 -25.43 14.98 -40.61
C GLN C 27 -24.80 15.02 -39.23
N PRO C 28 -24.55 16.23 -38.69
CA PRO C 28 -23.94 16.32 -37.36
C PRO C 28 -24.51 15.40 -36.28
N ARG C 29 -23.64 14.80 -35.48
CA ARG C 29 -24.07 13.91 -34.42
C ARG C 29 -24.18 14.73 -33.17
N ARG C 30 -25.08 14.33 -32.28
CA ARG C 30 -25.24 15.05 -31.02
C ARG C 30 -24.06 14.66 -30.16
N CYS C 31 -23.32 15.66 -29.72
CA CYS C 31 -22.15 15.40 -28.92
C CYS C 31 -22.46 15.18 -27.46
N PRO C 32 -21.63 14.38 -26.79
CA PRO C 32 -21.84 14.09 -25.37
C PRO C 32 -21.73 15.40 -24.61
N THR C 33 -22.20 15.41 -23.38
CA THR C 33 -22.14 16.60 -22.56
C THR C 33 -21.26 16.27 -21.36
N ARG C 34 -20.64 17.29 -20.77
CA ARG C 34 -19.79 17.04 -19.62
C ARG C 34 -20.65 16.71 -18.41
N PRO C 35 -20.31 15.62 -17.70
CA PRO C 35 -21.05 15.19 -16.51
C PRO C 35 -21.22 16.37 -15.55
N GLU C 36 -22.23 16.31 -14.70
CA GLU C 36 -22.50 17.40 -13.77
C GLU C 36 -21.27 17.85 -12.98
N GLY C 37 -20.61 16.91 -12.31
CA GLY C 37 -19.44 17.27 -11.53
C GLY C 37 -19.75 17.06 -10.06
N GLN C 38 -18.89 16.32 -9.36
CA GLN C 38 -19.10 16.03 -7.95
C GLN C 38 -19.11 17.23 -7.02
N ASN C 39 -20.05 17.19 -6.07
CA ASN C 39 -20.21 18.24 -5.07
C ASN C 39 -19.50 17.81 -3.78
N TYR C 40 -18.55 18.61 -3.32
CA TYR C 40 -17.82 18.29 -2.11
C TYR C 40 -18.10 19.26 -0.97
N THR C 41 -18.32 18.71 0.23
CA THR C 41 -18.55 19.51 1.42
C THR C 41 -17.23 19.65 2.19
N GLU C 42 -16.81 20.88 2.45
CA GLU C 42 -15.59 21.10 3.21
C GLU C 42 -15.94 20.78 4.66
N GLY C 43 -14.98 20.27 5.41
CA GLY C 43 -15.24 19.95 6.79
C GLY C 43 -13.98 19.61 7.56
N ILE C 44 -14.12 19.54 8.84
CA ILE C 44 -13.01 19.16 9.71
C ILE C 44 -13.32 17.77 10.19
N ALA C 45 -12.31 16.93 10.33
CA ALA C 45 -12.57 15.57 10.79
C ALA C 45 -11.55 15.11 11.81
N VAL C 46 -11.98 14.13 12.57
CA VAL C 46 -11.13 13.48 13.55
C VAL C 46 -11.44 12.02 13.41
N VAL C 47 -10.41 11.20 13.16
CA VAL C 47 -10.59 9.79 12.96
C VAL C 47 -10.15 9.03 14.19
N PHE C 48 -10.96 8.06 14.61
CA PHE C 48 -10.64 7.28 15.78
C PHE C 48 -10.50 5.85 15.39
N LYS C 49 -9.71 5.11 16.15
CA LYS C 49 -9.44 3.71 15.92
C LYS C 49 -9.66 2.94 17.22
N GLU C 50 -9.79 1.63 17.10
CA GLU C 50 -9.94 0.78 18.26
C GLU C 50 -8.70 0.95 19.16
N ASN C 51 -8.91 1.16 20.44
CA ASN C 51 -7.77 1.32 21.36
C ASN C 51 -7.18 -0.03 21.77
N ILE C 52 -5.89 -0.21 21.55
CA ILE C 52 -5.24 -1.46 21.92
C ILE C 52 -4.31 -1.22 23.09
N ALA C 53 -4.29 0.03 23.56
CA ALA C 53 -3.46 0.40 24.70
C ALA C 53 -4.20 0.09 25.99
N PRO C 54 -3.52 -0.50 26.98
CA PRO C 54 -4.20 -0.79 28.24
C PRO C 54 -4.44 0.49 29.01
N TYR C 55 -5.36 0.40 29.96
CA TYR C 55 -5.62 1.52 30.85
C TYR C 55 -4.42 1.60 31.77
N LYS C 56 -3.88 2.81 31.98
CA LYS C 56 -2.71 2.93 32.83
C LYS C 56 -2.94 3.92 33.96
N PHE C 57 -2.50 3.55 35.16
CA PHE C 57 -2.63 4.42 36.31
C PHE C 57 -1.57 4.05 37.32
N LYS C 58 -1.26 4.98 38.22
CA LYS C 58 -0.25 4.72 39.22
C LYS C 58 -0.82 4.05 40.46
N ALA C 59 0.01 3.25 41.11
CA ALA C 59 -0.36 2.52 42.32
C ALA C 59 0.85 2.48 43.23
N THR C 60 0.63 2.16 44.50
CA THR C 60 1.73 2.07 45.45
C THR C 60 1.61 0.75 46.18
N MET C 61 2.74 0.06 46.31
CA MET C 61 2.78 -1.23 46.97
C MET C 61 3.35 -1.14 48.37
N TYR C 62 2.73 -1.92 49.27
CA TYR C 62 3.16 -1.98 50.65
C TYR C 62 3.26 -3.43 51.05
N TYR C 63 4.48 -3.87 51.32
CA TYR C 63 4.69 -5.24 51.71
C TYR C 63 6.02 -5.32 52.44
N LYS C 64 6.29 -6.49 53.01
CA LYS C 64 7.52 -6.66 53.74
C LYS C 64 8.20 -7.94 53.33
N ASP C 65 9.49 -7.84 53.07
CA ASP C 65 10.28 -9.01 52.71
C ASP C 65 10.60 -9.70 54.04
N VAL C 66 10.08 -10.92 54.21
CA VAL C 66 10.32 -11.66 55.43
C VAL C 66 11.21 -12.83 55.12
N THR C 67 12.31 -12.93 55.85
CA THR C 67 13.26 -14.02 55.64
C THR C 67 13.75 -14.67 56.92
N VAL C 68 13.63 -15.98 56.98
CA VAL C 68 14.11 -16.74 58.12
C VAL C 68 15.11 -17.75 57.59
N SER C 69 16.38 -17.53 57.93
CA SER C 69 17.45 -18.39 57.50
C SER C 69 17.78 -19.44 58.55
N GLN C 70 18.27 -20.58 58.09
CA GLN C 70 18.70 -21.65 58.99
C GLN C 70 20.18 -21.81 58.70
N VAL C 71 20.98 -21.63 59.73
CA VAL C 71 22.43 -21.70 59.58
C VAL C 71 23.10 -22.65 60.54
N TRP C 72 23.90 -23.56 60.01
CA TRP C 72 24.63 -24.48 60.87
C TRP C 72 26.06 -24.00 60.96
N PHE C 73 26.49 -23.65 62.16
CA PHE C 73 27.84 -23.14 62.36
C PHE C 73 28.90 -24.22 62.54
N GLY C 74 29.65 -24.49 61.49
CA GLY C 74 30.71 -25.46 61.58
C GLY C 74 31.84 -24.88 62.41
N HIS C 75 32.99 -25.55 62.43
CA HIS C 75 34.12 -25.04 63.21
C HIS C 75 34.86 -24.00 62.41
N ARG C 76 35.20 -24.36 61.17
CA ARG C 76 35.94 -23.48 60.27
C ARG C 76 35.05 -22.75 59.28
N TYR C 77 33.84 -23.25 59.05
CA TYR C 77 32.92 -22.65 58.10
C TYR C 77 31.51 -22.52 58.66
N SER C 78 30.60 -22.07 57.81
CA SER C 78 29.19 -21.92 58.15
C SER C 78 28.42 -22.24 56.88
N GLN C 79 27.26 -22.88 57.01
CA GLN C 79 26.48 -23.20 55.84
C GLN C 79 24.98 -23.00 56.03
N PHE C 80 24.36 -22.37 55.04
CA PHE C 80 22.92 -22.14 55.09
C PHE C 80 22.29 -23.50 54.83
N MET C 81 21.36 -23.88 55.71
CA MET C 81 20.65 -25.16 55.60
C MET C 81 19.37 -24.93 54.81
N GLY C 82 18.86 -23.70 54.90
CA GLY C 82 17.66 -23.33 54.20
C GLY C 82 17.38 -21.85 54.36
N ILE C 83 16.76 -21.24 53.36
CA ILE C 83 16.43 -19.83 53.44
C ILE C 83 14.99 -19.61 53.02
N PHE C 84 14.13 -19.36 53.99
CA PHE C 84 12.71 -19.12 53.74
C PHE C 84 12.49 -17.64 53.46
N GLU C 85 11.97 -17.36 52.26
CA GLU C 85 11.71 -15.98 51.84
C GLU C 85 10.23 -15.82 51.50
N ASP C 86 9.62 -14.75 52.01
CA ASP C 86 8.21 -14.49 51.75
C ASP C 86 7.92 -12.99 51.76
N ARG C 87 6.80 -12.62 51.17
CA ARG C 87 6.38 -11.22 51.16
C ARG C 87 5.11 -11.16 51.99
N ALA C 88 4.99 -10.12 52.81
CA ALA C 88 3.84 -9.97 53.67
C ALA C 88 3.16 -8.63 53.43
N PRO C 89 1.84 -8.64 53.21
CA PRO C 89 1.14 -7.38 52.98
C PRO C 89 1.17 -6.57 54.25
N VAL C 90 1.28 -5.25 54.11
CA VAL C 90 1.30 -4.38 55.28
C VAL C 90 -0.17 -4.08 55.61
N PRO C 91 -0.56 -4.28 56.87
CA PRO C 91 -1.95 -4.02 57.28
C PRO C 91 -2.45 -2.62 56.98
N PHE C 92 -3.72 -2.54 56.60
CA PHE C 92 -4.37 -1.27 56.31
C PHE C 92 -3.99 -0.28 57.39
N GLU C 93 -4.35 -0.61 58.62
CA GLU C 93 -4.06 0.24 59.77
C GLU C 93 -2.63 0.75 59.82
N GLU C 94 -1.66 -0.12 59.55
CA GLU C 94 -0.26 0.27 59.59
C GLU C 94 0.08 1.25 58.48
N VAL C 95 -0.36 0.94 57.27
CA VAL C 95 -0.11 1.80 56.12
C VAL C 95 -0.60 3.19 56.46
N ILE C 96 -1.84 3.25 56.93
CA ILE C 96 -2.51 4.50 57.30
C ILE C 96 -1.83 5.27 58.43
N ASP C 97 -1.81 4.67 59.61
CA ASP C 97 -1.25 5.30 60.79
C ASP C 97 0.26 5.31 60.94
N LYS C 98 0.96 4.35 60.35
CA LYS C 98 2.41 4.30 60.48
C LYS C 98 3.18 4.78 59.27
N ILE C 99 2.92 4.18 58.13
CA ILE C 99 3.61 4.54 56.89
C ILE C 99 3.17 5.90 56.33
N ASN C 100 1.90 6.03 55.99
CA ASN C 100 1.41 7.28 55.45
C ASN C 100 1.46 8.40 56.48
N ALA C 101 1.10 8.08 57.71
CA ALA C 101 1.09 9.05 58.79
C ALA C 101 2.47 9.58 59.21
N LYS C 102 3.35 8.69 59.64
CA LYS C 102 4.68 9.15 60.07
C LYS C 102 5.84 8.77 59.17
N GLY C 103 5.57 8.05 58.09
CA GLY C 103 6.64 7.66 57.19
C GLY C 103 7.61 6.68 57.80
N VAL C 104 7.10 5.82 58.68
CA VAL C 104 7.89 4.79 59.33
C VAL C 104 7.17 3.47 59.11
N CYS C 105 7.62 2.42 59.80
CA CYS C 105 7.01 1.10 59.62
C CYS C 105 7.43 0.20 60.79
N ARG C 106 6.63 -0.82 61.07
CA ARG C 106 6.93 -1.74 62.16
C ARG C 106 8.03 -2.73 61.79
N SER C 107 8.93 -2.98 62.74
CA SER C 107 10.03 -3.93 62.53
C SER C 107 9.49 -5.34 62.69
N THR C 108 8.18 -5.48 62.56
CA THR C 108 7.51 -6.78 62.68
C THR C 108 6.54 -7.01 61.53
N ALA C 109 6.28 -8.26 61.21
CA ALA C 109 5.35 -8.59 60.14
C ALA C 109 4.29 -9.56 60.64
N LYS C 110 3.07 -9.08 60.77
CA LYS C 110 1.98 -9.93 61.25
C LYS C 110 1.00 -10.06 60.10
N TYR C 111 0.72 -11.30 59.70
CA TYR C 111 -0.16 -11.53 58.58
C TYR C 111 -0.58 -12.98 58.48
N VAL C 112 -1.49 -13.26 57.56
CA VAL C 112 -2.00 -14.61 57.38
C VAL C 112 -1.33 -15.34 56.22
N ARG C 113 -0.74 -16.49 56.53
CA ARG C 113 -0.08 -17.31 55.52
C ARG C 113 -0.46 -18.77 55.73
N ASN C 114 -0.90 -19.42 54.66
CA ASN C 114 -1.30 -20.82 54.73
C ASN C 114 -2.25 -21.10 55.90
N ASN C 115 -3.33 -20.32 55.96
CA ASN C 115 -4.34 -20.50 57.00
C ASN C 115 -3.78 -20.34 58.40
N LEU C 116 -2.71 -19.58 58.53
CA LEU C 116 -2.13 -19.40 59.86
C LEU C 116 -1.59 -17.99 60.01
N GLU C 117 -1.78 -17.42 61.19
CA GLU C 117 -1.31 -16.08 61.47
C GLU C 117 0.09 -16.09 62.04
N THR C 118 1.07 -15.84 61.18
CA THR C 118 2.48 -15.84 61.58
C THR C 118 2.98 -14.43 61.91
N THR C 119 3.97 -14.37 62.79
CA THR C 119 4.56 -13.09 63.18
C THR C 119 6.07 -13.20 63.07
N ALA C 120 6.71 -12.11 62.62
CA ALA C 120 8.15 -12.08 62.48
C ALA C 120 8.71 -10.80 63.04
N PHE C 121 9.84 -10.93 63.75
CA PHE C 121 10.50 -9.78 64.33
C PHE C 121 11.87 -9.64 63.70
N HIS C 122 12.13 -8.45 63.16
CA HIS C 122 13.41 -8.19 62.54
C HIS C 122 14.49 -8.40 63.58
N ARG C 123 15.53 -9.14 63.21
CA ARG C 123 16.65 -9.43 64.12
C ARG C 123 16.16 -10.20 65.34
N ASP C 124 14.92 -10.69 65.29
CA ASP C 124 14.35 -11.43 66.40
C ASP C 124 14.49 -10.59 67.67
N ASP C 125 14.12 -9.32 67.57
CA ASP C 125 14.21 -8.39 68.69
C ASP C 125 12.88 -7.67 68.88
N HIS C 126 12.77 -6.88 69.94
CA HIS C 126 11.55 -6.13 70.25
C HIS C 126 11.08 -5.20 69.14
N GLU C 127 9.79 -5.26 68.84
CA GLU C 127 9.20 -4.43 67.79
C GLU C 127 9.49 -2.96 67.99
N THR C 128 10.06 -2.33 66.96
CA THR C 128 10.38 -0.91 67.00
C THR C 128 10.07 -0.27 65.66
N ASP C 129 9.54 0.96 65.70
CA ASP C 129 9.20 1.67 64.48
C ASP C 129 10.48 2.07 63.76
N MET C 130 10.56 1.76 62.48
CA MET C 130 11.75 2.09 61.69
C MET C 130 11.51 3.07 60.56
N GLU C 131 12.46 3.98 60.42
CA GLU C 131 12.44 5.03 59.41
C GLU C 131 12.65 4.50 57.99
N LEU C 132 11.76 4.87 57.08
CA LEU C 132 11.88 4.43 55.68
C LEU C 132 12.92 5.26 54.95
N LYS C 133 13.69 4.61 54.08
CA LYS C 133 14.72 5.31 53.33
C LYS C 133 14.64 5.05 51.82
N PRO C 134 15.11 6.01 51.01
CA PRO C 134 15.09 5.88 49.56
C PRO C 134 15.86 4.62 49.13
N ALA C 135 15.26 3.85 48.23
CA ALA C 135 15.92 2.65 47.74
C ALA C 135 17.16 3.07 46.96
N ASN C 136 18.16 2.19 46.89
CA ASN C 136 19.37 2.51 46.15
C ASN C 136 18.99 2.89 44.72
N ALA C 137 19.66 3.91 44.19
CA ALA C 137 19.38 4.39 42.84
C ALA C 137 19.58 3.32 41.79
N ALA C 138 18.74 3.37 40.75
CA ALA C 138 18.78 2.40 39.65
C ALA C 138 18.09 3.00 38.44
N THR C 139 18.74 2.90 37.28
CA THR C 139 18.18 3.45 36.05
C THR C 139 16.82 2.90 35.65
N ARG C 140 16.02 3.78 35.05
CA ARG C 140 14.69 3.46 34.58
C ARG C 140 13.83 2.68 35.57
N THR C 141 13.76 3.13 36.82
CA THR C 141 12.94 2.45 37.81
C THR C 141 12.13 3.44 38.64
N SER C 142 10.92 3.02 39.01
CA SER C 142 10.03 3.84 39.83
C SER C 142 10.68 4.04 41.21
N ARG C 143 10.02 4.78 42.08
CA ARG C 143 10.57 5.04 43.40
C ARG C 143 10.21 3.98 44.43
N GLY C 144 11.16 3.68 45.31
CA GLY C 144 10.93 2.68 46.33
C GLY C 144 11.62 3.05 47.62
N TRP C 145 11.14 2.46 48.72
CA TRP C 145 11.69 2.72 50.03
C TRP C 145 11.68 1.45 50.84
N HIS C 146 12.65 1.36 51.76
CA HIS C 146 12.77 0.21 52.63
C HIS C 146 13.31 0.67 53.98
N THR C 147 13.39 -0.27 54.91
CA THR C 147 13.86 0.01 56.27
C THR C 147 15.22 -0.61 56.59
N THR C 148 15.53 -1.74 55.98
CA THR C 148 16.79 -2.41 56.25
C THR C 148 17.62 -2.68 55.01
N ASP C 149 18.94 -2.75 55.20
CA ASP C 149 19.85 -3.00 54.09
C ASP C 149 20.45 -4.39 54.17
N LEU C 150 20.78 -4.83 55.37
CA LEU C 150 21.40 -6.13 55.58
C LEU C 150 20.45 -7.26 55.97
N LYS C 151 20.86 -8.49 55.69
CA LYS C 151 20.09 -9.67 56.04
C LYS C 151 20.55 -10.12 57.43
N TYR C 152 19.61 -10.36 58.34
CA TYR C 152 19.99 -10.81 59.67
C TYR C 152 20.18 -12.32 59.76
N ASN C 153 21.31 -12.73 60.31
CA ASN C 153 21.59 -14.14 60.47
C ASN C 153 21.91 -14.43 61.91
N PRO C 154 21.58 -15.65 62.38
CA PRO C 154 21.82 -16.11 63.75
C PRO C 154 23.23 -15.81 64.22
N SER C 155 23.39 -15.49 65.50
CA SER C 155 24.73 -15.25 66.03
C SER C 155 25.43 -16.61 66.11
N ARG C 156 26.72 -16.62 65.77
CA ARG C 156 27.54 -17.82 65.77
C ARG C 156 27.45 -18.63 67.06
N VAL C 157 27.29 -19.95 66.91
CA VAL C 157 27.19 -20.91 68.03
C VAL C 157 27.58 -22.26 67.44
N GLU C 158 28.85 -22.62 67.58
CA GLU C 158 29.38 -23.86 67.03
C GLU C 158 28.56 -25.14 67.27
N ALA C 159 28.53 -25.98 66.24
CA ALA C 159 27.81 -27.25 66.28
C ALA C 159 26.35 -27.05 66.67
N PHE C 160 25.71 -26.08 66.03
CA PHE C 160 24.30 -25.81 66.31
C PHE C 160 23.60 -25.24 65.09
N HIS C 161 22.31 -25.54 64.99
CA HIS C 161 21.46 -25.03 63.92
C HIS C 161 20.80 -23.79 64.52
N ARG C 162 20.79 -22.69 63.79
CA ARG C 162 20.16 -21.49 64.32
C ARG C 162 19.34 -20.75 63.26
N TYR C 163 18.34 -20.02 63.72
CA TYR C 163 17.47 -19.28 62.82
C TYR C 163 17.53 -17.77 63.10
N GLY C 164 17.45 -16.99 62.03
CA GLY C 164 17.50 -15.54 62.15
C GLY C 164 16.41 -14.95 61.29
N THR C 165 15.74 -13.91 61.78
CA THR C 165 14.66 -13.29 61.03
C THR C 165 15.00 -11.91 60.53
N THR C 166 14.68 -11.65 59.27
CA THR C 166 14.93 -10.37 58.65
C THR C 166 13.58 -9.83 58.18
N VAL C 167 13.29 -8.58 58.51
CA VAL C 167 12.04 -7.98 58.07
C VAL C 167 12.33 -6.64 57.42
N ASN C 168 12.19 -6.59 56.10
CA ASN C 168 12.45 -5.34 55.40
C ASN C 168 11.16 -4.77 54.83
N CYS C 169 10.72 -3.68 55.43
CA CYS C 169 9.51 -3.00 55.02
C CYS C 169 9.81 -2.31 53.69
N ILE C 170 9.03 -2.64 52.66
CA ILE C 170 9.23 -2.05 51.34
C ILE C 170 7.99 -1.35 50.80
N VAL C 171 8.20 -0.14 50.30
CA VAL C 171 7.12 0.66 49.73
C VAL C 171 7.54 1.08 48.32
N GLU C 172 6.77 0.69 47.33
CA GLU C 172 7.10 1.01 45.96
C GLU C 172 5.99 1.64 45.14
N GLU C 173 6.32 2.75 44.48
CA GLU C 173 5.35 3.40 43.60
C GLU C 173 5.52 2.60 42.30
N VAL C 174 4.44 2.10 41.71
CA VAL C 174 4.55 1.32 40.48
C VAL C 174 3.44 1.62 39.49
N ASP C 175 3.66 1.27 38.23
CA ASP C 175 2.66 1.51 37.20
C ASP C 175 1.72 0.33 37.17
N ALA C 176 0.44 0.62 36.92
CA ALA C 176 -0.57 -0.42 36.87
C ALA C 176 -1.20 -0.34 35.48
N ARG C 177 -1.68 -1.48 35.00
CA ARG C 177 -2.27 -1.56 33.69
C ARG C 177 -3.49 -2.48 33.73
N SER C 178 -4.48 -2.19 32.90
CA SER C 178 -5.67 -3.01 32.88
C SER C 178 -6.26 -3.03 31.49
N VAL C 179 -6.72 -4.20 31.07
CA VAL C 179 -7.34 -4.30 29.75
C VAL C 179 -8.83 -4.61 29.91
N TYR C 180 -9.61 -4.17 28.94
CA TYR C 180 -11.05 -4.39 28.93
C TYR C 180 -11.30 -5.87 29.23
N PRO C 181 -12.37 -6.17 29.99
CA PRO C 181 -13.44 -5.30 30.50
C PRO C 181 -13.04 -4.53 31.76
N TYR C 182 -11.79 -4.68 32.17
CA TYR C 182 -11.24 -3.99 33.34
C TYR C 182 -11.69 -4.55 34.67
N ASP C 183 -11.92 -5.87 34.69
CA ASP C 183 -12.34 -6.57 35.89
C ASP C 183 -11.13 -6.97 36.75
N GLU C 184 -9.94 -6.56 36.31
CA GLU C 184 -8.69 -6.87 37.02
C GLU C 184 -7.53 -6.07 36.41
N PHE C 185 -6.39 -6.05 37.10
CA PHE C 185 -5.22 -5.32 36.60
C PHE C 185 -3.90 -5.90 37.10
N VAL C 186 -2.79 -5.39 36.55
CA VAL C 186 -1.46 -5.85 36.92
C VAL C 186 -0.53 -4.70 37.33
N LEU C 187 0.46 -5.02 38.16
CA LEU C 187 1.44 -4.02 38.61
C LEU C 187 2.73 -4.29 37.85
N ALA C 188 3.64 -3.33 37.83
CA ALA C 188 4.91 -3.48 37.12
C ALA C 188 5.73 -4.69 37.56
N THR C 189 5.41 -5.24 38.73
CA THR C 189 6.10 -6.39 39.31
C THR C 189 5.63 -7.72 38.74
N GLY C 190 4.60 -7.70 37.90
CA GLY C 190 4.06 -8.93 37.35
C GLY C 190 2.93 -9.46 38.22
N ASP C 191 2.71 -8.82 39.36
CA ASP C 191 1.65 -9.21 40.29
C ASP C 191 0.26 -8.87 39.76
N PHE C 192 -0.60 -9.86 39.66
CA PHE C 192 -1.97 -9.64 39.21
C PHE C 192 -2.83 -9.25 40.41
N VAL C 193 -3.80 -8.37 40.17
CA VAL C 193 -4.73 -7.94 41.21
C VAL C 193 -6.13 -8.14 40.64
N TYR C 194 -6.81 -9.17 41.11
CA TYR C 194 -8.13 -9.49 40.58
C TYR C 194 -9.29 -8.66 41.12
N MET C 195 -9.16 -7.35 40.94
CA MET C 195 -10.18 -6.41 41.36
C MET C 195 -10.20 -5.31 40.29
N SER C 196 -11.39 -4.77 40.01
CA SER C 196 -11.48 -3.72 39.02
C SER C 196 -10.79 -2.47 39.55
N PRO C 197 -10.02 -1.79 38.69
CA PRO C 197 -9.33 -0.57 39.13
C PRO C 197 -10.40 0.44 39.51
N PHE C 198 -11.63 0.14 39.10
CA PHE C 198 -12.77 1.01 39.34
C PHE C 198 -13.71 0.56 40.45
N TYR C 199 -13.35 -0.51 41.14
CA TYR C 199 -14.18 -1.01 42.24
C TYR C 199 -14.20 0.01 43.36
N GLY C 200 -15.30 0.07 44.09
CA GLY C 200 -15.39 1.02 45.17
C GLY C 200 -16.75 1.04 45.86
N TYR C 201 -17.03 2.12 46.57
CA TYR C 201 -18.29 2.27 47.29
C TYR C 201 -19.20 3.34 46.67
N ARG C 202 -18.61 4.48 46.31
CA ARG C 202 -19.34 5.60 45.73
C ARG C 202 -20.11 5.26 44.45
N GLU C 203 -21.40 5.63 44.45
CA GLU C 203 -22.32 5.40 43.32
C GLU C 203 -22.04 4.22 42.39
N GLY C 204 -22.71 3.11 42.63
CA GLY C 204 -22.56 1.94 41.77
C GLY C 204 -21.19 1.28 41.65
N SER C 205 -20.15 1.86 42.25
CA SER C 205 -18.81 1.28 42.17
C SER C 205 -18.81 -0.18 42.60
N HIS C 206 -19.54 -0.48 43.67
CA HIS C 206 -19.63 -1.83 44.19
C HIS C 206 -20.08 -2.86 43.15
N THR C 207 -20.54 -2.36 42.00
CA THR C 207 -20.98 -3.24 40.93
C THR C 207 -19.78 -3.86 40.22
N GLU C 208 -18.67 -3.12 40.21
CA GLU C 208 -17.45 -3.58 39.58
C GLU C 208 -17.04 -4.93 40.14
N HIS C 209 -16.16 -5.62 39.42
CA HIS C 209 -15.68 -6.92 39.83
C HIS C 209 -14.71 -6.88 41.01
N THR C 210 -14.59 -8.01 41.70
CA THR C 210 -13.70 -8.18 42.84
C THR C 210 -13.78 -9.64 43.24
N THR C 211 -12.64 -10.25 43.50
CA THR C 211 -12.59 -11.66 43.87
C THR C 211 -12.12 -11.81 45.31
N TYR C 212 -12.12 -10.71 46.06
CA TYR C 212 -11.67 -10.76 47.44
C TYR C 212 -12.79 -10.50 48.44
N ALA C 213 -12.67 -11.10 49.62
CA ALA C 213 -13.66 -10.90 50.68
C ALA C 213 -13.68 -9.41 50.98
N ALA C 214 -14.86 -8.90 51.34
CA ALA C 214 -15.03 -7.48 51.64
C ALA C 214 -13.99 -6.88 52.57
N ASP C 215 -13.65 -7.62 53.63
CA ASP C 215 -12.70 -7.13 54.62
C ASP C 215 -11.26 -6.88 54.12
N ARG C 216 -10.93 -7.41 52.94
CA ARG C 216 -9.59 -7.18 52.38
C ARG C 216 -9.52 -5.78 51.76
N PHE C 217 -10.68 -5.30 51.29
CA PHE C 217 -10.78 -3.99 50.65
C PHE C 217 -11.13 -2.87 51.63
N LYS C 218 -10.63 -1.68 51.34
CA LYS C 218 -10.87 -0.51 52.19
C LYS C 218 -10.78 0.76 51.33
N GLN C 219 -11.77 1.65 51.45
CA GLN C 219 -11.77 2.88 50.68
C GLN C 219 -11.77 4.09 51.62
N VAL C 220 -10.75 4.93 51.49
CA VAL C 220 -10.61 6.11 52.33
C VAL C 220 -10.88 7.42 51.60
N ASP C 221 -12.03 8.03 51.87
CA ASP C 221 -12.38 9.30 51.25
C ASP C 221 -11.58 10.42 51.88
N GLY C 222 -11.35 11.49 51.12
CA GLY C 222 -10.58 12.62 51.63
C GLY C 222 -9.21 12.23 52.14
N PHE C 223 -8.45 11.51 51.32
CA PHE C 223 -7.12 11.06 51.69
C PHE C 223 -6.01 11.98 51.16
N TYR C 224 -4.89 12.01 51.87
CA TYR C 224 -3.74 12.83 51.47
C TYR C 224 -2.51 12.01 51.07
N ALA C 225 -1.34 12.38 51.58
CA ALA C 225 -0.11 11.67 51.25
C ALA C 225 1.10 12.20 52.03
N THR C 235 -1.64 18.99 46.03
CA THR C 235 -2.15 19.08 47.39
C THR C 235 -3.68 19.08 47.40
N ALA C 236 -4.26 18.00 46.88
CA ALA C 236 -5.71 17.86 46.83
C ALA C 236 -6.12 16.45 47.19
N PRO C 237 -7.05 16.31 48.15
CA PRO C 237 -7.57 15.02 48.63
C PRO C 237 -8.05 14.09 47.52
N THR C 238 -8.09 12.79 47.82
CA THR C 238 -8.54 11.81 46.84
C THR C 238 -9.24 10.65 47.54
N THR C 239 -9.99 9.88 46.77
CA THR C 239 -10.67 8.70 47.31
C THR C 239 -9.66 7.57 47.14
N ARG C 240 -8.92 7.29 48.22
CA ARG C 240 -7.89 6.26 48.20
C ARG C 240 -8.37 4.82 48.43
N ASN C 241 -8.08 3.95 47.48
CA ASN C 241 -8.45 2.54 47.60
C ASN C 241 -7.27 1.79 48.21
N LEU C 242 -7.55 0.67 48.85
CA LEU C 242 -6.50 -0.14 49.47
C LEU C 242 -6.94 -1.58 49.54
N LEU C 243 -6.23 -2.43 48.79
CA LEU C 243 -6.52 -3.84 48.76
C LEU C 243 -5.35 -4.57 49.41
N THR C 244 -5.67 -5.52 50.28
CA THR C 244 -4.65 -6.30 50.94
C THR C 244 -4.73 -7.74 50.45
N THR C 245 -3.75 -8.15 49.66
CA THR C 245 -3.73 -9.50 49.12
C THR C 245 -2.82 -10.36 50.00
N PRO C 246 -2.81 -11.69 49.77
CA PRO C 246 -1.98 -12.61 50.56
C PRO C 246 -0.51 -12.19 50.64
N LYS C 247 0.01 -11.61 49.57
CA LYS C 247 1.41 -11.20 49.57
C LYS C 247 1.71 -9.71 49.66
N PHE C 248 0.70 -8.85 49.52
CA PHE C 248 0.97 -7.41 49.60
C PHE C 248 -0.28 -6.55 49.62
N THR C 249 -0.09 -5.28 49.97
CA THR C 249 -1.17 -4.32 50.03
C THR C 249 -0.91 -3.21 49.00
N VAL C 250 -1.87 -3.01 48.09
CA VAL C 250 -1.76 -2.01 47.04
C VAL C 250 -2.80 -0.89 47.14
N ALA C 251 -2.36 0.35 46.95
CA ALA C 251 -3.25 1.49 47.03
C ALA C 251 -3.22 2.34 45.75
N TRP C 252 -4.38 2.90 45.39
CA TRP C 252 -4.48 3.74 44.19
C TRP C 252 -5.68 4.66 44.28
N ASP C 253 -5.53 5.89 43.77
CA ASP C 253 -6.62 6.86 43.80
C ASP C 253 -7.75 6.39 42.89
N TRP C 254 -8.94 6.30 43.47
CA TRP C 254 -10.11 5.86 42.73
C TRP C 254 -10.66 6.95 41.82
N VAL C 255 -11.19 6.51 40.69
CA VAL C 255 -11.80 7.41 39.71
C VAL C 255 -12.90 6.64 38.99
N PRO C 256 -13.95 7.36 38.57
CA PRO C 256 -15.07 6.72 37.86
C PRO C 256 -14.62 6.06 36.56
N LYS C 257 -15.18 4.89 36.28
CA LYS C 257 -14.85 4.13 35.08
C LYS C 257 -15.17 4.90 33.80
N ARG C 258 -16.46 5.12 33.56
CA ARG C 258 -16.93 5.80 32.35
C ARG C 258 -16.00 6.86 31.73
N PRO C 259 -15.86 8.04 32.35
CA PRO C 259 -14.96 9.01 31.71
C PRO C 259 -13.50 8.58 31.64
N SER C 260 -13.06 7.80 32.62
CA SER C 260 -11.66 7.35 32.68
C SER C 260 -11.15 6.48 31.53
N VAL C 261 -11.85 5.41 31.21
CA VAL C 261 -11.39 4.53 30.14
C VAL C 261 -12.11 4.72 28.82
N CYS C 262 -11.47 4.27 27.74
CA CYS C 262 -12.04 4.39 26.40
C CYS C 262 -11.67 3.19 25.55
N THR C 263 -12.62 2.78 24.73
CA THR C 263 -12.43 1.63 23.85
C THR C 263 -11.94 2.10 22.47
N MET C 264 -11.75 3.41 22.32
CA MET C 264 -11.29 3.99 21.05
C MET C 264 -10.14 4.95 21.31
N THR C 265 -9.39 5.27 20.26
CA THR C 265 -8.26 6.18 20.37
C THR C 265 -8.23 7.20 19.23
N LYS C 266 -8.02 8.47 19.57
CA LYS C 266 -7.95 9.48 18.53
C LYS C 266 -6.76 9.11 17.64
N TRP C 267 -6.96 9.04 16.34
CA TRP C 267 -5.85 8.67 15.47
C TRP C 267 -5.38 9.79 14.58
N GLN C 268 -6.29 10.39 13.81
CA GLN C 268 -5.90 11.47 12.90
C GLN C 268 -6.77 12.70 12.98
N GLU C 269 -6.13 13.86 13.01
CA GLU C 269 -6.82 15.14 13.03
C GLU C 269 -6.67 15.69 11.62
N VAL C 270 -7.78 15.77 10.89
CA VAL C 270 -7.70 16.27 9.52
C VAL C 270 -8.32 17.64 9.28
N ASP C 271 -7.47 18.61 8.95
CA ASP C 271 -7.90 19.97 8.67
C ASP C 271 -8.94 20.03 7.58
N GLU C 272 -8.59 19.55 6.39
CA GLU C 272 -9.48 19.57 5.24
C GLU C 272 -9.96 18.21 4.79
N MET C 273 -11.11 17.80 5.31
CA MET C 273 -11.68 16.52 4.95
C MET C 273 -12.90 16.78 4.08
N LEU C 274 -12.80 16.44 2.81
CA LEU C 274 -13.92 16.65 1.90
C LEU C 274 -14.87 15.49 1.98
N ARG C 275 -16.16 15.79 1.92
CA ARG C 275 -17.15 14.74 1.98
C ARG C 275 -18.06 14.86 0.78
N SER C 276 -18.43 13.72 0.23
CA SER C 276 -19.29 13.70 -0.91
C SER C 276 -20.13 12.45 -0.83
N GLU C 277 -21.21 12.42 -1.58
CA GLU C 277 -22.05 11.25 -1.54
C GLU C 277 -22.37 10.73 -2.93
N TYR C 278 -22.35 9.41 -3.07
CA TYR C 278 -22.68 8.77 -4.32
C TYR C 278 -22.93 7.28 -4.12
N GLY C 279 -23.90 6.74 -4.84
CA GLY C 279 -24.21 5.34 -4.71
C GLY C 279 -24.73 5.01 -3.33
N GLY C 280 -25.35 6.00 -2.69
CA GLY C 280 -25.91 5.81 -1.36
C GLY C 280 -24.87 5.57 -0.28
N SER C 281 -23.76 6.30 -0.37
CA SER C 281 -22.69 6.15 0.61
C SER C 281 -21.89 7.45 0.70
N PHE C 282 -21.30 7.71 1.86
CA PHE C 282 -20.48 8.91 2.02
C PHE C 282 -19.00 8.60 1.79
N ARG C 283 -18.30 9.54 1.16
CA ARG C 283 -16.87 9.42 0.90
C ARG C 283 -16.17 10.56 1.60
N PHE C 284 -15.25 10.24 2.50
CA PHE C 284 -14.49 11.24 3.20
C PHE C 284 -13.04 11.12 2.71
N SER C 285 -12.60 12.14 1.97
CA SER C 285 -11.26 12.11 1.42
C SER C 285 -10.39 13.22 1.99
N SER C 286 -9.18 12.83 2.39
CA SER C 286 -8.20 13.74 2.94
C SER C 286 -6.96 13.81 2.03
N ASP C 287 -6.76 14.99 1.45
CA ASP C 287 -5.64 15.23 0.57
C ASP C 287 -4.33 15.13 1.33
N ALA C 288 -4.32 15.57 2.59
CA ALA C 288 -3.12 15.55 3.41
C ALA C 288 -2.56 14.17 3.75
N ILE C 289 -3.42 13.18 4.03
CA ILE C 289 -2.91 11.85 4.34
C ILE C 289 -3.21 10.86 3.23
N SER C 290 -3.69 11.38 2.10
CA SER C 290 -4.02 10.56 0.94
C SER C 290 -4.90 9.37 1.33
N THR C 291 -6.08 9.66 1.90
CA THR C 291 -7.00 8.60 2.34
C THR C 291 -8.48 8.93 2.08
N THR C 292 -9.23 7.93 1.62
CA THR C 292 -10.66 8.10 1.40
C THR C 292 -11.44 7.05 2.21
N PHE C 293 -12.25 7.49 3.16
CA PHE C 293 -13.03 6.53 3.94
C PHE C 293 -14.43 6.42 3.35
N THR C 294 -15.02 5.25 3.51
CA THR C 294 -16.35 4.98 2.98
C THR C 294 -17.32 4.66 4.12
N THR C 295 -18.50 5.27 4.09
CA THR C 295 -19.50 5.05 5.14
C THR C 295 -20.93 5.16 4.62
N ASN C 296 -21.90 4.70 5.41
CA ASN C 296 -23.31 4.81 5.04
C ASN C 296 -23.73 6.26 5.26
N LEU C 297 -24.90 6.62 4.75
CA LEU C 297 -25.39 7.99 4.90
C LEU C 297 -25.93 8.25 6.30
N THR C 298 -26.19 7.18 7.05
CA THR C 298 -26.74 7.28 8.40
C THR C 298 -25.66 7.36 9.48
N GLU C 299 -25.76 8.36 10.34
CA GLU C 299 -24.79 8.51 11.42
C GLU C 299 -24.74 7.28 12.30
N TYR C 300 -23.63 7.14 13.03
CA TYR C 300 -23.46 6.02 13.94
C TYR C 300 -23.72 6.55 15.35
N PRO C 301 -24.65 5.92 16.09
CA PRO C 301 -25.01 6.31 17.45
C PRO C 301 -23.78 6.22 18.37
N LEU C 302 -23.17 7.36 18.66
CA LEU C 302 -21.99 7.40 19.52
C LEU C 302 -22.23 6.68 20.84
N SER C 303 -23.48 6.76 21.32
CA SER C 303 -23.84 6.14 22.57
C SER C 303 -23.82 4.62 22.46
N ARG C 304 -23.86 4.11 21.24
CA ARG C 304 -23.82 2.67 21.04
C ARG C 304 -22.38 2.16 21.22
N VAL C 305 -21.45 3.08 21.39
CA VAL C 305 -20.05 2.71 21.58
C VAL C 305 -19.77 2.42 23.05
N ASP C 306 -19.53 1.14 23.33
CA ASP C 306 -19.22 0.63 24.66
C ASP C 306 -18.04 1.34 25.33
N LEU C 307 -18.34 2.24 26.28
CA LEU C 307 -17.31 2.96 27.02
C LEU C 307 -16.55 4.04 26.23
N GLY C 308 -16.96 4.26 24.99
CA GLY C 308 -16.28 5.27 24.18
C GLY C 308 -16.56 6.71 24.54
N ASP C 309 -16.36 7.07 25.81
CA ASP C 309 -16.63 8.44 26.23
C ASP C 309 -15.59 9.47 25.85
N CYS C 310 -14.42 9.03 25.43
CA CYS C 310 -13.35 9.96 25.06
C CYS C 310 -13.59 10.60 23.70
N ILE C 311 -14.28 9.86 22.83
CA ILE C 311 -14.58 10.31 21.48
C ILE C 311 -15.16 11.71 21.36
N GLY C 312 -16.37 11.89 21.89
CA GLY C 312 -17.02 13.18 21.82
C GLY C 312 -16.16 14.31 22.34
N LYS C 313 -15.47 14.06 23.45
CA LYS C 313 -14.62 15.07 24.05
C LYS C 313 -13.45 15.44 23.14
N ASP C 314 -12.61 14.46 22.85
CA ASP C 314 -11.44 14.67 21.98
C ASP C 314 -11.82 15.32 20.66
N ALA C 315 -12.90 14.82 20.05
CA ALA C 315 -13.35 15.35 18.77
C ALA C 315 -13.58 16.85 18.85
N ARG C 316 -14.33 17.28 19.88
CA ARG C 316 -14.64 18.68 20.07
C ARG C 316 -13.39 19.51 20.35
N ASP C 317 -12.53 19.01 21.25
CA ASP C 317 -11.31 19.72 21.57
C ASP C 317 -10.54 19.98 20.29
N ALA C 318 -10.30 18.92 19.53
CA ALA C 318 -9.56 19.02 18.27
C ALA C 318 -10.30 19.90 17.28
N MET C 319 -11.54 19.54 17.01
CA MET C 319 -12.37 20.29 16.08
C MET C 319 -12.31 21.79 16.32
N ASP C 320 -12.49 22.20 17.57
CA ASP C 320 -12.46 23.62 17.91
C ASP C 320 -11.10 24.26 17.69
N ARG C 321 -10.04 23.57 18.11
CA ARG C 321 -8.69 24.08 17.95
C ARG C 321 -8.41 24.37 16.47
N ILE C 322 -8.80 23.43 15.62
CA ILE C 322 -8.59 23.55 14.20
C ILE C 322 -9.44 24.65 13.58
N PHE C 323 -10.71 24.71 13.96
CA PHE C 323 -11.60 25.74 13.43
C PHE C 323 -10.96 27.09 13.69
N ALA C 324 -10.52 27.29 14.93
CA ALA C 324 -9.90 28.54 15.32
C ALA C 324 -8.68 28.82 14.45
N ARG C 325 -7.67 27.96 14.57
CA ARG C 325 -6.44 28.13 13.82
C ARG C 325 -6.61 28.30 12.30
N ARG C 326 -7.65 27.72 11.70
CA ARG C 326 -7.73 27.81 10.24
C ARG C 326 -9.01 28.34 9.58
N TYR C 327 -10.19 28.17 10.22
CA TYR C 327 -11.40 28.61 9.51
C TYR C 327 -12.23 29.74 10.12
N ASN C 328 -11.93 30.15 11.35
CA ASN C 328 -12.71 31.20 12.00
C ASN C 328 -12.88 32.47 11.15
N ALA C 329 -11.87 32.83 10.38
CA ALA C 329 -11.94 34.04 9.58
C ALA C 329 -12.40 33.88 8.14
N THR C 330 -12.80 32.67 7.75
CA THR C 330 -13.25 32.45 6.37
C THR C 330 -14.39 31.45 6.24
N HIS C 331 -14.64 30.68 7.27
CA HIS C 331 -15.68 29.67 7.20
C HIS C 331 -16.58 29.63 8.42
N ILE C 332 -17.72 28.97 8.26
CA ILE C 332 -18.67 28.85 9.35
C ILE C 332 -19.05 27.38 9.54
N LYS C 333 -19.21 26.96 10.79
CA LYS C 333 -19.60 25.59 11.06
C LYS C 333 -21.05 25.47 10.61
N VAL C 334 -21.45 24.28 10.19
CA VAL C 334 -22.81 24.05 9.74
C VAL C 334 -23.33 22.80 10.42
N GLY C 335 -24.26 23.01 11.35
CA GLY C 335 -24.83 21.88 12.08
C GLY C 335 -23.95 21.42 13.21
N GLN C 336 -24.32 20.28 13.78
CA GLN C 336 -23.59 19.70 14.89
C GLN C 336 -22.59 18.64 14.42
N PRO C 337 -21.57 18.36 15.24
CA PRO C 337 -20.59 17.34 14.84
C PRO C 337 -21.36 16.05 14.56
N GLN C 338 -21.00 15.38 13.47
CA GLN C 338 -21.67 14.15 13.09
C GLN C 338 -20.68 12.99 13.18
N TYR C 339 -21.20 11.80 13.43
CA TYR C 339 -20.33 10.65 13.57
C TYR C 339 -20.71 9.50 12.65
N TYR C 340 -19.70 8.94 11.97
CA TYR C 340 -19.91 7.83 11.03
C TYR C 340 -18.88 6.73 11.21
N GLN C 341 -19.31 5.52 10.88
CA GLN C 341 -18.42 4.37 10.99
C GLN C 341 -17.97 3.99 9.59
N ALA C 342 -16.66 3.97 9.36
CA ALA C 342 -16.14 3.68 8.02
C ALA C 342 -15.66 2.24 7.86
N ASN C 343 -15.66 1.71 6.64
CA ASN C 343 -15.17 0.35 6.44
C ASN C 343 -13.76 0.29 7.02
N GLY C 344 -13.41 -0.85 7.61
CA GLY C 344 -12.10 -1.00 8.22
C GLY C 344 -12.19 -0.71 9.71
N GLY C 345 -13.37 -0.29 10.16
CA GLY C 345 -13.54 -0.03 11.57
C GLY C 345 -13.01 1.31 12.06
N PHE C 346 -13.17 2.35 11.26
CA PHE C 346 -12.73 3.68 11.66
C PHE C 346 -13.91 4.58 11.99
N LEU C 347 -13.91 5.17 13.17
CA LEU C 347 -14.98 6.07 13.57
C LEU C 347 -14.62 7.49 13.21
N ILE C 348 -15.46 8.12 12.40
CA ILE C 348 -15.20 9.48 11.95
C ILE C 348 -16.09 10.58 12.52
N ALA C 349 -15.47 11.52 13.22
CA ALA C 349 -16.16 12.67 13.75
C ALA C 349 -16.02 13.73 12.66
N TYR C 350 -17.14 14.25 12.18
CA TYR C 350 -17.09 15.22 11.10
C TYR C 350 -17.88 16.50 11.36
N GLN C 351 -17.24 17.64 11.14
CA GLN C 351 -17.85 18.95 11.32
C GLN C 351 -17.93 19.71 10.00
N PRO C 352 -19.11 19.74 9.36
CA PRO C 352 -19.27 20.45 8.09
C PRO C 352 -18.95 21.94 8.21
N LEU C 353 -18.49 22.54 7.12
CA LEU C 353 -18.15 23.96 7.11
C LEU C 353 -18.66 24.62 5.85
N LEU C 354 -18.42 25.92 5.73
CA LEU C 354 -18.86 26.70 4.57
C LEU C 354 -18.17 28.05 4.60
N SER C 355 -17.59 28.47 3.48
CA SER C 355 -16.90 29.75 3.42
C SER C 355 -17.91 30.90 3.42
N ASN C 356 -17.46 32.06 3.88
CA ASN C 356 -18.32 33.23 3.93
C ASN C 356 -18.71 33.64 2.51
N THR C 357 -17.78 33.42 1.58
CA THR C 357 -17.98 33.74 0.17
C THR C 357 -19.45 33.86 -0.24
N SER C 389 -28.21 -4.34 22.35
CA SER C 389 -27.10 -4.11 23.27
C SER C 389 -26.08 -3.12 22.71
N VAL C 390 -24.88 -3.10 23.29
CA VAL C 390 -23.81 -2.20 22.87
C VAL C 390 -22.65 -3.01 22.29
N GLU C 391 -21.67 -2.34 21.68
CA GLU C 391 -20.54 -3.03 21.08
C GLU C 391 -19.23 -2.25 21.04
N ARG C 392 -18.18 -2.97 20.66
CA ARG C 392 -16.84 -2.40 20.53
C ARG C 392 -16.41 -2.44 19.06
N ILE C 393 -15.95 -1.31 18.54
CA ILE C 393 -15.50 -1.26 17.15
C ILE C 393 -14.18 -2.03 17.01
N LYS C 394 -14.04 -2.77 15.93
CA LYS C 394 -12.82 -3.52 15.65
C LYS C 394 -12.15 -2.90 14.41
N THR C 395 -10.93 -2.41 14.58
CA THR C 395 -10.19 -1.75 13.50
C THR C 395 -9.10 -2.58 12.81
N THR C 396 -9.02 -2.46 11.49
CA THR C 396 -8.00 -3.17 10.73
C THR C 396 -6.62 -2.55 10.99
N SER C 397 -5.58 -3.35 10.87
CA SER C 397 -4.23 -2.84 11.08
C SER C 397 -3.70 -2.14 9.84
N SER C 398 -4.30 -2.43 8.69
CA SER C 398 -3.84 -1.85 7.44
C SER C 398 -4.73 -0.77 6.84
N ILE C 399 -4.17 0.43 6.67
CA ILE C 399 -4.92 1.55 6.10
C ILE C 399 -4.76 1.63 4.59
N GLU C 400 -3.96 0.72 4.02
CA GLU C 400 -3.69 0.73 2.59
C GLU C 400 -4.89 0.74 1.64
N PHE C 401 -5.92 -0.04 1.96
CA PHE C 401 -7.11 -0.09 1.11
C PHE C 401 -7.65 1.32 0.92
N ALA C 402 -7.61 2.12 1.97
CA ALA C 402 -8.12 3.48 1.89
C ALA C 402 -7.21 4.43 1.11
N ARG C 403 -5.91 4.15 1.09
CA ARG C 403 -5.00 5.02 0.34
C ARG C 403 -5.09 4.63 -1.12
N LEU C 404 -5.30 3.34 -1.37
CA LEU C 404 -5.44 2.87 -2.74
C LEU C 404 -6.70 3.52 -3.29
N GLN C 405 -7.74 3.52 -2.46
CA GLN C 405 -9.02 4.09 -2.86
C GLN C 405 -8.82 5.53 -3.30
N PHE C 406 -8.15 6.29 -2.44
CA PHE C 406 -7.90 7.69 -2.71
C PHE C 406 -7.06 7.87 -3.98
N THR C 407 -6.00 7.08 -4.08
CA THR C 407 -5.12 7.22 -5.23
C THR C 407 -5.84 6.91 -6.50
N TYR C 408 -6.54 5.79 -6.52
CA TYR C 408 -7.30 5.39 -7.68
C TYR C 408 -8.37 6.40 -8.08
N ASN C 409 -9.12 6.90 -7.09
CA ASN C 409 -10.19 7.87 -7.38
C ASN C 409 -9.63 9.14 -7.98
N HIS C 410 -8.53 9.60 -7.41
CA HIS C 410 -7.88 10.80 -7.89
C HIS C 410 -7.49 10.64 -9.36
N ILE C 411 -6.85 9.53 -9.69
CA ILE C 411 -6.44 9.32 -11.08
C ILE C 411 -7.63 9.10 -11.99
N GLN C 412 -8.58 8.30 -11.51
CA GLN C 412 -9.77 8.00 -12.29
C GLN C 412 -10.52 9.26 -12.65
N ARG C 413 -10.69 10.13 -11.67
CA ARG C 413 -11.39 11.40 -11.85
C ARG C 413 -10.70 12.19 -12.96
N HIS C 414 -9.38 12.28 -12.86
CA HIS C 414 -8.58 13.05 -13.81
C HIS C 414 -8.68 12.47 -15.24
N VAL C 415 -8.43 11.18 -15.39
CA VAL C 415 -8.46 10.64 -16.73
C VAL C 415 -9.86 10.69 -17.35
N ASN C 416 -10.90 10.47 -16.56
CA ASN C 416 -12.23 10.53 -17.17
C ASN C 416 -12.56 11.94 -17.62
N ASP C 417 -12.17 12.91 -16.83
CA ASP C 417 -12.41 14.31 -17.17
C ASP C 417 -11.74 14.68 -18.50
N MET C 418 -10.42 14.57 -18.58
CA MET C 418 -9.69 14.92 -19.80
C MET C 418 -10.08 14.14 -21.04
N LEU C 419 -10.17 12.82 -20.94
CA LEU C 419 -10.54 12.05 -22.13
C LEU C 419 -11.96 12.41 -22.53
N GLY C 420 -12.80 12.69 -21.52
CA GLY C 420 -14.17 13.08 -21.80
C GLY C 420 -14.14 14.36 -22.58
N ARG C 421 -13.26 15.29 -22.20
CA ARG C 421 -13.15 16.57 -22.95
C ARG C 421 -12.63 16.28 -24.36
N VAL C 422 -11.74 15.28 -24.47
CA VAL C 422 -11.23 14.91 -25.79
C VAL C 422 -12.37 14.37 -26.66
N ALA C 423 -13.20 13.51 -26.10
CA ALA C 423 -14.31 12.95 -26.87
C ALA C 423 -15.26 14.04 -27.37
N ILE C 424 -15.51 15.05 -26.54
CA ILE C 424 -16.43 16.12 -26.93
C ILE C 424 -15.83 17.00 -28.01
N ALA C 425 -14.59 17.38 -27.80
CA ALA C 425 -13.91 18.20 -28.79
C ALA C 425 -13.85 17.42 -30.10
N TRP C 426 -13.65 16.11 -30.02
CA TRP C 426 -13.55 15.31 -31.25
C TRP C 426 -14.84 15.31 -32.02
N CYS C 427 -15.94 15.11 -31.30
CA CYS C 427 -17.26 15.10 -31.94
C CYS C 427 -17.52 16.46 -32.56
N GLU C 428 -17.21 17.52 -31.83
CA GLU C 428 -17.41 18.86 -32.37
C GLU C 428 -16.59 19.07 -33.64
N LEU C 429 -15.31 18.69 -33.60
CA LEU C 429 -14.48 18.84 -34.79
C LEU C 429 -15.03 18.03 -35.98
N GLN C 430 -15.48 16.80 -35.74
CA GLN C 430 -16.02 16.04 -36.87
C GLN C 430 -17.21 16.75 -37.48
N ASN C 431 -18.11 17.26 -36.61
CA ASN C 431 -19.29 17.98 -37.09
C ASN C 431 -18.88 19.24 -37.86
N HIS C 432 -17.91 19.94 -37.30
CA HIS C 432 -17.41 21.19 -37.86
C HIS C 432 -16.91 21.01 -39.30
N GLU C 433 -16.11 19.98 -39.51
CA GLU C 433 -15.52 19.73 -40.83
C GLU C 433 -16.46 19.26 -41.94
N LEU C 434 -17.63 18.75 -41.56
CA LEU C 434 -18.58 18.32 -42.59
C LEU C 434 -18.75 19.48 -43.59
N THR C 435 -18.74 20.70 -43.06
CA THR C 435 -18.89 21.89 -43.89
C THR C 435 -17.79 21.97 -44.96
N LEU C 436 -16.58 21.60 -44.59
CA LEU C 436 -15.49 21.63 -45.57
C LEU C 436 -15.75 20.52 -46.59
N TRP C 437 -16.18 19.35 -46.13
CA TRP C 437 -16.45 18.24 -47.03
C TRP C 437 -17.57 18.60 -48.02
N ASN C 438 -18.53 19.40 -47.56
CA ASN C 438 -19.62 19.83 -48.42
C ASN C 438 -19.14 20.66 -49.59
N GLU C 439 -18.12 21.48 -49.38
CA GLU C 439 -17.60 22.27 -50.49
C GLU C 439 -16.67 21.43 -51.37
N ALA C 440 -15.82 20.64 -50.72
CA ALA C 440 -14.87 19.79 -51.44
C ALA C 440 -15.53 18.86 -52.45
N ARG C 441 -16.61 18.19 -52.04
CA ARG C 441 -17.32 17.26 -52.91
C ARG C 441 -17.76 17.92 -54.21
N LYS C 442 -18.12 19.19 -54.13
CA LYS C 442 -18.52 19.90 -55.34
C LYS C 442 -17.31 20.03 -56.27
N LEU C 443 -16.15 20.31 -55.70
CA LEU C 443 -14.93 20.46 -56.49
C LEU C 443 -14.42 19.17 -57.11
N ASN C 444 -14.36 18.11 -56.32
CA ASN C 444 -13.86 16.85 -56.84
C ASN C 444 -14.72 15.68 -56.36
N PRO C 445 -15.90 15.52 -56.97
CA PRO C 445 -16.78 14.43 -56.54
C PRO C 445 -16.16 13.04 -56.55
N ASN C 446 -15.44 12.69 -57.61
CA ASN C 446 -14.80 11.37 -57.66
C ASN C 446 -13.89 11.14 -56.45
N ALA C 447 -13.05 12.12 -56.15
CA ALA C 447 -12.13 11.94 -55.04
C ALA C 447 -12.83 11.93 -53.68
N ILE C 448 -13.70 12.91 -53.44
CA ILE C 448 -14.38 12.98 -52.15
C ILE C 448 -15.28 11.75 -51.93
N ALA C 449 -15.96 11.32 -52.98
CA ALA C 449 -16.82 10.16 -52.82
C ALA C 449 -15.98 8.89 -52.61
N SER C 450 -14.89 8.74 -53.35
CA SER C 450 -14.05 7.55 -53.18
C SER C 450 -13.56 7.45 -51.75
N VAL C 451 -13.17 8.58 -51.17
CA VAL C 451 -12.73 8.58 -49.80
C VAL C 451 -13.88 8.23 -48.84
N THR C 452 -15.06 8.80 -49.06
CA THR C 452 -16.17 8.52 -48.15
C THR C 452 -16.83 7.16 -48.37
N VAL C 453 -16.90 6.71 -49.62
CA VAL C 453 -17.48 5.41 -49.91
C VAL C 453 -16.52 4.28 -49.52
N GLY C 454 -15.22 4.57 -49.54
CA GLY C 454 -14.26 3.54 -49.17
C GLY C 454 -13.70 2.71 -50.32
N ARG C 455 -13.94 3.13 -51.55
CA ARG C 455 -13.42 2.43 -52.72
C ARG C 455 -13.50 3.36 -53.92
N ARG C 456 -12.69 3.10 -54.94
CA ARG C 456 -12.68 3.95 -56.12
C ARG C 456 -14.03 3.95 -56.81
N VAL C 457 -14.64 5.13 -56.87
CA VAL C 457 -15.93 5.26 -57.52
C VAL C 457 -15.96 6.48 -58.42
N SER C 458 -16.98 6.54 -59.24
CA SER C 458 -17.22 7.64 -60.11
C SER C 458 -18.36 8.41 -59.45
N ALA C 459 -18.33 9.74 -59.50
CA ALA C 459 -19.40 10.50 -58.86
C ALA C 459 -19.70 11.83 -59.50
N ARG C 460 -20.94 12.28 -59.29
CA ARG C 460 -21.40 13.58 -59.80
C ARG C 460 -22.58 14.01 -58.95
N MET C 461 -22.73 15.31 -58.79
CA MET C 461 -23.83 15.83 -58.02
C MET C 461 -25.13 15.80 -58.80
N LEU C 462 -26.18 15.33 -58.14
CA LEU C 462 -27.53 15.30 -58.71
C LEU C 462 -28.36 16.19 -57.82
N GLY C 463 -27.97 17.46 -57.77
CA GLY C 463 -28.64 18.38 -56.89
C GLY C 463 -27.90 18.40 -55.58
N ASP C 464 -28.56 17.96 -54.52
CA ASP C 464 -27.91 17.97 -53.23
C ASP C 464 -27.45 16.60 -52.74
N VAL C 465 -27.56 15.62 -53.61
CA VAL C 465 -27.09 14.28 -53.25
C VAL C 465 -26.06 13.91 -54.32
N MET C 466 -25.35 12.81 -54.08
CA MET C 466 -24.30 12.38 -55.00
C MET C 466 -24.62 11.04 -55.68
N ALA C 467 -24.50 11.01 -57.00
CA ALA C 467 -24.73 9.76 -57.72
C ALA C 467 -23.34 9.13 -57.83
N VAL C 468 -23.24 7.83 -57.57
CA VAL C 468 -21.94 7.16 -57.67
C VAL C 468 -22.04 5.81 -58.39
N SER C 469 -20.91 5.37 -58.94
CA SER C 469 -20.81 4.08 -59.66
C SER C 469 -19.37 3.61 -59.48
N THR C 470 -19.17 2.30 -59.43
CA THR C 470 -17.83 1.76 -59.23
C THR C 470 -16.96 1.82 -60.47
N CYS C 471 -15.67 2.10 -60.27
CA CYS C 471 -14.74 2.15 -61.38
C CYS C 471 -14.15 0.76 -61.57
N VAL C 472 -13.82 0.43 -62.80
CA VAL C 472 -13.24 -0.88 -63.11
C VAL C 472 -11.72 -0.78 -63.21
N PRO C 473 -11.00 -1.65 -62.49
CA PRO C 473 -9.53 -1.66 -62.49
C PRO C 473 -8.93 -2.03 -63.85
N VAL C 474 -7.70 -1.60 -64.07
CA VAL C 474 -6.99 -1.90 -65.31
C VAL C 474 -5.53 -2.09 -64.94
N ALA C 475 -4.96 -3.20 -65.41
CA ALA C 475 -3.56 -3.53 -65.15
C ALA C 475 -2.65 -2.47 -65.72
N ALA C 476 -1.61 -2.12 -64.96
CA ALA C 476 -0.66 -1.10 -65.37
C ALA C 476 0.05 -1.44 -66.68
N ASP C 477 0.15 -2.73 -66.99
CA ASP C 477 0.82 -3.14 -68.22
C ASP C 477 -0.08 -2.97 -69.43
N ASN C 478 -1.37 -2.79 -69.20
CA ASN C 478 -2.30 -2.60 -70.30
C ASN C 478 -2.55 -1.13 -70.59
N VAL C 479 -1.69 -0.28 -70.04
CA VAL C 479 -1.83 1.16 -70.24
C VAL C 479 -0.60 1.79 -70.88
N ILE C 480 -0.83 2.50 -71.99
CA ILE C 480 0.24 3.16 -72.73
C ILE C 480 0.08 4.68 -72.82
N VAL C 481 1.13 5.41 -72.46
CA VAL C 481 1.09 6.87 -72.54
C VAL C 481 1.69 7.34 -73.85
N GLN C 482 0.89 8.04 -74.65
CA GLN C 482 1.33 8.54 -75.94
C GLN C 482 2.45 9.56 -75.72
N ASN C 483 3.27 9.77 -76.74
CA ASN C 483 4.38 10.71 -76.63
C ASN C 483 3.92 12.18 -76.74
N SER C 484 2.90 12.42 -77.57
CA SER C 484 2.44 13.79 -77.79
C SER C 484 1.16 14.26 -77.12
N MET C 485 1.17 15.52 -76.68
CA MET C 485 0.02 16.17 -76.05
C MET C 485 -0.41 17.30 -76.99
N ARG C 486 0.16 17.27 -78.20
CA ARG C 486 -0.12 18.23 -79.24
C ARG C 486 -1.31 17.72 -80.06
N ILE C 487 -2.06 18.64 -80.66
CA ILE C 487 -3.18 18.25 -81.51
C ILE C 487 -2.83 18.69 -82.93
N SER C 488 -2.40 17.73 -83.74
CA SER C 488 -2.02 18.01 -85.12
C SER C 488 -3.16 18.71 -85.84
N SER C 489 -4.33 18.07 -85.79
CA SER C 489 -5.54 18.56 -86.44
C SER C 489 -6.23 19.72 -85.71
N ARG C 490 -5.45 20.75 -85.38
CA ARG C 490 -5.99 21.91 -84.68
C ARG C 490 -4.86 22.70 -84.04
N PRO C 491 -3.97 23.25 -84.87
CA PRO C 491 -2.83 24.04 -84.39
C PRO C 491 -3.21 25.04 -83.31
N GLY C 492 -2.33 25.22 -82.34
CA GLY C 492 -2.59 26.15 -81.25
C GLY C 492 -3.31 25.48 -80.11
N ALA C 493 -3.98 24.37 -80.39
CA ALA C 493 -4.73 23.62 -79.38
C ALA C 493 -3.96 22.41 -78.88
N CYS C 494 -3.81 22.32 -77.56
CA CYS C 494 -3.09 21.22 -76.93
C CYS C 494 -3.88 20.55 -75.81
N TYR C 495 -3.64 19.26 -75.59
CA TYR C 495 -4.33 18.56 -74.51
C TYR C 495 -3.65 18.97 -73.22
N SER C 496 -4.43 19.17 -72.17
CA SER C 496 -3.89 19.58 -70.89
C SER C 496 -3.32 18.41 -70.11
N ARG C 497 -3.66 17.20 -70.53
CA ARG C 497 -3.16 16.01 -69.86
C ARG C 497 -2.87 14.91 -70.87
N PRO C 498 -1.89 14.05 -70.57
CA PRO C 498 -1.47 12.96 -71.44
C PRO C 498 -2.56 12.09 -72.04
N LEU C 499 -2.31 11.62 -73.24
CA LEU C 499 -3.22 10.73 -73.94
C LEU C 499 -2.78 9.32 -73.57
N VAL C 500 -3.67 8.36 -73.72
CA VAL C 500 -3.34 6.99 -73.38
C VAL C 500 -4.12 6.03 -74.25
N SER C 501 -3.71 4.77 -74.17
CA SER C 501 -4.33 3.70 -74.88
C SER C 501 -4.34 2.57 -73.91
N PHE C 502 -5.33 1.69 -73.94
CA PHE C 502 -5.33 0.60 -72.98
C PHE C 502 -6.36 -0.42 -73.36
N ARG C 503 -6.37 -1.53 -72.64
CA ARG C 503 -7.33 -2.59 -72.86
C ARG C 503 -7.73 -3.09 -71.49
N TYR C 504 -9.00 -3.47 -71.35
CA TYR C 504 -9.47 -3.96 -70.06
C TYR C 504 -8.85 -5.35 -69.81
N GLU C 505 -8.71 -6.12 -70.88
CA GLU C 505 -8.14 -7.46 -70.79
C GLU C 505 -6.82 -7.56 -71.54
N ASP C 506 -5.93 -8.42 -71.06
CA ASP C 506 -4.62 -8.61 -71.67
C ASP C 506 -4.69 -9.02 -73.14
N GLN C 507 -5.90 -9.34 -73.60
CA GLN C 507 -6.08 -9.76 -74.99
C GLN C 507 -7.10 -8.87 -75.71
N GLY C 508 -7.77 -8.01 -74.93
CA GLY C 508 -8.79 -7.15 -75.51
C GLY C 508 -8.32 -6.07 -76.46
N PRO C 509 -9.26 -5.40 -77.15
CA PRO C 509 -8.95 -4.32 -78.10
C PRO C 509 -8.28 -3.19 -77.35
N LEU C 510 -7.60 -2.32 -78.09
CA LEU C 510 -6.92 -1.19 -77.45
C LEU C 510 -7.85 0.01 -77.52
N VAL C 511 -8.15 0.58 -76.36
CA VAL C 511 -9.04 1.74 -76.29
C VAL C 511 -8.30 3.04 -76.06
N GLU C 512 -8.78 4.10 -76.71
CA GLU C 512 -8.19 5.43 -76.59
C GLU C 512 -8.81 6.24 -75.46
N GLY C 513 -8.04 7.18 -74.92
CA GLY C 513 -8.54 8.02 -73.85
C GLY C 513 -7.45 8.90 -73.30
N GLN C 514 -7.68 9.55 -72.17
CA GLN C 514 -6.63 10.36 -71.59
C GLN C 514 -6.54 10.16 -70.09
N LEU C 515 -5.37 10.50 -69.56
CA LEU C 515 -5.05 10.34 -68.16
C LEU C 515 -5.71 11.34 -67.24
N GLY C 516 -6.41 10.81 -66.23
CA GLY C 516 -7.05 11.66 -65.25
C GLY C 516 -6.17 11.72 -64.02
N GLU C 517 -6.69 12.26 -62.94
CA GLU C 517 -5.90 12.36 -61.72
C GLU C 517 -5.93 11.02 -60.99
N ASN C 518 -4.99 10.84 -60.07
CA ASN C 518 -4.89 9.63 -59.29
C ASN C 518 -5.13 8.35 -60.10
N ASN C 519 -4.42 8.25 -61.23
CA ASN C 519 -4.49 7.10 -62.11
C ASN C 519 -5.84 6.75 -62.71
N GLU C 520 -6.62 7.77 -63.01
CA GLU C 520 -7.90 7.51 -63.63
C GLU C 520 -7.71 7.57 -65.15
N LEU C 521 -8.39 6.67 -65.86
CA LEU C 521 -8.31 6.66 -67.31
C LEU C 521 -9.65 7.17 -67.85
N ARG C 522 -9.67 8.41 -68.32
CA ARG C 522 -10.87 9.01 -68.85
C ARG C 522 -11.09 8.56 -70.29
N LEU C 523 -12.33 8.19 -70.63
CA LEU C 523 -12.64 7.72 -71.97
C LEU C 523 -12.79 8.84 -72.99
N THR C 524 -12.92 10.06 -72.49
CA THR C 524 -13.08 11.21 -73.38
C THR C 524 -11.85 12.08 -73.38
N ARG C 525 -11.26 12.27 -74.55
CA ARG C 525 -10.08 13.11 -74.69
C ARG C 525 -10.55 14.53 -74.92
N ASP C 526 -11.23 15.12 -73.94
CA ASP C 526 -11.74 16.47 -74.09
C ASP C 526 -10.97 17.53 -73.31
N ALA C 527 -10.20 17.12 -72.32
CA ALA C 527 -9.42 18.07 -71.52
C ALA C 527 -8.38 18.72 -72.42
N ILE C 528 -8.70 19.93 -72.89
CA ILE C 528 -7.82 20.66 -73.79
C ILE C 528 -7.52 22.06 -73.27
N GLU C 529 -6.50 22.70 -73.83
CA GLU C 529 -6.09 24.04 -73.42
C GLU C 529 -5.26 24.70 -74.51
N PRO C 530 -4.98 26.00 -74.38
CA PRO C 530 -4.18 26.74 -75.36
C PRO C 530 -2.69 26.37 -75.24
N CYS C 531 -2.11 25.85 -76.33
CA CYS C 531 -0.69 25.49 -76.30
C CYS C 531 0.10 26.68 -75.80
N THR C 532 0.98 26.45 -74.83
CA THR C 532 1.78 27.53 -74.25
C THR C 532 3.29 27.24 -74.27
N VAL C 533 4.08 28.24 -73.89
CA VAL C 533 5.53 28.13 -73.88
C VAL C 533 6.10 27.63 -72.56
N GLY C 534 7.26 26.95 -72.65
CA GLY C 534 7.92 26.43 -71.46
C GLY C 534 7.12 25.39 -70.72
N HIS C 535 6.28 24.66 -71.45
CA HIS C 535 5.42 23.63 -70.88
C HIS C 535 6.13 22.61 -70.01
N ARG C 536 5.74 22.55 -68.73
CA ARG C 536 6.32 21.61 -67.78
C ARG C 536 5.22 20.98 -66.92
N ARG C 537 5.13 19.65 -66.94
CA ARG C 537 4.10 18.95 -66.18
C ARG C 537 4.53 17.59 -65.61
N TYR C 538 4.03 17.29 -64.42
CA TYR C 538 4.29 16.02 -63.76
C TYR C 538 2.92 15.40 -63.52
N PHE C 539 2.66 14.24 -64.11
CA PHE C 539 1.37 13.59 -63.92
C PHE C 539 1.49 12.27 -63.18
N THR C 540 0.68 12.11 -62.14
CA THR C 540 0.66 10.89 -61.37
C THR C 540 0.47 9.76 -62.37
N PHE C 541 1.32 8.75 -62.30
CA PHE C 541 1.22 7.64 -63.23
C PHE C 541 1.72 6.38 -62.54
N GLY C 542 0.82 5.44 -62.30
CA GLY C 542 1.18 4.22 -61.61
C GLY C 542 1.66 4.47 -60.20
N GLY C 543 2.93 4.11 -59.93
CA GLY C 543 3.48 4.34 -58.60
C GLY C 543 4.27 5.63 -58.49
N GLY C 544 4.37 6.40 -59.58
CA GLY C 544 5.11 7.65 -59.52
C GLY C 544 4.54 8.70 -60.45
N TYR C 545 5.38 9.31 -61.27
CA TYR C 545 4.92 10.32 -62.21
C TYR C 545 5.51 10.12 -63.59
N VAL C 546 4.91 10.77 -64.56
CA VAL C 546 5.38 10.79 -65.93
C VAL C 546 5.60 12.26 -66.18
N TYR C 547 6.81 12.63 -66.60
CA TYR C 547 7.15 14.02 -66.85
C TYR C 547 7.00 14.42 -68.30
N PHE C 548 6.30 15.51 -68.55
CA PHE C 548 6.09 16.02 -69.91
C PHE C 548 6.70 17.40 -70.04
N GLU C 549 7.37 17.62 -71.16
CA GLU C 549 8.02 18.89 -71.44
C GLU C 549 7.62 19.24 -72.87
N GLU C 550 7.31 20.52 -73.09
CA GLU C 550 6.90 20.98 -74.42
C GLU C 550 5.92 19.99 -75.01
N TYR C 551 4.87 19.70 -74.25
CA TYR C 551 3.82 18.79 -74.68
C TYR C 551 4.37 17.50 -75.28
N ALA C 552 5.45 17.00 -74.69
CA ALA C 552 6.08 15.77 -75.15
C ALA C 552 6.54 14.88 -74.00
N TYR C 553 6.25 13.59 -74.12
CA TYR C 553 6.64 12.63 -73.12
C TYR C 553 8.15 12.73 -72.93
N SER C 554 8.60 12.72 -71.68
CA SER C 554 10.01 12.82 -71.38
C SER C 554 10.57 11.58 -70.72
N HIS C 555 9.95 11.18 -69.62
CA HIS C 555 10.38 10.02 -68.86
C HIS C 555 9.52 9.88 -67.60
N GLN C 556 9.58 8.70 -67.00
CA GLN C 556 8.85 8.45 -65.76
C GLN C 556 9.87 8.54 -64.65
N LEU C 557 9.39 8.65 -63.41
CA LEU C 557 10.26 8.76 -62.27
C LEU C 557 9.57 8.24 -61.02
N SER C 558 10.37 7.97 -60.00
CA SER C 558 9.84 7.49 -58.73
C SER C 558 9.39 8.70 -57.93
N ARG C 559 8.51 8.46 -56.96
CA ARG C 559 8.00 9.54 -56.11
C ARG C 559 9.19 10.12 -55.32
N ALA C 560 10.23 9.32 -55.20
CA ALA C 560 11.44 9.71 -54.47
C ALA C 560 12.21 10.87 -55.08
N ASP C 561 11.93 11.19 -56.33
CA ASP C 561 12.65 12.28 -56.99
C ASP C 561 12.13 13.66 -56.61
N ILE C 562 10.97 13.69 -55.95
CA ILE C 562 10.35 14.94 -55.56
C ILE C 562 10.44 15.13 -54.06
N THR C 563 10.60 16.39 -53.66
CA THR C 563 10.66 16.70 -52.24
C THR C 563 9.25 16.56 -51.66
N THR C 564 9.16 15.91 -50.51
CA THR C 564 7.89 15.70 -49.89
C THR C 564 7.62 16.60 -48.70
N VAL C 565 6.45 17.23 -48.69
CA VAL C 565 6.02 18.07 -47.57
C VAL C 565 4.76 17.38 -47.04
N SER C 566 4.47 17.53 -45.75
CA SER C 566 3.32 16.85 -45.17
C SER C 566 2.20 17.80 -44.73
N THR C 567 0.97 17.33 -44.89
CA THR C 567 -0.20 18.09 -44.45
C THR C 567 -0.62 17.53 -43.10
N PHE C 568 0.04 16.46 -42.66
CA PHE C 568 -0.30 15.80 -41.41
C PHE C 568 0.29 16.43 -40.16
N ILE C 569 -0.50 16.52 -39.11
CA ILE C 569 -0.07 17.01 -37.81
C ILE C 569 0.35 15.75 -37.07
N ASP C 570 1.53 15.77 -36.47
CA ASP C 570 2.00 14.61 -35.77
C ASP C 570 1.47 14.48 -34.35
N LEU C 571 1.43 13.25 -33.88
CA LEU C 571 1.00 12.93 -32.55
C LEU C 571 1.74 11.66 -32.19
N ASN C 572 2.60 11.72 -31.20
CA ASN C 572 3.36 10.54 -30.82
C ASN C 572 2.95 10.00 -29.48
N ILE C 573 2.01 9.07 -29.50
CA ILE C 573 1.53 8.45 -28.30
C ILE C 573 2.25 7.15 -28.10
N THR C 574 2.68 6.90 -26.87
CA THR C 574 3.34 5.65 -26.55
C THR C 574 2.62 5.01 -25.39
N MET C 575 2.69 3.69 -25.32
CA MET C 575 2.03 2.98 -24.24
C MET C 575 2.76 3.11 -22.93
N LEU C 576 1.96 2.99 -21.86
CA LEU C 576 2.51 2.95 -20.53
C LEU C 576 2.96 1.50 -20.40
N GLU C 577 4.20 1.24 -20.00
CA GLU C 577 4.69 -0.13 -19.97
C GLU C 577 4.36 -0.94 -18.72
N ASP C 578 4.41 -2.25 -18.90
CA ASP C 578 4.16 -3.19 -17.82
C ASP C 578 5.13 -2.93 -16.69
N HIS C 579 4.71 -3.20 -15.47
CA HIS C 579 5.57 -3.01 -14.33
C HIS C 579 5.23 -4.06 -13.31
N GLU C 580 6.27 -4.59 -12.66
CA GLU C 580 6.07 -5.61 -11.64
C GLU C 580 6.38 -5.08 -10.26
N PHE C 581 5.45 -5.28 -9.34
CA PHE C 581 5.66 -4.85 -7.94
C PHE C 581 6.08 -6.09 -7.17
N VAL C 582 7.24 -6.05 -6.53
CA VAL C 582 7.69 -7.19 -5.77
C VAL C 582 7.35 -7.00 -4.32
N PRO C 583 7.21 -8.11 -3.57
CA PRO C 583 6.89 -8.08 -2.15
C PRO C 583 7.98 -7.24 -1.50
N LEU C 584 7.60 -6.40 -0.54
CA LEU C 584 8.56 -5.55 0.10
C LEU C 584 8.07 -5.17 1.49
N GLU C 585 8.87 -5.50 2.49
CA GLU C 585 8.54 -5.19 3.88
C GLU C 585 9.75 -4.51 4.53
N VAL C 586 9.51 -3.60 5.46
CA VAL C 586 10.61 -2.94 6.14
C VAL C 586 11.14 -3.94 7.16
N TYR C 587 10.24 -4.46 7.98
CA TYR C 587 10.58 -5.45 8.98
C TYR C 587 9.70 -6.68 8.78
N THR C 588 10.31 -7.86 8.71
CA THR C 588 9.55 -9.10 8.55
C THR C 588 9.01 -9.44 9.91
N ARG C 589 8.01 -10.32 9.97
CA ARG C 589 7.45 -10.66 11.26
C ARG C 589 8.48 -11.34 12.16
N HIS C 590 9.48 -11.94 11.54
CA HIS C 590 10.53 -12.59 12.32
C HIS C 590 11.42 -11.53 12.99
N GLU C 591 11.68 -10.43 12.28
CA GLU C 591 12.50 -9.37 12.86
C GLU C 591 11.74 -8.77 14.04
N ILE C 592 10.44 -8.57 13.86
CA ILE C 592 9.61 -8.04 14.93
C ILE C 592 9.66 -9.00 16.12
N LYS C 593 9.48 -10.28 15.85
CA LYS C 593 9.52 -11.26 16.94
C LYS C 593 10.85 -11.15 17.67
N ASP C 594 11.92 -11.07 16.90
CA ASP C 594 13.26 -10.98 17.48
C ASP C 594 13.57 -9.67 18.16
N SER C 595 12.80 -8.62 17.87
CA SER C 595 13.06 -7.32 18.49
C SER C 595 12.95 -7.32 20.01
N GLY C 596 12.27 -8.32 20.57
CA GLY C 596 12.14 -8.39 22.01
C GLY C 596 13.40 -8.93 22.67
N LEU C 597 13.91 -8.21 23.67
CA LEU C 597 15.12 -8.62 24.36
C LEU C 597 15.06 -10.06 24.89
N LEU C 598 14.05 -10.37 25.69
CA LEU C 598 13.87 -11.74 26.22
C LEU C 598 12.58 -12.35 25.67
N ASP C 599 12.67 -13.58 25.19
CA ASP C 599 11.51 -14.31 24.65
C ASP C 599 11.07 -15.33 25.72
N TYR C 600 9.91 -15.10 26.32
CA TYR C 600 9.37 -15.96 27.37
C TYR C 600 9.32 -17.45 27.00
N THR C 601 8.80 -17.74 25.82
CA THR C 601 8.72 -19.13 25.36
C THR C 601 10.11 -19.74 25.34
N GLU C 602 11.06 -19.00 24.79
CA GLU C 602 12.44 -19.46 24.70
C GLU C 602 13.07 -19.67 26.07
N VAL C 603 12.82 -18.75 27.00
CA VAL C 603 13.39 -18.85 28.32
C VAL C 603 12.79 -20.01 29.09
N GLN C 604 11.50 -20.25 28.90
CA GLN C 604 10.82 -21.36 29.58
C GLN C 604 11.27 -22.70 29.03
N ARG C 605 11.26 -22.81 27.72
CA ARG C 605 11.66 -24.03 27.04
C ARG C 605 13.03 -24.45 27.56
N ARG C 606 13.98 -23.52 27.53
CA ARG C 606 15.34 -23.80 27.98
C ARG C 606 15.50 -24.10 29.47
N ASN C 607 14.87 -23.30 30.33
CA ASN C 607 14.97 -23.48 31.77
C ASN C 607 14.35 -24.78 32.29
N GLN C 608 13.31 -25.27 31.62
CA GLN C 608 12.67 -26.49 32.06
C GLN C 608 13.43 -27.71 31.58
N LEU C 609 14.46 -27.50 30.77
CA LEU C 609 15.26 -28.62 30.29
C LEU C 609 16.48 -28.80 31.19
N HIS C 610 16.50 -28.08 32.31
CA HIS C 610 17.63 -28.14 33.22
C HIS C 610 17.90 -29.54 33.80
N ASP C 611 16.88 -30.16 34.34
CA ASP C 611 17.04 -31.49 34.93
C ASP C 611 17.39 -32.52 33.88
N LEU C 612 16.75 -32.43 32.73
CA LEU C 612 17.01 -33.37 31.65
C LEU C 612 18.43 -33.24 31.11
N ARG C 613 19.05 -32.09 31.36
CA ARG C 613 20.41 -31.87 30.85
C ARG C 613 21.49 -32.07 31.90
N PHE C 614 21.24 -31.57 33.11
CA PHE C 614 22.22 -31.66 34.18
C PHE C 614 21.86 -32.58 35.34
N ALA C 615 20.82 -33.39 35.20
CA ALA C 615 20.45 -34.28 36.29
C ALA C 615 19.78 -35.57 35.85
N ASP C 616 19.67 -36.50 36.78
CA ASP C 616 19.01 -37.77 36.50
C ASP C 616 17.66 -37.68 37.17
N ILE C 617 16.61 -37.83 36.38
CA ILE C 617 15.26 -37.74 36.91
C ILE C 617 14.70 -39.12 37.21
N ASP C 618 15.26 -40.15 36.56
CA ASP C 618 14.79 -41.51 36.75
C ASP C 618 15.81 -42.40 37.42
N THR C 619 15.91 -42.30 38.73
CA THR C 619 16.83 -43.12 39.51
C THR C 619 16.54 -42.91 40.98
N VAL C 620 16.17 -43.99 41.64
CA VAL C 620 15.87 -43.93 43.06
C VAL C 620 16.96 -44.71 43.78
N ILE C 621 17.48 -44.13 44.87
CA ILE C 621 18.54 -44.78 45.63
C ILE C 621 18.05 -45.12 47.04
NA NA D . -1.50 14.70 -52.87
NA NA E . -8.62 34.50 -42.08
NA NA F . -16.67 9.97 -33.60
NA NA G . -24.00 17.21 -46.43
#